data_1BX7
# 
_entry.id   1BX7 
# 
_audit_conform.dict_name       mmcif_pdbx.dic 
_audit_conform.dict_version    5.397 
_audit_conform.dict_location   http://mmcif.pdb.org/dictionaries/ascii/mmcif_pdbx.dic 
# 
loop_
_database_2.database_id 
_database_2.database_code 
_database_2.pdbx_database_accession 
_database_2.pdbx_DOI 
PDB   1BX7         pdb_00001bx7 10.2210/pdb1bx7/pdb 
WWPDB D_1000172130 ?            ?                   
# 
loop_
_pdbx_audit_revision_history.ordinal 
_pdbx_audit_revision_history.data_content_type 
_pdbx_audit_revision_history.major_revision 
_pdbx_audit_revision_history.minor_revision 
_pdbx_audit_revision_history.revision_date 
1 'Structure model' 1 0 1999-04-27 
2 'Structure model' 1 1 2008-03-24 
3 'Structure model' 1 2 2011-07-13 
4 'Structure model' 1 3 2024-06-05 
5 'Structure model' 1 4 2024-10-23 
# 
_pdbx_audit_revision_details.ordinal             1 
_pdbx_audit_revision_details.revision_ordinal    1 
_pdbx_audit_revision_details.data_content_type   'Structure model' 
_pdbx_audit_revision_details.provider            repository 
_pdbx_audit_revision_details.type                'Initial release' 
_pdbx_audit_revision_details.description         ? 
_pdbx_audit_revision_details.details             ? 
# 
loop_
_pdbx_audit_revision_group.ordinal 
_pdbx_audit_revision_group.revision_ordinal 
_pdbx_audit_revision_group.data_content_type 
_pdbx_audit_revision_group.group 
1 2 'Structure model' 'Version format compliance' 
2 3 'Structure model' 'Version format compliance' 
3 4 'Structure model' 'Data collection'           
4 4 'Structure model' 'Database references'       
5 4 'Structure model' 'Derived calculations'      
6 4 'Structure model' Other                       
7 5 'Structure model' 'Structure summary'         
# 
loop_
_pdbx_audit_revision_category.ordinal 
_pdbx_audit_revision_category.revision_ordinal 
_pdbx_audit_revision_category.data_content_type 
_pdbx_audit_revision_category.category 
1 4 'Structure model' chem_comp_atom            
2 4 'Structure model' chem_comp_bond            
3 4 'Structure model' database_2                
4 4 'Structure model' diffrn_source             
5 4 'Structure model' pdbx_database_status      
6 4 'Structure model' struct_site               
7 5 'Structure model' pdbx_entry_details        
8 5 'Structure model' pdbx_modification_feature 
# 
loop_
_pdbx_audit_revision_item.ordinal 
_pdbx_audit_revision_item.revision_ordinal 
_pdbx_audit_revision_item.data_content_type 
_pdbx_audit_revision_item.item 
1 4 'Structure model' '_database_2.pdbx_DOI'                 
2 4 'Structure model' '_database_2.pdbx_database_accession'  
3 4 'Structure model' '_diffrn_source.pdbx_synchrotron_site' 
4 4 'Structure model' '_pdbx_database_status.process_site'   
5 4 'Structure model' '_struct_site.pdbx_auth_asym_id'       
6 4 'Structure model' '_struct_site.pdbx_auth_comp_id'       
7 4 'Structure model' '_struct_site.pdbx_auth_seq_id'        
# 
_pdbx_database_status.status_code                     REL 
_pdbx_database_status.entry_id                        1BX7 
_pdbx_database_status.recvd_initial_deposition_date   1998-10-14 
_pdbx_database_status.deposit_site                    ? 
_pdbx_database_status.process_site                    BNL 
_pdbx_database_status.status_code_sf                  REL 
_pdbx_database_status.status_code_mr                  ? 
_pdbx_database_status.SG_entry                        ? 
_pdbx_database_status.pdb_format_compatible           Y 
_pdbx_database_status.status_code_cs                  ? 
_pdbx_database_status.status_code_nmr_data            ? 
_pdbx_database_status.methods_development_category    ? 
# 
loop_
_audit_author.name 
_audit_author.pdbx_ordinal 
'Uson, I.'           1 
'Sheldrick, G.M.'    2 
'De La Fortelle, E.' 3 
'Bricogne, G.'       4 
'Di Marco, S.'       5 
'Priestle, J.P.'     6 
'Gruetter, M.G.'     7 
'Mittl, P.R.E.'      8 
# 
loop_
_citation.id 
_citation.title 
_citation.journal_abbrev 
_citation.journal_volume 
_citation.page_first 
_citation.page_last 
_citation.year 
_citation.journal_id_ASTM 
_citation.country 
_citation.journal_id_ISSN 
_citation.journal_id_CSD 
_citation.book_publisher 
_citation.pdbx_database_id_PubMed 
_citation.pdbx_database_id_DOI 
primary 
'The 1.2 A crystal structure of hirustasin reveals the intrinsic flexibility of a family of highly disulphide-bridged inhibitors.' 
'Structure Fold.Des.' 7 55  63 1999 FODEFH UK 0969-2126 1263 ? 10368273 '10.1016/S0969-2126(99)80009-4' 
1       'A New Structural Class of Serine Protease Inhibitors Revealed by the Structure of the Hirustasin-Kallikrein Complex' 
Structure             5 253 ?  1997 STRUE6 UK 0969-2126 2005 ? ?        ?                               
2       
'Erratum. A New Structural Class of Serine Protease Inhibitors Revealed by the Structure of the Hirustasin-Kallikrein Complex'     
Structure             5 585 ?  1997 STRUE6 UK 0969-2126 2005 ? ?        ?                               
3       'Recombinant Hirustasin: Production in Yeast, Crystallization, and Interaction with Serine Proteases' 'Protein Sci.' 6 109 
?  1997 PRCIEI US 0961-8368 0795 ? ?        ?                               
# 
loop_
_citation_author.citation_id 
_citation_author.name 
_citation_author.ordinal 
_citation_author.identifier_ORCID 
primary 'Uson, I.'           1  ? 
primary 'Sheldrick, G.M.'    2  ? 
primary 'de La Fortelle, E.' 3  ? 
primary 'Bricogne, G.'       4  ? 
primary 'Di Marco, S.'       5  ? 
primary 'Priestle, J.P.'     6  ? 
primary 'Grutter, M.G.'      7  ? 
primary 'Mittl, P.R.'        8  ? 
1       'Mittl, P.R.'        9  ? 
1       'Di Marco, S.'       10 ? 
1       'Fendrich, G.'       11 ? 
1       'Pohlig, G.'         12 ? 
1       'Heim, J.'           13 ? 
1       'Sommerhoff, C.'     14 ? 
1       'Fritz, H.'          15 ? 
1       'Priestle, J.P.'     16 ? 
1       'Grutter, M.G.'      17 ? 
2       'Mittl, P.R.'        18 ? 
2       'Di Marco, S.'       19 ? 
2       'Fendrich, G.'       20 ? 
2       'Pohlig, G.'         21 ? 
2       'Heim, J.'           22 ? 
2       'Sommerhoff, C.'     23 ? 
2       'Fritz, H.'          24 ? 
2       'Priestle, J.P.'     25 ? 
2       'Grutter, M.G.'      26 ? 
3       'Di Marco, S.'       27 ? 
3       'Fendrich, G.'       28 ? 
3       'Knecht, R.'         29 ? 
3       'Strauss, A.'        30 ? 
3       'Pohlig, G.'         31 ? 
3       'Heim, J.'           32 ? 
3       'Priestle, J.P.'     33 ? 
3       'Sommerhoff, C.P.'   34 ? 
3       'Grutter, M.G.'      35 ? 
# 
loop_
_entity.id 
_entity.type 
_entity.src_method 
_entity.pdbx_description 
_entity.formula_weight 
_entity.pdbx_number_of_molecules 
_entity.pdbx_ec 
_entity.pdbx_mutation 
_entity.pdbx_fragment 
_entity.details 
1 polymer     man HIRUSTASIN    5886.788 1  ? ? ? ? 
2 non-polymer syn 'SULFATE ION' 96.063   2  ? ? ? ? 
3 water       nat water         18.015   52 ? ? ? ? 
# 
_entity_poly.entity_id                      1 
_entity_poly.type                           'polypeptide(L)' 
_entity_poly.nstd_linkage                   no 
_entity_poly.nstd_monomer                   no 
_entity_poly.pdbx_seq_one_letter_code       TQGNTCGGETCSAAQVCLKGKCVCNEVHCRIRCKYGLKKDENGCEYPCSCAKASQ 
_entity_poly.pdbx_seq_one_letter_code_can   TQGNTCGGETCSAAQVCLKGKCVCNEVHCRIRCKYGLKKDENGCEYPCSCAKASQ 
_entity_poly.pdbx_strand_id                 A 
_entity_poly.pdbx_target_identifier         ? 
# 
loop_
_pdbx_entity_nonpoly.entity_id 
_pdbx_entity_nonpoly.name 
_pdbx_entity_nonpoly.comp_id 
2 'SULFATE ION' SO4 
3 water         HOH 
# 
loop_
_entity_poly_seq.entity_id 
_entity_poly_seq.num 
_entity_poly_seq.mon_id 
_entity_poly_seq.hetero 
1 1  THR n 
1 2  GLN n 
1 3  GLY n 
1 4  ASN n 
1 5  THR n 
1 6  CYS n 
1 7  GLY n 
1 8  GLY n 
1 9  GLU n 
1 10 THR n 
1 11 CYS n 
1 12 SER n 
1 13 ALA n 
1 14 ALA n 
1 15 GLN n 
1 16 VAL n 
1 17 CYS n 
1 18 LEU n 
1 19 LYS n 
1 20 GLY n 
1 21 LYS n 
1 22 CYS n 
1 23 VAL n 
1 24 CYS n 
1 25 ASN n 
1 26 GLU n 
1 27 VAL n 
1 28 HIS n 
1 29 CYS n 
1 30 ARG n 
1 31 ILE n 
1 32 ARG n 
1 33 CYS n 
1 34 LYS n 
1 35 TYR n 
1 36 GLY n 
1 37 LEU n 
1 38 LYS n 
1 39 LYS n 
1 40 ASP n 
1 41 GLU n 
1 42 ASN n 
1 43 GLY n 
1 44 CYS n 
1 45 GLU n 
1 46 TYR n 
1 47 PRO n 
1 48 CYS n 
1 49 SER n 
1 50 CYS n 
1 51 ALA n 
1 52 LYS n 
1 53 ALA n 
1 54 SER n 
1 55 GLN n 
# 
_entity_src_gen.entity_id                          1 
_entity_src_gen.pdbx_src_id                        1 
_entity_src_gen.pdbx_alt_source_flag               sample 
_entity_src_gen.pdbx_seq_type                      ? 
_entity_src_gen.pdbx_beg_seq_num                   ? 
_entity_src_gen.pdbx_end_seq_num                   ? 
_entity_src_gen.gene_src_common_name               'medicinal leech' 
_entity_src_gen.gene_src_genus                     Hirudo 
_entity_src_gen.pdbx_gene_src_gene                 ? 
_entity_src_gen.gene_src_species                   ? 
_entity_src_gen.gene_src_strain                    ? 
_entity_src_gen.gene_src_tissue                    ? 
_entity_src_gen.gene_src_tissue_fraction           ? 
_entity_src_gen.gene_src_details                   ? 
_entity_src_gen.pdbx_gene_src_fragment             ? 
_entity_src_gen.pdbx_gene_src_scientific_name      'Hirudo medicinalis' 
_entity_src_gen.pdbx_gene_src_ncbi_taxonomy_id     6421 
_entity_src_gen.pdbx_gene_src_variant              ? 
_entity_src_gen.pdbx_gene_src_cell_line            ? 
_entity_src_gen.pdbx_gene_src_atcc                 ? 
_entity_src_gen.pdbx_gene_src_organ                ? 
_entity_src_gen.pdbx_gene_src_organelle            ? 
_entity_src_gen.pdbx_gene_src_cell                 ? 
_entity_src_gen.pdbx_gene_src_cellular_location    ? 
_entity_src_gen.host_org_common_name               
;baker's yeast
;
_entity_src_gen.pdbx_host_org_scientific_name      'Saccharomyces cerevisiae' 
_entity_src_gen.pdbx_host_org_ncbi_taxonomy_id     4932 
_entity_src_gen.host_org_genus                     Saccharomyces 
_entity_src_gen.pdbx_host_org_gene                 ? 
_entity_src_gen.pdbx_host_org_organ                ? 
_entity_src_gen.host_org_species                   ? 
_entity_src_gen.pdbx_host_org_tissue               ? 
_entity_src_gen.pdbx_host_org_tissue_fraction      ? 
_entity_src_gen.pdbx_host_org_strain               ? 
_entity_src_gen.pdbx_host_org_variant              ? 
_entity_src_gen.pdbx_host_org_cell_line            ? 
_entity_src_gen.pdbx_host_org_atcc                 ? 
_entity_src_gen.pdbx_host_org_culture_collection   ? 
_entity_src_gen.pdbx_host_org_cell                 ? 
_entity_src_gen.pdbx_host_org_organelle            ? 
_entity_src_gen.pdbx_host_org_cellular_location    ? 
_entity_src_gen.pdbx_host_org_vector_type          ? 
_entity_src_gen.pdbx_host_org_vector               ? 
_entity_src_gen.host_org_details                   ? 
_entity_src_gen.expression_system_id               ? 
_entity_src_gen.plasmid_name                       ? 
_entity_src_gen.plasmid_details                    ? 
_entity_src_gen.pdbx_description                   ? 
# 
loop_
_chem_comp.id 
_chem_comp.type 
_chem_comp.mon_nstd_flag 
_chem_comp.name 
_chem_comp.pdbx_synonyms 
_chem_comp.formula 
_chem_comp.formula_weight 
ALA 'L-peptide linking' y ALANINE         ? 'C3 H7 N O2'     89.093  
ARG 'L-peptide linking' y ARGININE        ? 'C6 H15 N4 O2 1' 175.209 
ASN 'L-peptide linking' y ASPARAGINE      ? 'C4 H8 N2 O3'    132.118 
ASP 'L-peptide linking' y 'ASPARTIC ACID' ? 'C4 H7 N O4'     133.103 
CYS 'L-peptide linking' y CYSTEINE        ? 'C3 H7 N O2 S'   121.158 
GLN 'L-peptide linking' y GLUTAMINE       ? 'C5 H10 N2 O3'   146.144 
GLU 'L-peptide linking' y 'GLUTAMIC ACID' ? 'C5 H9 N O4'     147.129 
GLY 'peptide linking'   y GLYCINE         ? 'C2 H5 N O2'     75.067  
HIS 'L-peptide linking' y HISTIDINE       ? 'C6 H10 N3 O2 1' 156.162 
HOH non-polymer         . WATER           ? 'H2 O'           18.015  
ILE 'L-peptide linking' y ISOLEUCINE      ? 'C6 H13 N O2'    131.173 
LEU 'L-peptide linking' y LEUCINE         ? 'C6 H13 N O2'    131.173 
LYS 'L-peptide linking' y LYSINE          ? 'C6 H15 N2 O2 1' 147.195 
PRO 'L-peptide linking' y PROLINE         ? 'C5 H9 N O2'     115.130 
SER 'L-peptide linking' y SERINE          ? 'C3 H7 N O3'     105.093 
SO4 non-polymer         . 'SULFATE ION'   ? 'O4 S -2'        96.063  
THR 'L-peptide linking' y THREONINE       ? 'C4 H9 N O3'     119.119 
TYR 'L-peptide linking' y TYROSINE        ? 'C9 H11 N O3'    181.189 
VAL 'L-peptide linking' y VALINE          ? 'C5 H11 N O2'    117.146 
# 
loop_
_pdbx_poly_seq_scheme.asym_id 
_pdbx_poly_seq_scheme.entity_id 
_pdbx_poly_seq_scheme.seq_id 
_pdbx_poly_seq_scheme.mon_id 
_pdbx_poly_seq_scheme.ndb_seq_num 
_pdbx_poly_seq_scheme.pdb_seq_num 
_pdbx_poly_seq_scheme.auth_seq_num 
_pdbx_poly_seq_scheme.pdb_mon_id 
_pdbx_poly_seq_scheme.auth_mon_id 
_pdbx_poly_seq_scheme.pdb_strand_id 
_pdbx_poly_seq_scheme.pdb_ins_code 
_pdbx_poly_seq_scheme.hetero 
A 1 1  THR 1  1  ?  ?   ?   A . n 
A 1 2  GLN 2  2  ?  ?   ?   A . n 
A 1 3  GLY 3  3  3  GLY GLY A . n 
A 1 4  ASN 4  4  4  ASN ASN A . n 
A 1 5  THR 5  5  5  THR THR A . n 
A 1 6  CYS 6  6  6  CYS CYS A . n 
A 1 7  GLY 7  7  7  GLY GLY A . n 
A 1 8  GLY 8  8  8  GLY GLY A . n 
A 1 9  GLU 9  9  9  GLU GLU A . n 
A 1 10 THR 10 10 10 THR THR A . n 
A 1 11 CYS 11 11 11 CYS CYS A . n 
A 1 12 SER 12 12 12 SER SER A . n 
A 1 13 ALA 13 13 13 ALA ALA A . n 
A 1 14 ALA 14 14 14 ALA ALA A . n 
A 1 15 GLN 15 15 15 GLN GLN A . n 
A 1 16 VAL 16 16 16 VAL VAL A . n 
A 1 17 CYS 17 17 17 CYS CYS A . n 
A 1 18 LEU 18 18 18 LEU LEU A . n 
A 1 19 LYS 19 19 19 LYS LYS A . n 
A 1 20 GLY 20 20 20 GLY GLY A . n 
A 1 21 LYS 21 21 21 LYS LYS A . n 
A 1 22 CYS 22 22 22 CYS CYS A . n 
A 1 23 VAL 23 23 23 VAL VAL A . n 
A 1 24 CYS 24 24 24 CYS CYS A . n 
A 1 25 ASN 25 25 25 ASN ASN A . n 
A 1 26 GLU 26 26 26 GLU GLU A . n 
A 1 27 VAL 27 27 27 VAL VAL A . n 
A 1 28 HIS 28 28 28 HIS HIS A . n 
A 1 29 CYS 29 29 29 CYS CYS A . n 
A 1 30 ARG 30 30 30 ARG ARG A . n 
A 1 31 ILE 31 31 31 ILE ILE A . n 
A 1 32 ARG 32 32 32 ARG ARG A . n 
A 1 33 CYS 33 33 33 CYS CYS A . n 
A 1 34 LYS 34 34 34 LYS LYS A . n 
A 1 35 TYR 35 35 35 TYR TYR A . n 
A 1 36 GLY 36 36 36 GLY GLY A . n 
A 1 37 LEU 37 37 37 LEU LEU A . n 
A 1 38 LYS 38 38 38 LYS LYS A . n 
A 1 39 LYS 39 39 39 LYS LYS A . n 
A 1 40 ASP 40 40 40 ASP ASP A . n 
A 1 41 GLU 41 41 41 GLU GLU A . n 
A 1 42 ASN 42 42 42 ASN ASN A . n 
A 1 43 GLY 43 43 43 GLY GLY A . n 
A 1 44 CYS 44 44 44 CYS CYS A . n 
A 1 45 GLU 45 45 45 GLU GLU A . n 
A 1 46 TYR 46 46 46 TYR TYR A . n 
A 1 47 PRO 47 47 47 PRO PRO A . n 
A 1 48 CYS 48 48 48 CYS CYS A . n 
A 1 49 SER 49 49 49 SER SER A . n 
A 1 50 CYS 50 50 50 CYS CYS A . n 
A 1 51 ALA 51 51 51 ALA ALA A . n 
A 1 52 LYS 52 52 52 LYS LYS A . n 
A 1 53 ALA 53 53 53 ALA ALA A . n 
A 1 54 SER 54 54 ?  ?   ?   A . n 
A 1 55 GLN 55 55 ?  ?   ?   A . n 
# 
loop_
_pdbx_nonpoly_scheme.asym_id 
_pdbx_nonpoly_scheme.entity_id 
_pdbx_nonpoly_scheme.mon_id 
_pdbx_nonpoly_scheme.ndb_seq_num 
_pdbx_nonpoly_scheme.pdb_seq_num 
_pdbx_nonpoly_scheme.auth_seq_num 
_pdbx_nonpoly_scheme.pdb_mon_id 
_pdbx_nonpoly_scheme.auth_mon_id 
_pdbx_nonpoly_scheme.pdb_strand_id 
_pdbx_nonpoly_scheme.pdb_ins_code 
B 2 SO4 1  100 100 SO4 SO4 A . 
C 2 SO4 1  101 101 SO4 SO4 A . 
D 3 HOH 1  102 1   HOH HOH A . 
D 3 HOH 2  103 2   HOH HOH A . 
D 3 HOH 3  104 3   HOH HOH A . 
D 3 HOH 4  105 4   HOH HOH A . 
D 3 HOH 5  106 5   HOH HOH A . 
D 3 HOH 6  107 6   HOH HOH A . 
D 3 HOH 7  108 7   HOH HOH A . 
D 3 HOH 8  109 8   HOH HOH A . 
D 3 HOH 9  110 9   HOH HOH A . 
D 3 HOH 10 111 10  HOH HOH A . 
D 3 HOH 11 112 11  HOH HOH A . 
D 3 HOH 12 113 12  HOH HOH A . 
D 3 HOH 13 114 13  HOH HOH A . 
D 3 HOH 14 115 14  HOH HOH A . 
D 3 HOH 15 116 15  HOH HOH A . 
D 3 HOH 16 117 16  HOH HOH A . 
D 3 HOH 17 118 17  HOH HOH A . 
D 3 HOH 18 119 18  HOH HOH A . 
D 3 HOH 19 120 19  HOH HOH A . 
D 3 HOH 20 121 20  HOH HOH A . 
D 3 HOH 21 122 21  HOH HOH A . 
D 3 HOH 22 123 22  HOH HOH A . 
D 3 HOH 23 124 23  HOH HOH A . 
D 3 HOH 24 125 24  HOH HOH A . 
D 3 HOH 25 126 25  HOH HOH A . 
D 3 HOH 26 127 26  HOH HOH A . 
D 3 HOH 27 128 27  HOH HOH A . 
D 3 HOH 28 129 28  HOH HOH A . 
D 3 HOH 29 130 29  HOH HOH A . 
D 3 HOH 30 131 30  HOH HOH A . 
D 3 HOH 31 132 31  HOH HOH A . 
D 3 HOH 32 133 32  HOH HOH A . 
D 3 HOH 33 134 33  HOH HOH A . 
D 3 HOH 34 135 34  HOH HOH A . 
D 3 HOH 35 136 35  HOH HOH A . 
D 3 HOH 36 137 36  HOH HOH A . 
D 3 HOH 37 138 37  HOH HOH A . 
D 3 HOH 38 139 38  HOH HOH A . 
D 3 HOH 39 140 39  HOH HOH A . 
D 3 HOH 40 141 40  HOH HOH A . 
D 3 HOH 41 142 41  HOH HOH A . 
D 3 HOH 42 143 42  HOH HOH A . 
D 3 HOH 43 144 43  HOH HOH A . 
D 3 HOH 44 145 44  HOH HOH A . 
D 3 HOH 45 146 45  HOH HOH A . 
D 3 HOH 46 147 46  HOH HOH A . 
D 3 HOH 47 148 47  HOH HOH A . 
D 3 HOH 48 149 48  HOH HOH A . 
D 3 HOH 49 150 49  HOH HOH A . 
D 3 HOH 50 151 50  HOH HOH A . 
D 3 HOH 51 152 51  HOH HOH A . 
D 3 HOH 52 153 52  HOH HOH A . 
# 
loop_
_pdbx_unobs_or_zero_occ_atoms.id 
_pdbx_unobs_or_zero_occ_atoms.PDB_model_num 
_pdbx_unobs_or_zero_occ_atoms.polymer_flag 
_pdbx_unobs_or_zero_occ_atoms.occupancy_flag 
_pdbx_unobs_or_zero_occ_atoms.auth_asym_id 
_pdbx_unobs_or_zero_occ_atoms.auth_comp_id 
_pdbx_unobs_or_zero_occ_atoms.auth_seq_id 
_pdbx_unobs_or_zero_occ_atoms.PDB_ins_code 
_pdbx_unobs_or_zero_occ_atoms.auth_atom_id 
_pdbx_unobs_or_zero_occ_atoms.label_alt_id 
_pdbx_unobs_or_zero_occ_atoms.label_asym_id 
_pdbx_unobs_or_zero_occ_atoms.label_comp_id 
_pdbx_unobs_or_zero_occ_atoms.label_seq_id 
_pdbx_unobs_or_zero_occ_atoms.label_atom_id 
1 1 Y 1 A LYS 21 ? CD ? A LYS 21 CD 
2 1 Y 1 A LYS 21 ? CE ? A LYS 21 CE 
3 1 Y 1 A LYS 21 ? NZ ? A LYS 21 NZ 
# 
loop_
_software.name 
_software.classification 
_software.version 
_software.citation_id 
_software.pdbx_ordinal 
MARXDS    'data collection' . ? 1 
MARSCALE  'data reduction'  . ? 2 
SHELXL-97 'model building'  . ? 3 
SHELXL-97 refinement        . ? 4 
MARXDS    'data reduction'  . ? 5 
MARSCALE  'data scaling'    . ? 6 
SHELXL-97 phasing           . ? 7 
# 
_cell.entry_id           1BX7 
_cell.length_a           37.713 
_cell.length_b           37.713 
_cell.length_c           67.812 
_cell.angle_alpha        90.00 
_cell.angle_beta         90.00 
_cell.angle_gamma        90.00 
_cell.Z_PDB              8 
_cell.pdbx_unique_axis   ? 
# 
_symmetry.entry_id                         1BX7 
_symmetry.space_group_name_H-M             'P 43 21 2' 
_symmetry.pdbx_full_space_group_name_H-M   ? 
_symmetry.cell_setting                     ? 
_symmetry.Int_Tables_number                96 
# 
_exptl.entry_id          1BX7 
_exptl.method            'X-RAY DIFFRACTION' 
_exptl.crystals_number   1 
# 
_exptl_crystal.id                    1 
_exptl_crystal.density_meas          ? 
_exptl_crystal.density_Matthews      2.0 
_exptl_crystal.density_percent_sol   40 
_exptl_crystal.description           'TWO DIFFERENT INDEPENDENT METHODS WERE USED FOR STRUCTURE SOLUTION' 
# 
_exptl_crystal_grow.crystal_id      1 
_exptl_crystal_grow.method          ? 
_exptl_crystal_grow.temp            ? 
_exptl_crystal_grow.temp_details    ? 
_exptl_crystal_grow.pH              5.45 
_exptl_crystal_grow.pdbx_pH_range   ? 
_exptl_crystal_grow.pdbx_details    'pH 5.45' 
# 
_diffrn.id                     1 
_diffrn.ambient_temp           100 
_diffrn.ambient_temp_details   ? 
_diffrn.crystal_id             1 
# 
_diffrn_detector.diffrn_id              1 
_diffrn_detector.detector               'IMAGE PLATE' 
_diffrn_detector.type                   MARRESEARCH 
_diffrn_detector.pdbx_collection_date   1996-11 
_diffrn_detector.details                'BENT CRYSTAL' 
# 
_diffrn_radiation.diffrn_id                        1 
_diffrn_radiation.wavelength_id                    1 
_diffrn_radiation.pdbx_monochromatic_or_laue_m_l   M 
_diffrn_radiation.monochromator                    'GE(111)' 
_diffrn_radiation.pdbx_diffrn_protocol             ? 
_diffrn_radiation.pdbx_scattering_type             x-ray 
# 
_diffrn_radiation_wavelength.id           1 
_diffrn_radiation_wavelength.wavelength   1.050 
_diffrn_radiation_wavelength.wt           1.0 
# 
_diffrn_source.diffrn_id                   1 
_diffrn_source.source                      SYNCHROTRON 
_diffrn_source.type                        'EMBL/DESY, HAMBURG BEAMLINE BW7B' 
_diffrn_source.pdbx_synchrotron_site       'EMBL/DESY, HAMBURG' 
_diffrn_source.pdbx_synchrotron_beamline   BW7B 
_diffrn_source.pdbx_wavelength             1.050 
_diffrn_source.pdbx_wavelength_list        ? 
# 
_reflns.entry_id                     1BX7 
_reflns.observed_criterion_sigma_I   0.0 
_reflns.observed_criterion_sigma_F   ? 
_reflns.d_resolution_low             25.2 
_reflns.d_resolution_high            1.2 
_reflns.number_obs                   15928 
_reflns.number_all                   ? 
_reflns.percent_possible_obs         99.4 
_reflns.pdbx_Rmerge_I_obs            0.043 
_reflns.pdbx_Rsym_value              ? 
_reflns.pdbx_netI_over_sigmaI        15.0 
_reflns.B_iso_Wilson_estimate        ? 
_reflns.pdbx_redundancy              2.4 
_reflns.pdbx_diffrn_id               1 
_reflns.pdbx_ordinal                 1 
# 
_reflns_shell.d_res_high             1.20 
_reflns_shell.d_res_low              1.25 
_reflns_shell.percent_possible_all   98.1 
_reflns_shell.Rmerge_I_obs           0.376 
_reflns_shell.pdbx_Rsym_value        ? 
_reflns_shell.meanI_over_sigI_obs    1.61 
_reflns_shell.pdbx_redundancy        1.8 
_reflns_shell.pdbx_diffrn_id         ? 
_reflns_shell.pdbx_ordinal           1 
# 
_refine.entry_id                                 1BX7 
_refine.ls_number_reflns_obs                     ? 
_refine.ls_number_reflns_all                     15894 
_refine.pdbx_ls_sigma_I                          ? 
_refine.pdbx_ls_sigma_F                          0.0 
_refine.pdbx_data_cutoff_high_absF               ? 
_refine.pdbx_data_cutoff_low_absF                ? 
_refine.pdbx_data_cutoff_high_rms_absF           ? 
_refine.ls_d_res_low                             25.2 
_refine.ls_d_res_high                            1.20 
_refine.ls_percent_reflns_obs                    99.2 
_refine.ls_R_factor_obs                          0.1794 
_refine.ls_R_factor_all                          0.1803 
_refine.ls_R_factor_R_work                       ? 
_refine.ls_R_factor_R_free                       0.2254 
_refine.ls_R_factor_R_free_error                 ? 
_refine.ls_R_factor_R_free_error_details         ? 
_refine.ls_percent_reflns_R_free                 5.0 
_refine.ls_number_reflns_R_free                  792 
_refine.ls_number_parameters                     4045 
_refine.ls_number_restraints                     4895 
_refine.occupancy_min                            ? 
_refine.occupancy_max                            ? 
_refine.B_iso_mean                               ? 
_refine.aniso_B[1][1]                            ? 
_refine.aniso_B[2][2]                            ? 
_refine.aniso_B[3][3]                            ? 
_refine.aniso_B[1][2]                            ? 
_refine.aniso_B[1][3]                            ? 
_refine.aniso_B[2][3]                            ? 
_refine.solvent_model_details                    'MOEWS & KRETSINGER, J.MOL.BIOL.91(1973)201-2' 
_refine.solvent_model_param_ksol                 ? 
_refine.solvent_model_param_bsol                 ? 
_refine.pdbx_ls_cross_valid_method               'FREE R' 
_refine.details                                  'ANISOTROPIC REFINEMENT REDUCED FREE R (NO CUTOFF) BY 2%' 
_refine.pdbx_starting_model                      ? 
_refine.pdbx_method_to_determine_struct          'AB INITIO' 
_refine.pdbx_isotropic_thermal_model             ? 
_refine.pdbx_stereochemistry_target_values       'ENGH AND HUBER' 
_refine.pdbx_stereochem_target_val_spec_case     ? 
_refine.pdbx_R_Free_selection_details            RANDOM 
_refine.pdbx_overall_ESU_R                       ? 
_refine.pdbx_overall_ESU_R_Free                  ? 
_refine.overall_SU_ML                            ? 
_refine.overall_SU_B                             ? 
_refine.pdbx_refine_id                           'X-RAY DIFFRACTION' 
_refine.pdbx_diffrn_id                           1 
_refine.pdbx_TLS_residual_ADP_flag               ? 
_refine.correlation_coeff_Fo_to_Fc               ? 
_refine.correlation_coeff_Fo_to_Fc_free          ? 
_refine.pdbx_solvent_vdw_probe_radii             ? 
_refine.pdbx_solvent_ion_probe_radii             ? 
_refine.pdbx_solvent_shrinkage_radii             ? 
_refine.pdbx_overall_phase_error                 ? 
_refine.overall_SU_R_Cruickshank_DPI             ? 
_refine.pdbx_overall_SU_R_free_Cruickshank_DPI   ? 
_refine.pdbx_overall_SU_R_Blow_DPI               ? 
_refine.pdbx_overall_SU_R_free_Blow_DPI          ? 
# 
_refine_analyze.entry_id                        1BX7 
_refine_analyze.Luzzati_coordinate_error_obs    ? 
_refine_analyze.Luzzati_sigma_a_obs             ? 
_refine_analyze.Luzzati_d_res_low_obs           ? 
_refine_analyze.Luzzati_coordinate_error_free   ? 
_refine_analyze.Luzzati_sigma_a_free            ? 
_refine_analyze.Luzzati_d_res_low_free          ? 
_refine_analyze.number_disordered_residues      5 
_refine_analyze.occupancy_sum_hydrogen          342.00 
_refine_analyze.occupancy_sum_non_hydrogen      417.02 
_refine_analyze.pdbx_refine_id                  'X-RAY DIFFRACTION' 
# 
_refine_hist.pdbx_refine_id                   'X-RAY DIFFRACTION' 
_refine_hist.cycle_id                         LAST 
_refine_hist.pdbx_number_atoms_protein        387 
_refine_hist.pdbx_number_atoms_nucleic_acid   0 
_refine_hist.pdbx_number_atoms_ligand         10 
_refine_hist.number_atoms_solvent             52 
_refine_hist.number_atoms_total               449 
_refine_hist.d_res_high                       1.20 
_refine_hist.d_res_low                        25.2 
# 
loop_
_refine_ls_restr.type 
_refine_ls_restr.dev_ideal 
_refine_ls_restr.dev_ideal_target 
_refine_ls_restr.weight 
_refine_ls_restr.number 
_refine_ls_restr.pdbx_refine_id 
_refine_ls_restr.pdbx_restraint_function 
s_bond_d               0.014 ? ? ? 'X-RAY DIFFRACTION' ? 
s_angle_d              0.036 ? ? ? 'X-RAY DIFFRACTION' ? 
s_similar_dist         0.000 ? ? ? 'X-RAY DIFFRACTION' ? 
s_from_restr_planes    0.029 ? ? ? 'X-RAY DIFFRACTION' ? 
s_zero_chiral_vol      0.140 ? ? ? 'X-RAY DIFFRACTION' ? 
s_non_zero_chiral_vol  0.120 ? ? ? 'X-RAY DIFFRACTION' ? 
s_anti_bump_dis_restr  0.042 ? ? ? 'X-RAY DIFFRACTION' ? 
s_rigid_bond_adp_cmpnt 0.004 ? ? ? 'X-RAY DIFFRACTION' ? 
s_similar_adp_cmpnt    0.097 ? ? ? 'X-RAY DIFFRACTION' ? 
s_approx_iso_adps      0.096 ? ? ? 'X-RAY DIFFRACTION' ? 
# 
_pdbx_refine.entry_id                                    1BX7 
_pdbx_refine.R_factor_all_no_cutoff                      0.1803 
_pdbx_refine.R_factor_obs_no_cutoff                      0.1794 
_pdbx_refine.free_R_factor_no_cutoff                     0.2254 
_pdbx_refine.free_R_val_test_set_size_perc_no_cutoff     5.0 
_pdbx_refine.free_R_val_test_set_ct_no_cutoff            792 
_pdbx_refine.R_factor_all_4sig_cutoff                    0.1286 
_pdbx_refine.R_factor_obs_4sig_cutoff                    0.127 
_pdbx_refine.free_R_factor_4sig_cutoff                   0.1772 
_pdbx_refine.free_R_val_test_set_size_perc_4sig_cutoff   5.1 
_pdbx_refine.free_R_val_test_set_ct_4sig_cutoff          522 
_pdbx_refine.number_reflns_obs_4sig_cutoff               10289 
_pdbx_refine.pdbx_refine_id                              'X-RAY DIFFRACTION' 
_pdbx_refine.free_R_error_no_cutoff                      ? 
# 
_struct.entry_id                  1BX7 
_struct.title                     'HIRUSTASIN FROM HIRUDO MEDICINALIS AT 1.2 ANGSTROMS' 
_struct.pdbx_model_details        ? 
_struct.pdbx_CASP_flag            ? 
_struct.pdbx_model_type_details   ? 
# 
_struct_keywords.entry_id        1BX7 
_struct_keywords.pdbx_keywords   ANTI-COAGULANT 
_struct_keywords.text            'ANTI-COAGULANT, PEPTIDIC INHIBITORS, CONFORMATIONAL FLEXIBILITY, SERINE PROTEASE INHIBITOR' 
# 
loop_
_struct_asym.id 
_struct_asym.pdbx_blank_PDB_chainid_flag 
_struct_asym.pdbx_modified 
_struct_asym.entity_id 
_struct_asym.details 
A N N 1 ? 
B N N 2 ? 
C N N 2 ? 
D N N 3 ? 
# 
_struct_ref.id                         1 
_struct_ref.db_name                    UNP 
_struct_ref.db_code                    ANTA_HIRME 
_struct_ref.entity_id                  1 
_struct_ref.pdbx_db_accession          P80302 
_struct_ref.pdbx_align_begin           1 
_struct_ref.pdbx_seq_one_letter_code   TQGNTCGGETCSAAQVCLKGKCVCNEVHCRIRCKYGLKKDENGCEYPCSCAKASQ 
_struct_ref.pdbx_db_isoform            ? 
# 
_struct_ref_seq.align_id                      1 
_struct_ref_seq.ref_id                        1 
_struct_ref_seq.pdbx_PDB_id_code              1BX7 
_struct_ref_seq.pdbx_strand_id                A 
_struct_ref_seq.seq_align_beg                 1 
_struct_ref_seq.pdbx_seq_align_beg_ins_code   ? 
_struct_ref_seq.seq_align_end                 55 
_struct_ref_seq.pdbx_seq_align_end_ins_code   ? 
_struct_ref_seq.pdbx_db_accession             P80302 
_struct_ref_seq.db_align_beg                  1 
_struct_ref_seq.pdbx_db_align_beg_ins_code    ? 
_struct_ref_seq.db_align_end                  55 
_struct_ref_seq.pdbx_db_align_end_ins_code    ? 
_struct_ref_seq.pdbx_auth_seq_align_beg       1 
_struct_ref_seq.pdbx_auth_seq_align_end       55 
# 
_pdbx_struct_assembly.id                   1 
_pdbx_struct_assembly.details              author_defined_assembly 
_pdbx_struct_assembly.method_details       ? 
_pdbx_struct_assembly.oligomeric_details   monomeric 
_pdbx_struct_assembly.oligomeric_count     1 
# 
_pdbx_struct_assembly_gen.assembly_id       1 
_pdbx_struct_assembly_gen.oper_expression   1 
_pdbx_struct_assembly_gen.asym_id_list      A,B,C,D 
# 
_pdbx_struct_oper_list.id                   1 
_pdbx_struct_oper_list.type                 'identity operation' 
_pdbx_struct_oper_list.name                 1_555 
_pdbx_struct_oper_list.symmetry_operation   x,y,z 
_pdbx_struct_oper_list.matrix[1][1]         1.0000000000 
_pdbx_struct_oper_list.matrix[1][2]         0.0000000000 
_pdbx_struct_oper_list.matrix[1][3]         0.0000000000 
_pdbx_struct_oper_list.vector[1]            0.0000000000 
_pdbx_struct_oper_list.matrix[2][1]         0.0000000000 
_pdbx_struct_oper_list.matrix[2][2]         1.0000000000 
_pdbx_struct_oper_list.matrix[2][3]         0.0000000000 
_pdbx_struct_oper_list.vector[2]            0.0000000000 
_pdbx_struct_oper_list.matrix[3][1]         0.0000000000 
_pdbx_struct_oper_list.matrix[3][2]         0.0000000000 
_pdbx_struct_oper_list.matrix[3][3]         1.0000000000 
_pdbx_struct_oper_list.vector[3]            0.0000000000 
# 
_struct_biol.id   1 
# 
loop_
_struct_conn.id 
_struct_conn.conn_type_id 
_struct_conn.pdbx_leaving_atom_flag 
_struct_conn.pdbx_PDB_id 
_struct_conn.ptnr1_label_asym_id 
_struct_conn.ptnr1_label_comp_id 
_struct_conn.ptnr1_label_seq_id 
_struct_conn.ptnr1_label_atom_id 
_struct_conn.pdbx_ptnr1_label_alt_id 
_struct_conn.pdbx_ptnr1_PDB_ins_code 
_struct_conn.pdbx_ptnr1_standard_comp_id 
_struct_conn.ptnr1_symmetry 
_struct_conn.ptnr2_label_asym_id 
_struct_conn.ptnr2_label_comp_id 
_struct_conn.ptnr2_label_seq_id 
_struct_conn.ptnr2_label_atom_id 
_struct_conn.pdbx_ptnr2_label_alt_id 
_struct_conn.pdbx_ptnr2_PDB_ins_code 
_struct_conn.ptnr1_auth_asym_id 
_struct_conn.ptnr1_auth_comp_id 
_struct_conn.ptnr1_auth_seq_id 
_struct_conn.ptnr2_auth_asym_id 
_struct_conn.ptnr2_auth_comp_id 
_struct_conn.ptnr2_auth_seq_id 
_struct_conn.ptnr2_symmetry 
_struct_conn.pdbx_ptnr3_label_atom_id 
_struct_conn.pdbx_ptnr3_label_seq_id 
_struct_conn.pdbx_ptnr3_label_comp_id 
_struct_conn.pdbx_ptnr3_label_asym_id 
_struct_conn.pdbx_ptnr3_label_alt_id 
_struct_conn.pdbx_ptnr3_PDB_ins_code 
_struct_conn.details 
_struct_conn.pdbx_dist_value 
_struct_conn.pdbx_value_order 
_struct_conn.pdbx_role 
disulf1 disulf ? ? A CYS 6  SG ? ? ? 1_555 A CYS 17 SG ? ? A CYS 6  A CYS 17 1_555 ? ? ? ? ? ? ? 2.041 ? ? 
disulf2 disulf ? ? A CYS 11 SG ? ? ? 1_555 A CYS 22 SG ? ? A CYS 11 A CYS 22 1_555 ? ? ? ? ? ? ? 2.026 ? ? 
disulf3 disulf ? ? A CYS 24 SG ? ? ? 1_555 A CYS 44 SG ? ? A CYS 24 A CYS 44 1_555 ? ? ? ? ? ? ? 2.048 ? ? 
disulf4 disulf ? ? A CYS 29 SG ? ? ? 1_555 A CYS 48 SG ? ? A CYS 29 A CYS 48 1_555 ? ? ? ? ? ? ? 2.027 ? ? 
disulf5 disulf ? ? A CYS 33 SG ? ? ? 1_555 A CYS 50 SG ? ? A CYS 33 A CYS 50 1_555 ? ? ? ? ? ? ? 2.044 ? ? 
# 
_struct_conn_type.id          disulf 
_struct_conn_type.criteria    ? 
_struct_conn_type.reference   ? 
# 
loop_
_pdbx_modification_feature.ordinal 
_pdbx_modification_feature.label_comp_id 
_pdbx_modification_feature.label_asym_id 
_pdbx_modification_feature.label_seq_id 
_pdbx_modification_feature.label_alt_id 
_pdbx_modification_feature.modified_residue_label_comp_id 
_pdbx_modification_feature.modified_residue_label_asym_id 
_pdbx_modification_feature.modified_residue_label_seq_id 
_pdbx_modification_feature.modified_residue_label_alt_id 
_pdbx_modification_feature.auth_comp_id 
_pdbx_modification_feature.auth_asym_id 
_pdbx_modification_feature.auth_seq_id 
_pdbx_modification_feature.PDB_ins_code 
_pdbx_modification_feature.symmetry 
_pdbx_modification_feature.modified_residue_auth_comp_id 
_pdbx_modification_feature.modified_residue_auth_asym_id 
_pdbx_modification_feature.modified_residue_auth_seq_id 
_pdbx_modification_feature.modified_residue_PDB_ins_code 
_pdbx_modification_feature.modified_residue_symmetry 
_pdbx_modification_feature.comp_id_linking_atom 
_pdbx_modification_feature.modified_residue_id_linking_atom 
_pdbx_modification_feature.modified_residue_id 
_pdbx_modification_feature.ref_pcm_id 
_pdbx_modification_feature.ref_comp_id 
_pdbx_modification_feature.type 
_pdbx_modification_feature.category 
1 CYS A 6  ? CYS A 17 ? CYS A 6  ? 1_555 CYS A 17 ? 1_555 SG SG . . . None 'Disulfide bridge' 
2 CYS A 11 ? CYS A 22 ? CYS A 11 ? 1_555 CYS A 22 ? 1_555 SG SG . . . None 'Disulfide bridge' 
3 CYS A 24 ? CYS A 44 ? CYS A 24 ? 1_555 CYS A 44 ? 1_555 SG SG . . . None 'Disulfide bridge' 
4 CYS A 29 ? CYS A 48 ? CYS A 29 ? 1_555 CYS A 48 ? 1_555 SG SG . . . None 'Disulfide bridge' 
5 CYS A 33 ? CYS A 50 ? CYS A 33 ? 1_555 CYS A 50 ? 1_555 SG SG . . . None 'Disulfide bridge' 
# 
_struct_mon_prot_cis.pdbx_id                1 
_struct_mon_prot_cis.label_comp_id          TYR 
_struct_mon_prot_cis.label_seq_id           46 
_struct_mon_prot_cis.label_asym_id          A 
_struct_mon_prot_cis.label_alt_id           . 
_struct_mon_prot_cis.pdbx_PDB_ins_code      ? 
_struct_mon_prot_cis.auth_comp_id           TYR 
_struct_mon_prot_cis.auth_seq_id            46 
_struct_mon_prot_cis.auth_asym_id           A 
_struct_mon_prot_cis.pdbx_label_comp_id_2   PRO 
_struct_mon_prot_cis.pdbx_label_seq_id_2    47 
_struct_mon_prot_cis.pdbx_label_asym_id_2   A 
_struct_mon_prot_cis.pdbx_PDB_ins_code_2    ? 
_struct_mon_prot_cis.pdbx_auth_comp_id_2    PRO 
_struct_mon_prot_cis.pdbx_auth_seq_id_2     47 
_struct_mon_prot_cis.pdbx_auth_asym_id_2    A 
_struct_mon_prot_cis.pdbx_PDB_model_num     1 
_struct_mon_prot_cis.pdbx_omega_angle       -9.16 
# 
_struct_sheet.id               A 
_struct_sheet.type             ? 
_struct_sheet.number_strands   2 
_struct_sheet.details          ? 
# 
_struct_sheet_order.sheet_id     A 
_struct_sheet_order.range_id_1   1 
_struct_sheet_order.range_id_2   2 
_struct_sheet_order.offset       ? 
_struct_sheet_order.sense        anti-parallel 
# 
loop_
_struct_sheet_range.sheet_id 
_struct_sheet_range.id 
_struct_sheet_range.beg_label_comp_id 
_struct_sheet_range.beg_label_asym_id 
_struct_sheet_range.beg_label_seq_id 
_struct_sheet_range.pdbx_beg_PDB_ins_code 
_struct_sheet_range.end_label_comp_id 
_struct_sheet_range.end_label_asym_id 
_struct_sheet_range.end_label_seq_id 
_struct_sheet_range.pdbx_end_PDB_ins_code 
_struct_sheet_range.beg_auth_comp_id 
_struct_sheet_range.beg_auth_asym_id 
_struct_sheet_range.beg_auth_seq_id 
_struct_sheet_range.end_auth_comp_id 
_struct_sheet_range.end_auth_asym_id 
_struct_sheet_range.end_auth_seq_id 
A 1 GLN A 15 ? LEU A 18 ? GLN A 15 LEU A 18 
A 2 LYS A 21 ? CYS A 24 ? LYS A 21 CYS A 24 
# 
_pdbx_struct_sheet_hbond.sheet_id                A 
_pdbx_struct_sheet_hbond.range_id_1              1 
_pdbx_struct_sheet_hbond.range_id_2              2 
_pdbx_struct_sheet_hbond.range_1_label_atom_id   O 
_pdbx_struct_sheet_hbond.range_1_label_comp_id   VAL 
_pdbx_struct_sheet_hbond.range_1_label_asym_id   A 
_pdbx_struct_sheet_hbond.range_1_label_seq_id    16 
_pdbx_struct_sheet_hbond.range_1_PDB_ins_code    ? 
_pdbx_struct_sheet_hbond.range_1_auth_atom_id    O 
_pdbx_struct_sheet_hbond.range_1_auth_comp_id    VAL 
_pdbx_struct_sheet_hbond.range_1_auth_asym_id    A 
_pdbx_struct_sheet_hbond.range_1_auth_seq_id     16 
_pdbx_struct_sheet_hbond.range_2_label_atom_id   N 
_pdbx_struct_sheet_hbond.range_2_label_comp_id   VAL 
_pdbx_struct_sheet_hbond.range_2_label_asym_id   A 
_pdbx_struct_sheet_hbond.range_2_label_seq_id    23 
_pdbx_struct_sheet_hbond.range_2_PDB_ins_code    ? 
_pdbx_struct_sheet_hbond.range_2_auth_atom_id    N 
_pdbx_struct_sheet_hbond.range_2_auth_comp_id    VAL 
_pdbx_struct_sheet_hbond.range_2_auth_asym_id    A 
_pdbx_struct_sheet_hbond.range_2_auth_seq_id     23 
# 
loop_
_struct_site.id 
_struct_site.pdbx_evidence_code 
_struct_site.pdbx_auth_asym_id 
_struct_site.pdbx_auth_comp_id 
_struct_site.pdbx_auth_seq_id 
_struct_site.pdbx_auth_ins_code 
_struct_site.pdbx_num_residues 
_struct_site.details 
AC1 Software A SO4 100 ? 6 'BINDING SITE FOR RESIDUE SO4 A 100' 
AC2 Software A SO4 101 ? 5 'BINDING SITE FOR RESIDUE SO4 A 101' 
# 
loop_
_struct_site_gen.id 
_struct_site_gen.site_id 
_struct_site_gen.pdbx_num_res 
_struct_site_gen.label_comp_id 
_struct_site_gen.label_asym_id 
_struct_site_gen.label_seq_id 
_struct_site_gen.pdbx_auth_ins_code 
_struct_site_gen.auth_comp_id 
_struct_site_gen.auth_asym_id 
_struct_site_gen.auth_seq_id 
_struct_site_gen.label_atom_id 
_struct_site_gen.label_alt_id 
_struct_site_gen.symmetry 
_struct_site_gen.details 
1  AC1 6 ARG A 30 ? ARG A 30  . ? 6_454 ? 
2  AC1 6 LYS A 38 ? LYS A 38  . ? 1_555 ? 
3  AC1 6 ALA A 51 ? ALA A 51  . ? 1_555 ? 
4  AC1 6 LYS A 52 ? LYS A 52  . ? 1_555 ? 
5  AC1 6 ALA A 53 ? ALA A 53  . ? 1_555 ? 
6  AC1 6 HOH D .  ? HOH A 112 . ? 1_555 ? 
7  AC2 5 HIS A 28 ? HIS A 28  . ? 3_634 ? 
8  AC2 5 ARG A 30 ? ARG A 30  . ? 6_454 ? 
9  AC2 5 LYS A 38 ? LYS A 38  . ? 1_555 ? 
10 AC2 5 LYS A 52 ? LYS A 52  . ? 1_555 ? 
11 AC2 5 HOH D .  ? HOH A 139 . ? 3_634 ? 
# 
_pdbx_entry_details.entry_id                   1BX7 
_pdbx_entry_details.compound_details           ? 
_pdbx_entry_details.source_details             ? 
_pdbx_entry_details.nonpolymer_details         ? 
_pdbx_entry_details.sequence_details           ? 
_pdbx_entry_details.has_ligand_of_interest     ? 
_pdbx_entry_details.has_protein_modification   Y 
# 
loop_
_pdbx_validate_rmsd_angle.id 
_pdbx_validate_rmsd_angle.PDB_model_num 
_pdbx_validate_rmsd_angle.auth_atom_id_1 
_pdbx_validate_rmsd_angle.auth_asym_id_1 
_pdbx_validate_rmsd_angle.auth_comp_id_1 
_pdbx_validate_rmsd_angle.auth_seq_id_1 
_pdbx_validate_rmsd_angle.PDB_ins_code_1 
_pdbx_validate_rmsd_angle.label_alt_id_1 
_pdbx_validate_rmsd_angle.auth_atom_id_2 
_pdbx_validate_rmsd_angle.auth_asym_id_2 
_pdbx_validate_rmsd_angle.auth_comp_id_2 
_pdbx_validate_rmsd_angle.auth_seq_id_2 
_pdbx_validate_rmsd_angle.PDB_ins_code_2 
_pdbx_validate_rmsd_angle.label_alt_id_2 
_pdbx_validate_rmsd_angle.auth_atom_id_3 
_pdbx_validate_rmsd_angle.auth_asym_id_3 
_pdbx_validate_rmsd_angle.auth_comp_id_3 
_pdbx_validate_rmsd_angle.auth_seq_id_3 
_pdbx_validate_rmsd_angle.PDB_ins_code_3 
_pdbx_validate_rmsd_angle.label_alt_id_3 
_pdbx_validate_rmsd_angle.angle_value 
_pdbx_validate_rmsd_angle.angle_target_value 
_pdbx_validate_rmsd_angle.angle_deviation 
_pdbx_validate_rmsd_angle.angle_standard_deviation 
_pdbx_validate_rmsd_angle.linker_flag 
1 1 CB  A GLU 9  ? ? CG A GLU 9  ? B CD  A GLU 9  ? B 132.18 114.20 17.98  2.70 N 
2 1 CA  A GLU 26 ? ? CB A GLU 26 ? ? CG  A GLU 26 ? A 126.63 113.40 13.23  2.20 N 
3 1 CD  A ARG 32 ? ? NE A ARG 32 ? ? CZ  A ARG 32 ? ? 135.65 123.60 12.05  1.40 N 
4 1 OE1 A GLU 45 ? A CD A GLU 45 ? A OE2 A GLU 45 ? A 111.59 123.30 -11.71 1.20 N 
# 
_pdbx_validate_torsion.id              1 
_pdbx_validate_torsion.PDB_model_num   1 
_pdbx_validate_torsion.auth_comp_id    GLU 
_pdbx_validate_torsion.auth_asym_id    A 
_pdbx_validate_torsion.auth_seq_id     45 
_pdbx_validate_torsion.PDB_ins_code    ? 
_pdbx_validate_torsion.label_alt_id    ? 
_pdbx_validate_torsion.phi             -106.16 
_pdbx_validate_torsion.psi             62.60 
# 
_pdbx_struct_special_symmetry.id              1 
_pdbx_struct_special_symmetry.PDB_model_num   1 
_pdbx_struct_special_symmetry.auth_asym_id    A 
_pdbx_struct_special_symmetry.auth_comp_id    HOH 
_pdbx_struct_special_symmetry.auth_seq_id     130 
_pdbx_struct_special_symmetry.PDB_ins_code    ? 
_pdbx_struct_special_symmetry.label_asym_id   D 
_pdbx_struct_special_symmetry.label_comp_id   HOH 
_pdbx_struct_special_symmetry.label_seq_id    . 
# 
loop_
_pdbx_unobs_or_zero_occ_residues.id 
_pdbx_unobs_or_zero_occ_residues.PDB_model_num 
_pdbx_unobs_or_zero_occ_residues.polymer_flag 
_pdbx_unobs_or_zero_occ_residues.occupancy_flag 
_pdbx_unobs_or_zero_occ_residues.auth_asym_id 
_pdbx_unobs_or_zero_occ_residues.auth_comp_id 
_pdbx_unobs_or_zero_occ_residues.auth_seq_id 
_pdbx_unobs_or_zero_occ_residues.PDB_ins_code 
_pdbx_unobs_or_zero_occ_residues.label_asym_id 
_pdbx_unobs_or_zero_occ_residues.label_comp_id 
_pdbx_unobs_or_zero_occ_residues.label_seq_id 
1 1 Y 1 A THR 1  ? A THR 1  
2 1 Y 1 A GLN 2  ? A GLN 2  
3 1 Y 1 A SER 54 ? A SER 54 
4 1 Y 1 A GLN 55 ? A GLN 55 
# 
loop_
_chem_comp_atom.comp_id 
_chem_comp_atom.atom_id 
_chem_comp_atom.type_symbol 
_chem_comp_atom.pdbx_aromatic_flag 
_chem_comp_atom.pdbx_stereo_config 
_chem_comp_atom.pdbx_ordinal 
ALA N    N N N 1   
ALA CA   C N S 2   
ALA C    C N N 3   
ALA O    O N N 4   
ALA CB   C N N 5   
ALA OXT  O N N 6   
ALA H    H N N 7   
ALA H2   H N N 8   
ALA HA   H N N 9   
ALA HB1  H N N 10  
ALA HB2  H N N 11  
ALA HB3  H N N 12  
ALA HXT  H N N 13  
ARG N    N N N 14  
ARG CA   C N S 15  
ARG C    C N N 16  
ARG O    O N N 17  
ARG CB   C N N 18  
ARG CG   C N N 19  
ARG CD   C N N 20  
ARG NE   N N N 21  
ARG CZ   C N N 22  
ARG NH1  N N N 23  
ARG NH2  N N N 24  
ARG OXT  O N N 25  
ARG H    H N N 26  
ARG H2   H N N 27  
ARG HA   H N N 28  
ARG HB2  H N N 29  
ARG HB3  H N N 30  
ARG HG2  H N N 31  
ARG HG3  H N N 32  
ARG HD2  H N N 33  
ARG HD3  H N N 34  
ARG HE   H N N 35  
ARG HH11 H N N 36  
ARG HH12 H N N 37  
ARG HH21 H N N 38  
ARG HH22 H N N 39  
ARG HXT  H N N 40  
ASN N    N N N 41  
ASN CA   C N S 42  
ASN C    C N N 43  
ASN O    O N N 44  
ASN CB   C N N 45  
ASN CG   C N N 46  
ASN OD1  O N N 47  
ASN ND2  N N N 48  
ASN OXT  O N N 49  
ASN H    H N N 50  
ASN H2   H N N 51  
ASN HA   H N N 52  
ASN HB2  H N N 53  
ASN HB3  H N N 54  
ASN HD21 H N N 55  
ASN HD22 H N N 56  
ASN HXT  H N N 57  
ASP N    N N N 58  
ASP CA   C N S 59  
ASP C    C N N 60  
ASP O    O N N 61  
ASP CB   C N N 62  
ASP CG   C N N 63  
ASP OD1  O N N 64  
ASP OD2  O N N 65  
ASP OXT  O N N 66  
ASP H    H N N 67  
ASP H2   H N N 68  
ASP HA   H N N 69  
ASP HB2  H N N 70  
ASP HB3  H N N 71  
ASP HD2  H N N 72  
ASP HXT  H N N 73  
CYS N    N N N 74  
CYS CA   C N R 75  
CYS C    C N N 76  
CYS O    O N N 77  
CYS CB   C N N 78  
CYS SG   S N N 79  
CYS OXT  O N N 80  
CYS H    H N N 81  
CYS H2   H N N 82  
CYS HA   H N N 83  
CYS HB2  H N N 84  
CYS HB3  H N N 85  
CYS HG   H N N 86  
CYS HXT  H N N 87  
GLN N    N N N 88  
GLN CA   C N S 89  
GLN C    C N N 90  
GLN O    O N N 91  
GLN CB   C N N 92  
GLN CG   C N N 93  
GLN CD   C N N 94  
GLN OE1  O N N 95  
GLN NE2  N N N 96  
GLN OXT  O N N 97  
GLN H    H N N 98  
GLN H2   H N N 99  
GLN HA   H N N 100 
GLN HB2  H N N 101 
GLN HB3  H N N 102 
GLN HG2  H N N 103 
GLN HG3  H N N 104 
GLN HE21 H N N 105 
GLN HE22 H N N 106 
GLN HXT  H N N 107 
GLU N    N N N 108 
GLU CA   C N S 109 
GLU C    C N N 110 
GLU O    O N N 111 
GLU CB   C N N 112 
GLU CG   C N N 113 
GLU CD   C N N 114 
GLU OE1  O N N 115 
GLU OE2  O N N 116 
GLU OXT  O N N 117 
GLU H    H N N 118 
GLU H2   H N N 119 
GLU HA   H N N 120 
GLU HB2  H N N 121 
GLU HB3  H N N 122 
GLU HG2  H N N 123 
GLU HG3  H N N 124 
GLU HE2  H N N 125 
GLU HXT  H N N 126 
GLY N    N N N 127 
GLY CA   C N N 128 
GLY C    C N N 129 
GLY O    O N N 130 
GLY OXT  O N N 131 
GLY H    H N N 132 
GLY H2   H N N 133 
GLY HA2  H N N 134 
GLY HA3  H N N 135 
GLY HXT  H N N 136 
HIS N    N N N 137 
HIS CA   C N S 138 
HIS C    C N N 139 
HIS O    O N N 140 
HIS CB   C N N 141 
HIS CG   C Y N 142 
HIS ND1  N Y N 143 
HIS CD2  C Y N 144 
HIS CE1  C Y N 145 
HIS NE2  N Y N 146 
HIS OXT  O N N 147 
HIS H    H N N 148 
HIS H2   H N N 149 
HIS HA   H N N 150 
HIS HB2  H N N 151 
HIS HB3  H N N 152 
HIS HD1  H N N 153 
HIS HD2  H N N 154 
HIS HE1  H N N 155 
HIS HE2  H N N 156 
HIS HXT  H N N 157 
HOH O    O N N 158 
HOH H1   H N N 159 
HOH H2   H N N 160 
ILE N    N N N 161 
ILE CA   C N S 162 
ILE C    C N N 163 
ILE O    O N N 164 
ILE CB   C N S 165 
ILE CG1  C N N 166 
ILE CG2  C N N 167 
ILE CD1  C N N 168 
ILE OXT  O N N 169 
ILE H    H N N 170 
ILE H2   H N N 171 
ILE HA   H N N 172 
ILE HB   H N N 173 
ILE HG12 H N N 174 
ILE HG13 H N N 175 
ILE HG21 H N N 176 
ILE HG22 H N N 177 
ILE HG23 H N N 178 
ILE HD11 H N N 179 
ILE HD12 H N N 180 
ILE HD13 H N N 181 
ILE HXT  H N N 182 
LEU N    N N N 183 
LEU CA   C N S 184 
LEU C    C N N 185 
LEU O    O N N 186 
LEU CB   C N N 187 
LEU CG   C N N 188 
LEU CD1  C N N 189 
LEU CD2  C N N 190 
LEU OXT  O N N 191 
LEU H    H N N 192 
LEU H2   H N N 193 
LEU HA   H N N 194 
LEU HB2  H N N 195 
LEU HB3  H N N 196 
LEU HG   H N N 197 
LEU HD11 H N N 198 
LEU HD12 H N N 199 
LEU HD13 H N N 200 
LEU HD21 H N N 201 
LEU HD22 H N N 202 
LEU HD23 H N N 203 
LEU HXT  H N N 204 
LYS N    N N N 205 
LYS CA   C N S 206 
LYS C    C N N 207 
LYS O    O N N 208 
LYS CB   C N N 209 
LYS CG   C N N 210 
LYS CD   C N N 211 
LYS CE   C N N 212 
LYS NZ   N N N 213 
LYS OXT  O N N 214 
LYS H    H N N 215 
LYS H2   H N N 216 
LYS HA   H N N 217 
LYS HB2  H N N 218 
LYS HB3  H N N 219 
LYS HG2  H N N 220 
LYS HG3  H N N 221 
LYS HD2  H N N 222 
LYS HD3  H N N 223 
LYS HE2  H N N 224 
LYS HE3  H N N 225 
LYS HZ1  H N N 226 
LYS HZ2  H N N 227 
LYS HZ3  H N N 228 
LYS HXT  H N N 229 
PRO N    N N N 230 
PRO CA   C N S 231 
PRO C    C N N 232 
PRO O    O N N 233 
PRO CB   C N N 234 
PRO CG   C N N 235 
PRO CD   C N N 236 
PRO OXT  O N N 237 
PRO H    H N N 238 
PRO HA   H N N 239 
PRO HB2  H N N 240 
PRO HB3  H N N 241 
PRO HG2  H N N 242 
PRO HG3  H N N 243 
PRO HD2  H N N 244 
PRO HD3  H N N 245 
PRO HXT  H N N 246 
SER N    N N N 247 
SER CA   C N S 248 
SER C    C N N 249 
SER O    O N N 250 
SER CB   C N N 251 
SER OG   O N N 252 
SER OXT  O N N 253 
SER H    H N N 254 
SER H2   H N N 255 
SER HA   H N N 256 
SER HB2  H N N 257 
SER HB3  H N N 258 
SER HG   H N N 259 
SER HXT  H N N 260 
SO4 S    S N N 261 
SO4 O1   O N N 262 
SO4 O2   O N N 263 
SO4 O3   O N N 264 
SO4 O4   O N N 265 
THR N    N N N 266 
THR CA   C N S 267 
THR C    C N N 268 
THR O    O N N 269 
THR CB   C N R 270 
THR OG1  O N N 271 
THR CG2  C N N 272 
THR OXT  O N N 273 
THR H    H N N 274 
THR H2   H N N 275 
THR HA   H N N 276 
THR HB   H N N 277 
THR HG1  H N N 278 
THR HG21 H N N 279 
THR HG22 H N N 280 
THR HG23 H N N 281 
THR HXT  H N N 282 
TYR N    N N N 283 
TYR CA   C N S 284 
TYR C    C N N 285 
TYR O    O N N 286 
TYR CB   C N N 287 
TYR CG   C Y N 288 
TYR CD1  C Y N 289 
TYR CD2  C Y N 290 
TYR CE1  C Y N 291 
TYR CE2  C Y N 292 
TYR CZ   C Y N 293 
TYR OH   O N N 294 
TYR OXT  O N N 295 
TYR H    H N N 296 
TYR H2   H N N 297 
TYR HA   H N N 298 
TYR HB2  H N N 299 
TYR HB3  H N N 300 
TYR HD1  H N N 301 
TYR HD2  H N N 302 
TYR HE1  H N N 303 
TYR HE2  H N N 304 
TYR HH   H N N 305 
TYR HXT  H N N 306 
VAL N    N N N 307 
VAL CA   C N S 308 
VAL C    C N N 309 
VAL O    O N N 310 
VAL CB   C N N 311 
VAL CG1  C N N 312 
VAL CG2  C N N 313 
VAL OXT  O N N 314 
VAL H    H N N 315 
VAL H2   H N N 316 
VAL HA   H N N 317 
VAL HB   H N N 318 
VAL HG11 H N N 319 
VAL HG12 H N N 320 
VAL HG13 H N N 321 
VAL HG21 H N N 322 
VAL HG22 H N N 323 
VAL HG23 H N N 324 
VAL HXT  H N N 325 
# 
loop_
_chem_comp_bond.comp_id 
_chem_comp_bond.atom_id_1 
_chem_comp_bond.atom_id_2 
_chem_comp_bond.value_order 
_chem_comp_bond.pdbx_aromatic_flag 
_chem_comp_bond.pdbx_stereo_config 
_chem_comp_bond.pdbx_ordinal 
ALA N   CA   sing N N 1   
ALA N   H    sing N N 2   
ALA N   H2   sing N N 3   
ALA CA  C    sing N N 4   
ALA CA  CB   sing N N 5   
ALA CA  HA   sing N N 6   
ALA C   O    doub N N 7   
ALA C   OXT  sing N N 8   
ALA CB  HB1  sing N N 9   
ALA CB  HB2  sing N N 10  
ALA CB  HB3  sing N N 11  
ALA OXT HXT  sing N N 12  
ARG N   CA   sing N N 13  
ARG N   H    sing N N 14  
ARG N   H2   sing N N 15  
ARG CA  C    sing N N 16  
ARG CA  CB   sing N N 17  
ARG CA  HA   sing N N 18  
ARG C   O    doub N N 19  
ARG C   OXT  sing N N 20  
ARG CB  CG   sing N N 21  
ARG CB  HB2  sing N N 22  
ARG CB  HB3  sing N N 23  
ARG CG  CD   sing N N 24  
ARG CG  HG2  sing N N 25  
ARG CG  HG3  sing N N 26  
ARG CD  NE   sing N N 27  
ARG CD  HD2  sing N N 28  
ARG CD  HD3  sing N N 29  
ARG NE  CZ   sing N N 30  
ARG NE  HE   sing N N 31  
ARG CZ  NH1  sing N N 32  
ARG CZ  NH2  doub N N 33  
ARG NH1 HH11 sing N N 34  
ARG NH1 HH12 sing N N 35  
ARG NH2 HH21 sing N N 36  
ARG NH2 HH22 sing N N 37  
ARG OXT HXT  sing N N 38  
ASN N   CA   sing N N 39  
ASN N   H    sing N N 40  
ASN N   H2   sing N N 41  
ASN CA  C    sing N N 42  
ASN CA  CB   sing N N 43  
ASN CA  HA   sing N N 44  
ASN C   O    doub N N 45  
ASN C   OXT  sing N N 46  
ASN CB  CG   sing N N 47  
ASN CB  HB2  sing N N 48  
ASN CB  HB3  sing N N 49  
ASN CG  OD1  doub N N 50  
ASN CG  ND2  sing N N 51  
ASN ND2 HD21 sing N N 52  
ASN ND2 HD22 sing N N 53  
ASN OXT HXT  sing N N 54  
ASP N   CA   sing N N 55  
ASP N   H    sing N N 56  
ASP N   H2   sing N N 57  
ASP CA  C    sing N N 58  
ASP CA  CB   sing N N 59  
ASP CA  HA   sing N N 60  
ASP C   O    doub N N 61  
ASP C   OXT  sing N N 62  
ASP CB  CG   sing N N 63  
ASP CB  HB2  sing N N 64  
ASP CB  HB3  sing N N 65  
ASP CG  OD1  doub N N 66  
ASP CG  OD2  sing N N 67  
ASP OD2 HD2  sing N N 68  
ASP OXT HXT  sing N N 69  
CYS N   CA   sing N N 70  
CYS N   H    sing N N 71  
CYS N   H2   sing N N 72  
CYS CA  C    sing N N 73  
CYS CA  CB   sing N N 74  
CYS CA  HA   sing N N 75  
CYS C   O    doub N N 76  
CYS C   OXT  sing N N 77  
CYS CB  SG   sing N N 78  
CYS CB  HB2  sing N N 79  
CYS CB  HB3  sing N N 80  
CYS SG  HG   sing N N 81  
CYS OXT HXT  sing N N 82  
GLN N   CA   sing N N 83  
GLN N   H    sing N N 84  
GLN N   H2   sing N N 85  
GLN CA  C    sing N N 86  
GLN CA  CB   sing N N 87  
GLN CA  HA   sing N N 88  
GLN C   O    doub N N 89  
GLN C   OXT  sing N N 90  
GLN CB  CG   sing N N 91  
GLN CB  HB2  sing N N 92  
GLN CB  HB3  sing N N 93  
GLN CG  CD   sing N N 94  
GLN CG  HG2  sing N N 95  
GLN CG  HG3  sing N N 96  
GLN CD  OE1  doub N N 97  
GLN CD  NE2  sing N N 98  
GLN NE2 HE21 sing N N 99  
GLN NE2 HE22 sing N N 100 
GLN OXT HXT  sing N N 101 
GLU N   CA   sing N N 102 
GLU N   H    sing N N 103 
GLU N   H2   sing N N 104 
GLU CA  C    sing N N 105 
GLU CA  CB   sing N N 106 
GLU CA  HA   sing N N 107 
GLU C   O    doub N N 108 
GLU C   OXT  sing N N 109 
GLU CB  CG   sing N N 110 
GLU CB  HB2  sing N N 111 
GLU CB  HB3  sing N N 112 
GLU CG  CD   sing N N 113 
GLU CG  HG2  sing N N 114 
GLU CG  HG3  sing N N 115 
GLU CD  OE1  doub N N 116 
GLU CD  OE2  sing N N 117 
GLU OE2 HE2  sing N N 118 
GLU OXT HXT  sing N N 119 
GLY N   CA   sing N N 120 
GLY N   H    sing N N 121 
GLY N   H2   sing N N 122 
GLY CA  C    sing N N 123 
GLY CA  HA2  sing N N 124 
GLY CA  HA3  sing N N 125 
GLY C   O    doub N N 126 
GLY C   OXT  sing N N 127 
GLY OXT HXT  sing N N 128 
HIS N   CA   sing N N 129 
HIS N   H    sing N N 130 
HIS N   H2   sing N N 131 
HIS CA  C    sing N N 132 
HIS CA  CB   sing N N 133 
HIS CA  HA   sing N N 134 
HIS C   O    doub N N 135 
HIS C   OXT  sing N N 136 
HIS CB  CG   sing N N 137 
HIS CB  HB2  sing N N 138 
HIS CB  HB3  sing N N 139 
HIS CG  ND1  sing Y N 140 
HIS CG  CD2  doub Y N 141 
HIS ND1 CE1  doub Y N 142 
HIS ND1 HD1  sing N N 143 
HIS CD2 NE2  sing Y N 144 
HIS CD2 HD2  sing N N 145 
HIS CE1 NE2  sing Y N 146 
HIS CE1 HE1  sing N N 147 
HIS NE2 HE2  sing N N 148 
HIS OXT HXT  sing N N 149 
HOH O   H1   sing N N 150 
HOH O   H2   sing N N 151 
ILE N   CA   sing N N 152 
ILE N   H    sing N N 153 
ILE N   H2   sing N N 154 
ILE CA  C    sing N N 155 
ILE CA  CB   sing N N 156 
ILE CA  HA   sing N N 157 
ILE C   O    doub N N 158 
ILE C   OXT  sing N N 159 
ILE CB  CG1  sing N N 160 
ILE CB  CG2  sing N N 161 
ILE CB  HB   sing N N 162 
ILE CG1 CD1  sing N N 163 
ILE CG1 HG12 sing N N 164 
ILE CG1 HG13 sing N N 165 
ILE CG2 HG21 sing N N 166 
ILE CG2 HG22 sing N N 167 
ILE CG2 HG23 sing N N 168 
ILE CD1 HD11 sing N N 169 
ILE CD1 HD12 sing N N 170 
ILE CD1 HD13 sing N N 171 
ILE OXT HXT  sing N N 172 
LEU N   CA   sing N N 173 
LEU N   H    sing N N 174 
LEU N   H2   sing N N 175 
LEU CA  C    sing N N 176 
LEU CA  CB   sing N N 177 
LEU CA  HA   sing N N 178 
LEU C   O    doub N N 179 
LEU C   OXT  sing N N 180 
LEU CB  CG   sing N N 181 
LEU CB  HB2  sing N N 182 
LEU CB  HB3  sing N N 183 
LEU CG  CD1  sing N N 184 
LEU CG  CD2  sing N N 185 
LEU CG  HG   sing N N 186 
LEU CD1 HD11 sing N N 187 
LEU CD1 HD12 sing N N 188 
LEU CD1 HD13 sing N N 189 
LEU CD2 HD21 sing N N 190 
LEU CD2 HD22 sing N N 191 
LEU CD2 HD23 sing N N 192 
LEU OXT HXT  sing N N 193 
LYS N   CA   sing N N 194 
LYS N   H    sing N N 195 
LYS N   H2   sing N N 196 
LYS CA  C    sing N N 197 
LYS CA  CB   sing N N 198 
LYS CA  HA   sing N N 199 
LYS C   O    doub N N 200 
LYS C   OXT  sing N N 201 
LYS CB  CG   sing N N 202 
LYS CB  HB2  sing N N 203 
LYS CB  HB3  sing N N 204 
LYS CG  CD   sing N N 205 
LYS CG  HG2  sing N N 206 
LYS CG  HG3  sing N N 207 
LYS CD  CE   sing N N 208 
LYS CD  HD2  sing N N 209 
LYS CD  HD3  sing N N 210 
LYS CE  NZ   sing N N 211 
LYS CE  HE2  sing N N 212 
LYS CE  HE3  sing N N 213 
LYS NZ  HZ1  sing N N 214 
LYS NZ  HZ2  sing N N 215 
LYS NZ  HZ3  sing N N 216 
LYS OXT HXT  sing N N 217 
PRO N   CA   sing N N 218 
PRO N   CD   sing N N 219 
PRO N   H    sing N N 220 
PRO CA  C    sing N N 221 
PRO CA  CB   sing N N 222 
PRO CA  HA   sing N N 223 
PRO C   O    doub N N 224 
PRO C   OXT  sing N N 225 
PRO CB  CG   sing N N 226 
PRO CB  HB2  sing N N 227 
PRO CB  HB3  sing N N 228 
PRO CG  CD   sing N N 229 
PRO CG  HG2  sing N N 230 
PRO CG  HG3  sing N N 231 
PRO CD  HD2  sing N N 232 
PRO CD  HD3  sing N N 233 
PRO OXT HXT  sing N N 234 
SER N   CA   sing N N 235 
SER N   H    sing N N 236 
SER N   H2   sing N N 237 
SER CA  C    sing N N 238 
SER CA  CB   sing N N 239 
SER CA  HA   sing N N 240 
SER C   O    doub N N 241 
SER C   OXT  sing N N 242 
SER CB  OG   sing N N 243 
SER CB  HB2  sing N N 244 
SER CB  HB3  sing N N 245 
SER OG  HG   sing N N 246 
SER OXT HXT  sing N N 247 
SO4 S   O1   doub N N 248 
SO4 S   O2   doub N N 249 
SO4 S   O3   sing N N 250 
SO4 S   O4   sing N N 251 
THR N   CA   sing N N 252 
THR N   H    sing N N 253 
THR N   H2   sing N N 254 
THR CA  C    sing N N 255 
THR CA  CB   sing N N 256 
THR CA  HA   sing N N 257 
THR C   O    doub N N 258 
THR C   OXT  sing N N 259 
THR CB  OG1  sing N N 260 
THR CB  CG2  sing N N 261 
THR CB  HB   sing N N 262 
THR OG1 HG1  sing N N 263 
THR CG2 HG21 sing N N 264 
THR CG2 HG22 sing N N 265 
THR CG2 HG23 sing N N 266 
THR OXT HXT  sing N N 267 
TYR N   CA   sing N N 268 
TYR N   H    sing N N 269 
TYR N   H2   sing N N 270 
TYR CA  C    sing N N 271 
TYR CA  CB   sing N N 272 
TYR CA  HA   sing N N 273 
TYR C   O    doub N N 274 
TYR C   OXT  sing N N 275 
TYR CB  CG   sing N N 276 
TYR CB  HB2  sing N N 277 
TYR CB  HB3  sing N N 278 
TYR CG  CD1  doub Y N 279 
TYR CG  CD2  sing Y N 280 
TYR CD1 CE1  sing Y N 281 
TYR CD1 HD1  sing N N 282 
TYR CD2 CE2  doub Y N 283 
TYR CD2 HD2  sing N N 284 
TYR CE1 CZ   doub Y N 285 
TYR CE1 HE1  sing N N 286 
TYR CE2 CZ   sing Y N 287 
TYR CE2 HE2  sing N N 288 
TYR CZ  OH   sing N N 289 
TYR OH  HH   sing N N 290 
TYR OXT HXT  sing N N 291 
VAL N   CA   sing N N 292 
VAL N   H    sing N N 293 
VAL N   H2   sing N N 294 
VAL CA  C    sing N N 295 
VAL CA  CB   sing N N 296 
VAL CA  HA   sing N N 297 
VAL C   O    doub N N 298 
VAL C   OXT  sing N N 299 
VAL CB  CG1  sing N N 300 
VAL CB  CG2  sing N N 301 
VAL CB  HB   sing N N 302 
VAL CG1 HG11 sing N N 303 
VAL CG1 HG12 sing N N 304 
VAL CG1 HG13 sing N N 305 
VAL CG2 HG21 sing N N 306 
VAL CG2 HG22 sing N N 307 
VAL CG2 HG23 sing N N 308 
VAL OXT HXT  sing N N 309 
# 
_atom_sites.entry_id                    1BX7 
_atom_sites.fract_transf_matrix[1][1]   0.02213639 
_atom_sites.fract_transf_matrix[1][2]   0.01446083 
_atom_sites.fract_transf_matrix[1][3]   -0.00199063 
_atom_sites.fract_transf_matrix[2][1]   -0.00347368 
_atom_sites.fract_transf_matrix[2][2]   0.00873068 
_atom_sites.fract_transf_matrix[2][3]   0.02479530 
_atom_sites.fract_transf_matrix[3][1]   0.00788509 
_atom_sites.fract_transf_matrix[3][2]   -0.01136731 
_atom_sites.fract_transf_matrix[3][3]   0.00510721 
_atom_sites.fract_transf_vector[1]      1.561289 
_atom_sites.fract_transf_vector[2]      0.144279 
_atom_sites.fract_transf_vector[3]      -0.300000 
# 
loop_
_atom_type.symbol 
C 
N 
O 
S 
# 
loop_
_atom_site.group_PDB 
_atom_site.id 
_atom_site.type_symbol 
_atom_site.label_atom_id 
_atom_site.label_alt_id 
_atom_site.label_comp_id 
_atom_site.label_asym_id 
_atom_site.label_entity_id 
_atom_site.label_seq_id 
_atom_site.pdbx_PDB_ins_code 
_atom_site.Cartn_x 
_atom_site.Cartn_y 
_atom_site.Cartn_z 
_atom_site.occupancy 
_atom_site.B_iso_or_equiv 
_atom_site.pdbx_formal_charge 
_atom_site.auth_seq_id 
_atom_site.auth_comp_id 
_atom_site.auth_asym_id 
_atom_site.auth_atom_id 
_atom_site.pdbx_PDB_model_num 
ATOM   1   N N   . GLY A 1 3  ? -10.909 -8.169  -17.346 1.00 68.79 ? 3   GLY A N   1 
ATOM   2   C CA  . GLY A 1 3  ? -9.643  -8.905  -17.294 1.00 59.21 ? 3   GLY A CA  1 
ATOM   3   C C   . GLY A 1 3  ? -9.573  -9.740  -16.029 1.00 58.49 ? 3   GLY A C   1 
ATOM   4   O O   . GLY A 1 3  ? -10.618 -9.765  -15.358 1.00 48.85 ? 3   GLY A O   1 
ATOM   5   N N   . ASN A 1 4  ? -8.449  -10.360 -15.655 1.00 41.83 ? 4   ASN A N   1 
ATOM   6   C CA  . ASN A 1 4  ? -8.494  -11.174 -14.430 1.00 29.17 ? 4   ASN A CA  1 
ATOM   7   C C   . ASN A 1 4  ? -8.425  -10.356 -13.158 1.00 31.83 ? 4   ASN A C   1 
ATOM   8   O O   . ASN A 1 4  ? -7.841  -9.310  -12.911 1.00 35.08 ? 4   ASN A O   1 
ATOM   9   C CB  . ASN A 1 4  ? -7.406  -12.218 -14.466 1.00 29.96 ? 4   ASN A CB  1 
ATOM   10  C CG  . ASN A 1 4  ? -7.599  -13.361 -13.488 1.00 36.68 ? 4   ASN A CG  1 
ATOM   11  O OD1 . ASN A 1 4  ? -8.702  -13.574 -12.963 1.00 28.20 ? 4   ASN A OD1 1 
ATOM   12  N ND2 . ASN A 1 4  ? -6.596  -14.203 -13.253 1.00 28.85 ? 4   ASN A ND2 1 
ATOM   13  N N   . THR A 1 5  ? -9.084  -10.933 -12.137 1.00 28.89 ? 5   THR A N   1 
ATOM   14  C CA  . THR A 1 5  ? -8.784  -10.304 -10.850 1.00 28.78 ? 5   THR A CA  1 
ATOM   15  C C   . THR A 1 5  ? -7.464  -10.909 -10.368 1.00 33.41 ? 5   THR A C   1 
ATOM   16  O O   . THR A 1 5  ? -6.862  -11.791 -10.966 1.00 33.04 ? 5   THR A O   1 
ATOM   17  C CB  . THR A 1 5  ? -9.895  -10.667 -9.862  1.00 25.73 ? 5   THR A CB  1 
ATOM   18  O OG1 . THR A 1 5  ? -10.271 -12.013 -10.052 1.00 26.27 ? 5   THR A OG1 1 
ATOM   19  C CG2 . THR A 1 5  ? -11.171 -9.882  -10.140 1.00 33.89 ? 5   THR A CG2 1 
ATOM   20  N N   . CYS A 1 6  ? -7.094  -10.510 -9.179  1.00 28.40 ? 6   CYS A N   1 
ATOM   21  C CA  . CYS A 1 6  ? -5.911  -10.977 -8.530  1.00 23.73 ? 6   CYS A CA  1 
ATOM   22  C C   . CYS A 1 6  ? -6.362  -11.892 -7.391  1.00 26.05 ? 6   CYS A C   1 
ATOM   23  O O   . CYS A 1 6  ? -6.835  -11.348 -6.401  1.00 25.10 ? 6   CYS A O   1 
ATOM   24  C CB  . CYS A 1 6  ? -5.103  -9.776  -7.966  1.00 22.27 ? 6   CYS A CB  1 
ATOM   25  S SG  . CYS A 1 6  ? -3.558  -10.420 -7.238  1.00 18.96 ? 6   CYS A SG  1 
ATOM   26  N N   . GLY A 1 7  ? -6.274  -13.199 -7.598  1.00 32.44 ? 7   GLY A N   1 
ATOM   27  C CA  . GLY A 1 7  ? -6.825  -14.110 -6.618  1.00 38.45 ? 7   GLY A CA  1 
ATOM   28  C C   . GLY A 1 7  ? -8.286  -13.804 -6.364  1.00 41.87 ? 7   GLY A C   1 
ATOM   29  O O   . GLY A 1 7  ? -8.709  -13.993 -5.218  1.00 49.45 ? 7   GLY A O   1 
ATOM   30  N N   . GLY A 1 8  ? -9.060  -13.290 -7.318  1.00 40.24 ? 8   GLY A N   1 
ATOM   31  C CA  . GLY A 1 8  ? -10.463 -12.999 -7.081  1.00 34.40 ? 8   GLY A CA  1 
ATOM   32  C C   . GLY A 1 8  ? -10.793 -11.625 -6.529  1.00 26.75 ? 8   GLY A C   1 
ATOM   33  O O   . GLY A 1 8  ? -11.958 -11.297 -6.301  1.00 31.75 ? 8   GLY A O   1 
ATOM   34  N N   . GLU A 1 9  ? -9.774  -10.786 -6.332  1.00 27.27 ? 9   GLU A N   1 
ATOM   35  C CA  . GLU A 1 9  ? -9.895  -9.475  -5.737  1.00 21.75 ? 9   GLU A CA  1 
ATOM   36  C C   . GLU A 1 9  ? -9.321  -8.438  -6.706  1.00 18.29 ? 9   GLU A C   1 
ATOM   37  O O   . GLU A 1 9  ? -8.488  -8.752  -7.571  1.00 22.65 ? 9   GLU A O   1 
ATOM   38  C CB  . GLU A 1 9  ? -9.136  -9.370  -4.395  1.00 22.10 ? 9   GLU A CB  1 
ATOM   39  C CG  A GLU A 1 9  ? -9.769  -10.269 -3.337  0.52 26.43 ? 9   GLU A CG  1 
ATOM   40  C CG  B GLU A 1 9  ? -8.052  -10.348 -4.094  0.48 39.16 ? 9   GLU A CG  1 
ATOM   41  C CD  A GLU A 1 9  ? -11.246 -10.102 -3.099  0.52 27.43 ? 9   GLU A CD  1 
ATOM   42  C CD  B GLU A 1 9  ? -6.814  -10.249 -3.263  0.48 38.75 ? 9   GLU A CD  1 
ATOM   43  O OE1 A GLU A 1 9  ? -11.838 -9.022  -3.208  0.52 28.06 ? 9   GLU A OE1 1 
ATOM   44  O OE1 B GLU A 1 9  ? -6.866  -9.592  -2.183  0.48 30.43 ? 9   GLU A OE1 1 
ATOM   45  O OE2 A GLU A 1 9  ? -11.929 -11.075 -2.713  0.52 35.07 ? 9   GLU A OE2 1 
ATOM   46  O OE2 B GLU A 1 9  ? -5.775  -10.905 -3.546  0.48 14.52 ? 9   GLU A OE2 1 
ATOM   47  N N   . THR A 1 10 ? -9.715  -7.202  -6.545  1.00 17.68 ? 10  THR A N   1 
ATOM   48  C CA  . THR A 1 10 ? -9.130  -6.080  -7.250  1.00 14.00 ? 10  THR A CA  1 
ATOM   49  C C   . THR A 1 10 ? -8.085  -5.435  -6.341  1.00 13.44 ? 10  THR A C   1 
ATOM   50  O O   . THR A 1 10 ? -8.409  -5.014  -5.239  1.00 14.71 ? 10  THR A O   1 
ATOM   51  C CB  . THR A 1 10 ? -10.227 -5.018  -7.552  1.00 14.37 ? 10  THR A CB  1 
ATOM   52  O OG1 . THR A 1 10 ? -11.129 -5.573  -8.492  1.00 23.51 ? 10  THR A OG1 1 
ATOM   53  C CG2 . THR A 1 10 ? -9.603  -3.757  -8.103  1.00 17.33 ? 10  THR A CG2 1 
ATOM   54  N N   . CYS A 1 11 ? -6.854  -5.298  -6.784  1.00 13.40 ? 11  CYS A N   1 
ATOM   55  C CA  . CYS A 1 11 ? -5.818  -4.632  -5.974  1.00 11.17 ? 11  CYS A CA  1 
ATOM   56  C C   . CYS A 1 11 ? -6.044  -3.133  -6.082  1.00 12.26 ? 11  CYS A C   1 
ATOM   57  O O   . CYS A 1 11 ? -6.372  -2.598  -7.131  1.00 15.18 ? 11  CYS A O   1 
ATOM   58  C CB  . CYS A 1 11 ? -4.467  -5.026  -6.548  1.00 12.66 ? 11  CYS A CB  1 
ATOM   59  S SG  . CYS A 1 11 ? -4.086  -6.783  -6.586  1.00 13.61 ? 11  CYS A SG  1 
ATOM   60  N N   . SER A 1 12 ? -5.824  -2.447  -4.969  1.00 10.96 ? 12  SER A N   1 
ATOM   61  C CA  . SER A 1 12 ? -5.863  -0.984  -4.997  1.00 8.88  ? 12  SER A CA  1 
ATOM   62  C C   . SER A 1 12 ? -4.616  -0.429  -5.631  1.00 9.19  ? 12  SER A C   1 
ATOM   63  O O   . SER A 1 12 ? -3.671  -1.134  -5.993  1.00 11.04 ? 12  SER A O   1 
ATOM   64  C CB  . SER A 1 12 ? -6.056  -0.463  -3.563  1.00 9.77  ? 12  SER A CB  1 
ATOM   65  O OG  . SER A 1 12 ? -4.792  -0.272  -2.961  1.00 9.87  ? 12  SER A OG  1 
ATOM   66  N N   . ALA A 1 13 ? -4.615  0.894   -5.826  1.00 8.65  ? 13  ALA A N   1 
ATOM   67  C CA  . ALA A 1 13 ? -3.460  1.544   -6.471  1.00 10.84 ? 13  ALA A CA  1 
ATOM   68  C C   . ALA A 1 13 ? -2.156  1.335   -5.749  1.00 10.00 ? 13  ALA A C   1 
ATOM   69  O O   . ALA A 1 13 ? -1.046  1.449   -6.290  1.00 13.25 ? 13  ALA A O   1 
ATOM   70  C CB  . ALA A 1 13 ? -3.765  3.043   -6.488  1.00 13.29 ? 13  ALA A CB  1 
ATOM   71  N N   . ALA A 1 14 ? -2.150  1.209   -4.448  1.00 9.53  ? 14  ALA A N   1 
ATOM   72  C CA  . ALA A 1 14 ? -1.064  0.919   -3.554  1.00 9.63  ? 14  ALA A CA  1 
ATOM   73  C C   . ALA A 1 14 ? -0.561  -0.521  -3.604  1.00 8.82  ? 14  ALA A C   1 
ATOM   74  O O   . ALA A 1 14 ? 0.516   -0.839  -3.097  1.00 10.45 ? 14  ALA A O   1 
ATOM   75  C CB  . ALA A 1 14 ? -1.445  1.135   -2.082  1.00 10.73 ? 14  ALA A CB  1 
ATOM   76  N N   . GLN A 1 15 ? -1.348  -1.422  -4.147  1.00 9.27  ? 15  GLN A N   1 
ATOM   77  C CA  . GLN A 1 15 ? -1.041  -2.865  -4.183  1.00 10.11 ? 15  GLN A CA  1 
ATOM   78  C C   . GLN A 1 15 ? -0.609  -3.271  -5.572  1.00 10.06 ? 15  GLN A C   1 
ATOM   79  O O   . GLN A 1 15 ? -0.825  -2.587  -6.594  1.00 12.87 ? 15  GLN A O   1 
ATOM   80  C CB  . GLN A 1 15 ? -2.281  -3.654  -3.781  1.00 9.74  ? 15  GLN A CB  1 
ATOM   81  C CG  . GLN A 1 15 ? -2.666  -3.467  -2.318  1.00 9.47  ? 15  GLN A CG  1 
ATOM   82  C CD  . GLN A 1 15 ? -3.994  -4.175  -2.049  1.00 11.04 ? 15  GLN A CD  1 
ATOM   83  O OE1 . GLN A 1 15 ? -4.983  -3.976  -2.756  1.00 12.31 ? 15  GLN A OE1 1 
ATOM   84  N NE2 . GLN A 1 15 ? -4.000  -4.962  -0.970  1.00 11.21 ? 15  GLN A NE2 1 
ATOM   85  N N   . VAL A 1 16 ? 0.030   -4.429  -5.615  1.00 11.55 ? 16  VAL A N   1 
ATOM   86  C CA  . VAL A 1 16 ? 0.457   -5.124  -6.852  1.00 11.27 ? 16  VAL A CA  1 
ATOM   87  C C   . VAL A 1 16 ? 0.010   -6.568  -6.699  1.00 11.15 ? 16  VAL A C   1 
ATOM   88  O O   . VAL A 1 16 ? 0.003   -7.123  -5.599  1.00 11.50 ? 16  VAL A O   1 
ATOM   89  C CB  . VAL A 1 16 ? 1.964   -4.924  -7.052  1.00 14.19 ? 16  VAL A CB  1 
ATOM   90  C CG1 . VAL A 1 16 ? 2.715   -5.487  -5.865  1.00 13.98 ? 16  VAL A CG1 1 
ATOM   91  C CG2 . VAL A 1 16 ? 2.419   -5.561  -8.356  1.00 20.92 ? 16  VAL A CG2 1 
ATOM   92  N N   . CYS A 1 17 ? -0.276  -7.228  -7.812  1.00 13.85 ? 17  CYS A N   1 
ATOM   93  C CA  . CYS A 1 17 ? -0.643  -8.632  -7.775  1.00 13.45 ? 17  CYS A CA  1 
ATOM   94  C C   . CYS A 1 17 ? 0.597   -9.501  -7.976  1.00 13.99 ? 17  CYS A C   1 
ATOM   95  O O   . CYS A 1 17 ? 1.193   -9.414  -9.057  1.00 15.97 ? 17  CYS A O   1 
ATOM   96  C CB  . CYS A 1 17 ? -1.579  -8.990  -8.910  1.00 16.46 ? 17  CYS A CB  1 
ATOM   97  S SG  . CYS A 1 17 ? -2.290  -10.644 -8.821  1.00 18.92 ? 17  CYS A SG  1 
ATOM   98  N N   . LEU A 1 18 ? 0.992   -10.203 -6.918  1.00 14.16 ? 18  LEU A N   1 
ATOM   99  C CA  . LEU A 1 18 ? 2.169   -11.073 -6.997  1.00 15.24 ? 18  LEU A CA  1 
ATOM   100 C C   . LEU A 1 18 ? 1.747   -12.456 -6.576  1.00 17.26 ? 18  LEU A C   1 
ATOM   101 O O   . LEU A 1 18 ? 1.177   -12.616 -5.486  1.00 18.81 ? 18  LEU A O   1 
ATOM   102 C CB  . LEU A 1 18 ? 3.300   -10.475 -6.189  1.00 15.28 ? 18  LEU A CB  1 
ATOM   103 C CG  . LEU A 1 18 ? 3.849   -9.134  -6.629  1.00 17.18 ? 18  LEU A CG  1 
ATOM   104 C CD1 . LEU A 1 18 ? 4.857   -8.644  -5.596  1.00 15.31 ? 18  LEU A CD1 1 
ATOM   105 C CD2 . LEU A 1 18 ? 4.531   -9.140  -7.992  1.00 18.99 ? 18  LEU A CD2 1 
ATOM   106 N N   . LYS A 1 19 ? 2.067   -13.437 -7.412  1.00 21.22 ? 19  LYS A N   1 
ATOM   107 C CA  . LYS A 1 19 ? 1.731   -14.833 -7.145  1.00 23.19 ? 19  LYS A CA  1 
ATOM   108 C C   . LYS A 1 19 ? 0.273   -14.949 -6.761  1.00 24.54 ? 19  LYS A C   1 
ATOM   109 O O   . LYS A 1 19 ? -0.043  -15.744 -5.888  1.00 26.89 ? 19  LYS A O   1 
ATOM   110 C CB  . LYS A 1 19 ? 2.638   -15.377 -6.032  1.00 24.27 ? 19  LYS A CB  1 
ATOM   111 C CG  . LYS A 1 19 ? 4.115   -15.206 -6.385  1.00 27.55 ? 19  LYS A CG  1 
ATOM   112 C CD  . LYS A 1 19 ? 5.037   -15.929 -5.424  1.00 31.77 ? 19  LYS A CD  1 
ATOM   113 C CE  . LYS A 1 19 ? 6.502   -15.565 -5.700  1.00 25.68 ? 19  LYS A CE  1 
ATOM   114 N NZ  . LYS A 1 19 ? 7.413   -16.283 -4.765  1.00 32.42 ? 19  LYS A NZ  1 
ATOM   115 N N   . GLY A 1 20 ? -0.538  -14.177 -7.480  1.00 23.48 ? 20  GLY A N   1 
ATOM   116 C CA  . GLY A 1 20 ? -1.986  -14.309 -7.330  1.00 25.70 ? 20  GLY A CA  1 
ATOM   117 C C   . GLY A 1 20 ? -2.581  -13.782 -6.046  1.00 25.60 ? 20  GLY A C   1 
ATOM   118 O O   . GLY A 1 20 ? -3.735  -14.081 -5.695  1.00 27.31 ? 20  GLY A O   1 
ATOM   119 N N   . LYS A 1 21 ? -1.851  -12.889 -5.395  1.00 19.58 ? 21  LYS A N   1 
ATOM   120 C CA  . LYS A 1 21 ? -2.421  -12.160 -4.248  1.00 17.84 ? 21  LYS A CA  1 
ATOM   121 C C   . LYS A 1 21 ? -2.116  -10.674 -4.381  1.00 16.82 ? 21  LYS A C   1 
ATOM   122 O O   . LYS A 1 21 ? -1.017  -10.291 -4.803  1.00 15.77 ? 21  LYS A O   1 
ATOM   123 C CB  . LYS A 1 21 ? -1.742  -12.716 -2.984  0.52 13.99 ? 21  LYS A CB  1 
ATOM   124 C CG  A LYS A 1 21 ? -2.388  -12.322 -1.668  0.52 28.04 ? 21  LYS A CG  1 
ATOM   125 C CG  B LYS A 1 21 ? -2.023  -14.204 -2.785  0.48 25.45 ? 21  LYS A CG  1 
ATOM   126 N N   . CYS A 1 22 ? -3.051  -9.843  -3.933  1.00 14.23 ? 22  CYS A N   1 
ATOM   127 C CA  . CYS A 1 22 ? -2.762  -8.424  -3.787  1.00 12.51 ? 22  CYS A CA  1 
ATOM   128 C C   . CYS A 1 22 ? -1.924  -8.189  -2.544  1.00 12.26 ? 22  CYS A C   1 
ATOM   129 O O   . CYS A 1 22 ? -2.300  -8.548  -1.461  1.00 13.77 ? 22  CYS A O   1 
ATOM   130 C CB  . CYS A 1 22 ? -4.054  -7.617  -3.657  1.00 12.34 ? 22  CYS A CB  1 
ATOM   131 S SG  . CYS A 1 22 ? -5.158  -7.646  -5.099  1.00 13.51 ? 22  CYS A SG  1 
ATOM   132 N N   . VAL A 1 23 ? -0.776  -7.538  -2.756  1.00 10.99 ? 23  VAL A N   1 
ATOM   133 C CA  . VAL A 1 23 ? 0.152   -7.175  -1.696  1.00 10.32 ? 23  VAL A CA  1 
ATOM   134 C C   . VAL A 1 23 ? 0.557   -5.742  -1.856  1.00 9.20  ? 23  VAL A C   1 
ATOM   135 O O   . VAL A 1 23 ? 0.477   -5.167  -2.947  1.00 9.96  ? 23  VAL A O   1 
ATOM   136 C CB  . VAL A 1 23 ? 1.390   -8.067  -1.651  1.00 11.52 ? 23  VAL A CB  1 
ATOM   137 C CG1 . VAL A 1 23 ? 1.021   -9.499  -1.314  1.00 14.55 ? 23  VAL A CG1 1 
ATOM   138 C CG2 . VAL A 1 23 ? 2.189   -7.982  -2.935  1.00 12.33 ? 23  VAL A CG2 1 
ATOM   139 N N   . CYS A 1 24 ? 0.968   -5.119  -0.768  1.00 10.70 ? 24  CYS A N   1 
ATOM   140 C CA  . CYS A 1 24 ? 1.454   -3.730  -0.898  1.00 9.43  ? 24  CYS A CA  1 
ATOM   141 C C   . CYS A 1 24 ? 2.718   -3.721  -1.734  1.00 9.67  ? 24  CYS A C   1 
ATOM   142 O O   . CYS A 1 24 ? 3.547   -4.580  -1.585  1.00 10.20 ? 24  CYS A O   1 
ATOM   143 C CB  . CYS A 1 24 ? 1.733   -3.101  0.464   1.00 9.65  ? 24  CYS A CB  1 
ATOM   144 S SG  . CYS A 1 24 ? 0.326   -3.080  1.607   1.00 9.76  ? 24  CYS A SG  1 
ATOM   145 N N   . ASN A 1 25 ? 2.792   -2.726  -2.654  1.00 10.25 ? 25  ASN A N   1 
ATOM   146 C CA  . ASN A 1 25 ? 4.038   -2.596  -3.411  1.00 10.07 ? 25  ASN A CA  1 
ATOM   147 C C   . ASN A 1 25 ? 5.160   -2.119  -2.474  1.00 10.28 ? 25  ASN A C   1 
ATOM   148 O O   . ASN A 1 25 ? 4.971   -1.771  -1.311  1.00 11.42 ? 25  ASN A O   1 
ATOM   149 C CB  . ASN A 1 25 ? 3.838   -1.625  -4.611  1.00 13.86 ? 25  ASN A CB  1 
ATOM   150 C CG  . ASN A 1 25 ? 4.630   -2.106  -5.807  1.00 20.90 ? 25  ASN A CG  1 
ATOM   151 O OD1 . ASN A 1 25 ? 5.712   -2.676  -5.683  1.00 14.73 ? 25  ASN A OD1 1 
ATOM   152 N ND2 . ASN A 1 25 ? 3.998   -2.048  -6.969  1.00 26.49 ? 25  ASN A ND2 1 
ATOM   153 N N   . GLU A 1 26 ? 6.368   -2.120  -3.000  1.00 12.38 ? 26  GLU A N   1 
ATOM   154 C CA  . GLU A 1 26 ? 7.483   -1.631  -2.232  1.00 12.50 ? 26  GLU A CA  1 
ATOM   155 C C   . GLU A 1 26 ? 7.232   -0.169  -1.854  1.00 11.21 ? 26  GLU A C   1 
ATOM   156 O O   . GLU A 1 26 ? 6.477   0.533   -2.517  1.00 13.38 ? 26  GLU A O   1 
ATOM   157 C CB  . GLU A 1 26 ? 8.800   -1.804  -2.931  1.00 17.41 ? 26  GLU A CB  1 
ATOM   158 C CG  A GLU A 1 26 ? 9.010   -2.339  -4.266  0.55 19.38 ? 26  GLU A CG  1 
ATOM   159 C CG  B GLU A 1 26 ? 8.992   -1.035  -4.200  0.45 16.72 ? 26  GLU A CG  1 
ATOM   160 C CD  A GLU A 1 26 ? 10.445  -2.291  -4.750  0.55 19.47 ? 26  GLU A CD  1 
ATOM   161 C CD  B GLU A 1 26 ? 10.269  -1.468  -4.910  0.45 17.27 ? 26  GLU A CD  1 
ATOM   162 O OE1 A GLU A 1 26 ? 11.172  -1.380  -4.317  0.55 20.77 ? 26  GLU A OE1 1 
ATOM   163 O OE1 B GLU A 1 26 ? 11.361  -1.551  -4.326  0.45 22.87 ? 26  GLU A OE1 1 
ATOM   164 O OE2 A GLU A 1 26 ? 10.817  -3.187  -5.521  0.55 22.72 ? 26  GLU A OE2 1 
ATOM   165 O OE2 B GLU A 1 26 ? 10.157  -1.734  -6.111  0.45 21.00 ? 26  GLU A OE2 1 
ATOM   166 N N   . VAL A 1 27 ? 7.826   0.217   -0.739  1.00 12.90 ? 27  VAL A N   1 
ATOM   167 C CA  . VAL A 1 27 ? 7.618   1.544   -0.163  1.00 11.71 ? 27  VAL A CA  1 
ATOM   168 C C   . VAL A 1 27 ? 8.873   2.413   -0.330  1.00 12.40 ? 27  VAL A C   1 
ATOM   169 O O   . VAL A 1 27 ? 9.965   1.996   0.039   1.00 13.02 ? 27  VAL A O   1 
ATOM   170 C CB  . VAL A 1 27 ? 7.277   1.469   1.341   1.00 12.15 ? 27  VAL A CB  1 
ATOM   171 C CG1 . VAL A 1 27 ? 7.100   2.845   2.000   1.00 12.99 ? 27  VAL A CG1 1 
ATOM   172 C CG2 . VAL A 1 27 ? 6.050   0.579   1.577   1.00 15.07 ? 27  VAL A CG2 1 
ATOM   173 N N   . HIS A 1 28 ? 8.637   3.557   -0.930  1.00 14.08 ? 28  HIS A N   1 
ATOM   174 C CA  . HIS A 1 28 ? 9.705   4.549   -1.089  1.00 16.18 ? 28  HIS A CA  1 
ATOM   175 C C   . HIS A 1 28 ? 9.087   5.906   -0.817  1.00 15.07 ? 28  HIS A C   1 
ATOM   176 O O   . HIS A 1 28 ? 8.299   6.347   -1.645  1.00 18.13 ? 28  HIS A O   1 
ATOM   177 C CB  . HIS A 1 28 ? 10.295  4.529   -2.505  1.00 24.97 ? 28  HIS A CB  1 
ATOM   178 C CG  . HIS A 1 28 ? 10.982  3.215   -2.775  1.00 23.54 ? 28  HIS A CG  1 
ATOM   179 N ND1 . HIS A 1 28 ? 12.264  2.938   -2.324  1.00 27.70 ? 28  HIS A ND1 1 
ATOM   180 C CD2 . HIS A 1 28 ? 10.583  2.045   -3.336  1.00 29.09 ? 28  HIS A CD2 1 
ATOM   181 C CE1 . HIS A 1 28 ? 12.654  1.720   -2.645  1.00 26.36 ? 28  HIS A CE1 1 
ATOM   182 N NE2 . HIS A 1 28 ? 11.641  1.132   -3.236  1.00 26.86 ? 28  HIS A NE2 1 
ATOM   183 N N   . CYS A 1 29 ? 9.308   6.408   0.379   1.00 12.59 ? 29  CYS A N   1 
ATOM   184 C CA  . CYS A 1 29 ? 8.791   7.711   0.764   1.00 11.10 ? 29  CYS A CA  1 
ATOM   185 C C   . CYS A 1 29 ? 9.944   8.561   1.277   1.00 10.49 ? 29  CYS A C   1 
ATOM   186 O O   . CYS A 1 29 ? 10.639  8.179   2.221   1.00 13.03 ? 29  CYS A O   1 
ATOM   187 C CB  . CYS A 1 29 ? 7.727   7.535   1.838   1.00 12.22 ? 29  CYS A CB  1 
ATOM   188 S SG  . CYS A 1 29 ? 6.194   6.729   1.328   1.00 12.53 ? 29  CYS A SG  1 
ATOM   189 N N   . ARG A 1 30 ? 10.021  9.773   0.764   1.00 10.89 ? 30  ARG A N   1 
ATOM   190 C CA  . ARG A 1 30 ? 11.069  10.689  1.172   1.00 12.38 ? 30  ARG A CA  1 
ATOM   191 C C   . ARG A 1 30 ? 10.712  11.453  2.457   1.00 9.78  ? 30  ARG A C   1 
ATOM   192 O O   . ARG A 1 30 ? 11.611  11.807  3.191   1.00 12.00 ? 30  ARG A O   1 
ATOM   193 C CB  A ARG A 1 30 ? 11.252  11.760  0.078   0.55 13.35 ? 30  ARG A CB  1 
ATOM   194 C CB  B ARG A 1 30 ? 11.344  11.708  0.056   0.45 13.72 ? 30  ARG A CB  1 
ATOM   195 C CG  A ARG A 1 30 ? 12.325  12.783  0.371   0.55 14.63 ? 30  ARG A CG  1 
ATOM   196 C CG  B ARG A 1 30 ? 11.815  11.068  -1.238  0.45 11.37 ? 30  ARG A CG  1 
ATOM   197 C CD  A ARG A 1 30 ? 12.691  13.708  -0.746  0.55 22.06 ? 30  ARG A CD  1 
ATOM   198 C CD  B ARG A 1 30 ? 11.807  12.006  -2.433  0.45 10.59 ? 30  ARG A CD  1 
ATOM   199 N NE  A ARG A 1 30 ? 13.724  14.702  -0.544  0.55 21.84 ? 30  ARG A NE  1 
ATOM   200 N NE  B ARG A 1 30 ? 12.503  11.376  -3.567  0.45 15.47 ? 30  ARG A NE  1 
ATOM   201 C CZ  A ARG A 1 30 ? 15.012  14.491  -0.417  0.55 15.95 ? 30  ARG A CZ  1 
ATOM   202 C CZ  B ARG A 1 30 ? 12.580  11.838  -4.800  0.45 15.14 ? 30  ARG A CZ  1 
ATOM   203 N NH1 A ARG A 1 30 ? 15.477  13.262  -0.341  0.55 35.17 ? 30  ARG A NH1 1 
ATOM   204 N NH1 B ARG A 1 30 ? 12.004  13.008  -5.054  0.45 11.06 ? 30  ARG A NH1 1 
ATOM   205 N NH2 A ARG A 1 30 ? 15.856  15.525  -0.299  0.55 18.14 ? 30  ARG A NH2 1 
ATOM   206 N NH2 B ARG A 1 30 ? 13.243  11.201  -5.772  0.45 18.48 ? 30  ARG A NH2 1 
ATOM   207 N N   . ILE A 1 31 ? 9.437   11.703  2.683   1.00 9.82  ? 31  ILE A N   1 
ATOM   208 C CA  . ILE A 1 31 ? 9.078   12.457  3.892   1.00 9.32  ? 31  ILE A CA  1 
ATOM   209 C C   . ILE A 1 31 ? 9.551   11.756  5.162   1.00 9.71  ? 31  ILE A C   1 
ATOM   210 O O   . ILE A 1 31 ? 9.495   10.530  5.288   1.00 10.84 ? 31  ILE A O   1 
ATOM   211 C CB  . ILE A 1 31 ? 7.557   12.695  3.935   1.00 9.19  ? 31  ILE A CB  1 
ATOM   212 C CG1 . ILE A 1 31 ? 6.740   11.419  3.799   1.00 9.53  ? 31  ILE A CG1 1 
ATOM   213 C CG2 . ILE A 1 31 ? 7.141   13.745  2.912   1.00 11.07 ? 31  ILE A CG2 1 
ATOM   214 C CD1 . ILE A 1 31 ? 5.257   11.567  4.049   1.00 11.20 ? 31  ILE A CD1 1 
ATOM   215 N N   . ARG A 1 32 ? 9.983   12.599  6.121   1.00 9.32  ? 32  ARG A N   1 
ATOM   216 C CA  . ARG A 1 32 ? 10.414  12.163  7.442   1.00 9.22  ? 32  ARG A CA  1 
ATOM   217 C C   . ARG A 1 32 ? 9.356   12.594  8.452   1.00 8.60  ? 32  ARG A C   1 
ATOM   218 O O   . ARG A 1 32 ? 9.060   13.763  8.588   1.00 10.67 ? 32  ARG A O   1 
ATOM   219 C CB  . ARG A 1 32 ? 11.775  12.760  7.804   1.00 9.89  ? 32  ARG A CB  1 
ATOM   220 C CG  . ARG A 1 32 ? 12.871  12.200  6.868   1.00 13.14 ? 32  ARG A CG  1 
ATOM   221 C CD  . ARG A 1 32 ? 13.073  13.150  5.713   1.00 14.61 ? 32  ARG A CD  1 
ATOM   222 N NE  . ARG A 1 32 ? 14.401  12.848  5.188   1.00 19.70 ? 32  ARG A NE  1 
ATOM   223 C CZ  . ARG A 1 32 ? 14.910  12.737  4.047   1.00 17.59 ? 32  ARG A CZ  1 
ATOM   224 N NH1 . ARG A 1 32 ? 14.104  12.792  3.018   1.00 31.63 ? 32  ARG A NH1 1 
ATOM   225 N NH2 . ARG A 1 32 ? 16.216  12.524  3.872   1.00 25.07 ? 32  ARG A NH2 1 
ATOM   226 N N   . CYS A 1 33 ? 8.733   11.621  9.091   1.00 9.28  ? 33  CYS A N   1 
ATOM   227 C CA  . CYS A 1 33 ? 7.550   11.804  9.895   1.00 8.56  ? 33  CYS A CA  1 
ATOM   228 C C   . CYS A 1 33 ? 7.752   11.333  11.333  1.00 8.95  ? 33  CYS A C   1 
ATOM   229 O O   . CYS A 1 33 ? 8.232   10.246  11.617  1.00 10.16 ? 33  CYS A O   1 
ATOM   230 C CB  . CYS A 1 33 ? 6.419   10.984  9.279   1.00 11.63 ? 33  CYS A CB  1 
ATOM   231 S SG  . CYS A 1 33 ? 5.965   11.437  7.599   1.00 11.16 ? 33  CYS A SG  1 
ATOM   232 N N   . LYS A 1 34 ? 7.229   12.162  12.271  1.00 9.77  ? 34  LYS A N   1 
ATOM   233 C CA  . LYS A 1 34 ? 7.384   11.891  13.699  1.00 10.19 ? 34  LYS A CA  1 
ATOM   234 C C   . LYS A 1 34 ? 6.711   10.607  14.152  1.00 10.39 ? 34  LYS A C   1 
ATOM   235 O O   . LYS A 1 34 ? 7.213   9.997   15.125  1.00 11.47 ? 34  LYS A O   1 
ATOM   236 C CB  . LYS A 1 34 ? 6.900   13.064  14.538  1.00 15.41 ? 34  LYS A CB  1 
ATOM   237 C CG  . LYS A 1 34 ? 6.337   12.851  15.894  1.00 34.61 ? 34  LYS A CG  1 
ATOM   238 C CD  . LYS A 1 34 ? 5.700   14.135  16.439  1.00 39.29 ? 34  LYS A CD  1 
ATOM   239 C CE  . LYS A 1 34 ? 4.883   14.850  15.384  1.00 46.01 ? 34  LYS A CE  1 
ATOM   240 N NZ  . LYS A 1 34 ? 3.874   15.821  15.860  1.00 64.91 ? 34  LYS A NZ  1 
ATOM   241 N N   . TYR A 1 35 ? 5.651   10.197  13.519  1.00 9.14  ? 35  TYR A N   1 
ATOM   242 C CA  . TYR A 1 35 ? 4.974   8.953   13.847  1.00 10.43 ? 35  TYR A CA  1 
ATOM   243 C C   . TYR A 1 35 ? 4.987   8.010   12.652  1.00 11.33 ? 35  TYR A C   1 
ATOM   244 O O   . TYR A 1 35 ? 4.136   7.124   12.555  1.00 11.03 ? 35  TYR A O   1 
ATOM   245 C CB  . TYR A 1 35 ? 3.534   9.152   14.338  1.00 12.01 ? 35  TYR A CB  1 
ATOM   246 C CG  . TYR A 1 35 ? 3.420   10.190  15.397  1.00 15.23 ? 35  TYR A CG  1 
ATOM   247 C CD1 . TYR A 1 35 ? 4.012   10.032  16.617  1.00 20.78 ? 35  TYR A CD1 1 
ATOM   248 C CD2 . TYR A 1 35 ? 2.679   11.347  15.163  1.00 17.63 ? 35  TYR A CD2 1 
ATOM   249 C CE1 . TYR A 1 35 ? 3.895   10.996  17.619  1.00 25.82 ? 35  TYR A CE1 1 
ATOM   250 C CE2 . TYR A 1 35 ? 2.578   12.312  16.135  1.00 25.33 ? 35  TYR A CE2 1 
ATOM   251 C CZ  . TYR A 1 35 ? 3.207   12.149  17.340  1.00 23.60 ? 35  TYR A CZ  1 
ATOM   252 O OH  . TYR A 1 35 ? 3.045   13.089  18.337  1.00 31.12 ? 35  TYR A OH  1 
ATOM   253 N N   . GLY A 1 36 ? 5.914   8.165   11.726  1.00 10.34 ? 36  GLY A N   1 
ATOM   254 C CA  . GLY A 1 36 ? 5.969   7.271   10.585  1.00 9.83  ? 36  GLY A CA  1 
ATOM   255 C C   . GLY A 1 36 ? 4.879   7.559   9.574   1.00 10.22 ? 36  GLY A C   1 
ATOM   256 O O   . GLY A 1 36 ? 4.206   8.603   9.611   1.00 9.73  ? 36  GLY A O   1 
ATOM   257 N N   . LEU A 1 37 ? 4.708   6.662   8.619   1.00 10.57 ? 37  LEU A N   1 
ATOM   258 C CA  . LEU A 1 37 ? 3.834   6.882   7.492   1.00 10.28 ? 37  LEU A CA  1 
ATOM   259 C C   . LEU A 1 37 ? 2.410   6.443   7.796   1.00 10.55 ? 37  LEU A C   1 
ATOM   260 O O   . LEU A 1 37 ? 2.192   5.492   8.560   1.00 12.07 ? 37  LEU A O   1 
ATOM   261 C CB  . LEU A 1 37 ? 4.340   6.090   6.277   1.00 10.88 ? 37  LEU A CB  1 
ATOM   262 C CG  . LEU A 1 37 ? 5.749   6.508   5.814   1.00 10.19 ? 37  LEU A CG  1 
ATOM   263 C CD1 . LEU A 1 37 ? 6.189   5.498   4.740   1.00 10.36 ? 37  LEU A CD1 1 
ATOM   264 C CD2 . LEU A 1 37 ? 5.735   7.898   5.278   1.00 10.66 ? 37  LEU A CD2 1 
ATOM   265 N N   . LYS A 1 38 ? 1.455   7.046   7.127   1.00 11.88 ? 38  LYS A N   1 
ATOM   266 C CA  . LYS A 1 38 ? 0.045   6.669   7.214   1.00 11.47 ? 38  LYS A CA  1 
ATOM   267 C C   . LYS A 1 38 ? -0.198  5.387   6.432   1.00 11.39 ? 38  LYS A C   1 
ATOM   268 O O   . LYS A 1 38 ? 0.267   5.210   5.320   1.00 14.56 ? 38  LYS A O   1 
ATOM   269 C CB  . LYS A 1 38 ? -0.737  7.863   6.618   1.00 14.88 ? 38  LYS A CB  1 
ATOM   270 C CG  . LYS A 1 38 ? -2.208  7.858   6.788   1.00 19.01 ? 38  LYS A CG  1 
ATOM   271 C CD  . LYS A 1 38 ? -2.848  9.141   6.372   1.00 19.51 ? 38  LYS A CD  1 
ATOM   272 C CE  . LYS A 1 38 ? -2.856  10.319  7.320   1.00 28.93 ? 38  LYS A CE  1 
ATOM   273 N NZ  . LYS A 1 38 ? -3.818  11.355  6.823   1.00 57.21 ? 38  LYS A NZ  1 
ATOM   274 N N   . LYS A 1 39 ? -0.989  4.489   7.024   1.00 11.36 ? 39  LYS A N   1 
ATOM   275 C CA  . LYS A 1 39 ? -1.381  3.243   6.390   1.00 11.14 ? 39  LYS A CA  1 
ATOM   276 C C   . LYS A 1 39 ? -2.829  3.323   5.888   1.00 11.14 ? 39  LYS A C   1 
ATOM   277 O O   . LYS A 1 39 ? -3.639  3.913   6.568   1.00 13.06 ? 39  LYS A O   1 
ATOM   278 C CB  . LYS A 1 39 ? -1.293  2.078   7.365   1.00 11.96 ? 39  LYS A CB  1 
ATOM   279 C CG  . LYS A 1 39 ? 0.148   1.661   7.647   1.00 12.69 ? 39  LYS A CG  1 
ATOM   280 C CD  . LYS A 1 39 ? 0.194   0.582   8.735   1.00 13.95 ? 39  LYS A CD  1 
ATOM   281 C CE  . LYS A 1 39 ? 1.480   -0.191  8.777   1.00 18.35 ? 39  LYS A CE  1 
ATOM   282 N NZ  . LYS A 1 39 ? 1.590   -1.324  7.840   1.00 17.81 ? 39  LYS A NZ  1 
ATOM   283 N N   . ASP A 1 40 ? -3.065  2.735   4.712   1.00 9.14  ? 40  ASP A N   1 
ATOM   284 C CA  . ASP A 1 40 ? -4.434  2.571   4.261   1.00 9.57  ? 40  ASP A CA  1 
ATOM   285 C C   . ASP A 1 40 ? -5.033  1.333   4.925   1.00 8.88  ? 40  ASP A C   1 
ATOM   286 O O   . ASP A 1 40 ? -4.430  0.741   5.795   1.00 10.54 ? 40  ASP A O   1 
ATOM   287 C CB  . ASP A 1 40 ? -4.488  2.526   2.745   1.00 9.52  ? 40  ASP A CB  1 
ATOM   288 C CG  . ASP A 1 40 ? -3.917  1.286   2.073   1.00 8.27  ? 40  ASP A CG  1 
ATOM   289 O OD1 . ASP A 1 40 ? -3.733  0.262   2.740   1.00 9.56  ? 40  ASP A OD1 1 
ATOM   290 O OD2 . ASP A 1 40 ? -3.626  1.357   0.839   1.00 9.99  ? 40  ASP A OD2 1 
ATOM   291 N N   . GLU A 1 41 ? -6.247  1.001   4.525   1.00 9.66  ? 41  GLU A N   1 
ATOM   292 C CA  . GLU A 1 41 ? -6.953  -0.083  5.193   1.00 10.09 ? 41  GLU A CA  1 
ATOM   293 C C   . GLU A 1 41 ? -6.400  -1.448  4.914   1.00 11.81 ? 41  GLU A C   1 
ATOM   294 O O   . GLU A 1 41 ? -6.806  -2.382  5.613   1.00 14.16 ? 41  GLU A O   1 
ATOM   295 C CB  . GLU A 1 41 ? -8.457  0.003   4.809   1.00 12.01 ? 41  GLU A CB  1 
ATOM   296 C CG  . GLU A 1 41 ? -9.036  1.312   5.328   1.00 12.63 ? 41  GLU A CG  1 
ATOM   297 C CD  . GLU A 1 41 ? -8.942  2.497   4.402   1.00 11.82 ? 41  GLU A CD  1 
ATOM   298 O OE1 . GLU A 1 41 ? -8.380  2.356   3.295   1.00 11.62 ? 41  GLU A OE1 1 
ATOM   299 O OE2 . GLU A 1 41 ? -9.340  3.614   4.805   1.00 13.48 ? 41  GLU A OE2 1 
ATOM   300 N N   . ASN A 1 42 ? -5.474  -1.569  3.971   1.00 11.36 ? 42  ASN A N   1 
ATOM   301 C CA  . ASN A 1 42 ? -4.778  -2.829  3.777   1.00 11.51 ? 42  ASN A CA  1 
ATOM   302 C C   . ASN A 1 42 ? -3.386  -2.827  4.433   1.00 12.74 ? 42  ASN A C   1 
ATOM   303 O O   . ASN A 1 42 ? -2.624  -3.790  4.356   1.00 17.17 ? 42  ASN A O   1 
ATOM   304 C CB  . ASN A 1 42 ? -4.543  -3.157  2.299   1.00 13.65 ? 42  ASN A CB  1 
ATOM   305 C CG  . ASN A 1 42 ? -5.894  -3.392  1.663   1.00 14.36 ? 42  ASN A CG  1 
ATOM   306 O OD1 . ASN A 1 42 ? -6.589  -4.332  2.088   1.00 27.19 ? 42  ASN A OD1 1 
ATOM   307 N ND2 . ASN A 1 42 ? -6.212  -2.541  0.776   1.00 11.63 ? 42  ASN A ND2 1 
ATOM   308 N N   . GLY A 1 43 ? -3.021  -1.690  5.059   1.00 10.39 ? 43  GLY A N   1 
ATOM   309 C CA  . GLY A 1 43 ? -1.711  -1.576  5.635   1.00 10.63 ? 43  GLY A CA  1 
ATOM   310 C C   . GLY A 1 43 ? -0.689  -0.921  4.748   1.00 9.14  ? 43  GLY A C   1 
ATOM   311 O O   . GLY A 1 43 ? 0.480   -0.723  5.193   1.00 10.51 ? 43  GLY A O   1 
ATOM   312 N N   . CYS A 1 44 ? -1.039  -0.534  3.520   1.00 9.17  ? 44  CYS A N   1 
ATOM   313 C CA  . CYS A 1 44 ? -0.052  0.001   2.618   1.00 9.03  ? 44  CYS A CA  1 
ATOM   314 C C   . CYS A 1 44 ? 0.190   1.495   2.864   1.00 9.11  ? 44  CYS A C   1 
ATOM   315 O O   . CYS A 1 44 ? -0.709  2.228   3.256   1.00 9.37  ? 44  CYS A O   1 
ATOM   316 C CB  . CYS A 1 44 ? -0.540  -0.179  1.158   1.00 8.94  ? 44  CYS A CB  1 
ATOM   317 S SG  . CYS A 1 44 ? -1.058  -1.860  0.720   1.00 9.57  ? 44  CYS A SG  1 
ATOM   318 N N   . GLU A 1 45 ? 1.422   1.907   2.603   1.00 13.13 ? 45  GLU A N   1 
ATOM   319 C CA  . GLU A 1 45 ? 1.895   3.257   2.819   1.00 13.43 ? 45  GLU A CA  1 
ATOM   320 C C   . GLU A 1 45 ? 2.058   4.016   1.517   1.00 13.37 ? 45  GLU A C   1 
ATOM   321 O O   . GLU A 1 45 ? 3.142   4.335   1.073   1.00 14.65 ? 45  GLU A O   1 
ATOM   322 C CB  A GLU A 1 45 ? 3.201   3.075   3.632   0.70 13.59 ? 45  GLU A CB  1 
ATOM   323 C CB  B GLU A 1 45 ? 3.083   3.378   3.744   0.30 10.43 ? 45  GLU A CB  1 
ATOM   324 C CG  A GLU A 1 45 ? 3.200   2.401   5.003   0.70 13.28 ? 45  GLU A CG  1 
ATOM   325 C CG  B GLU A 1 45 ? 2.440   3.370   5.152   0.30 14.41 ? 45  GLU A CG  1 
ATOM   326 C CD  A GLU A 1 45 ? 3.466   0.902   5.103   0.70 13.38 ? 45  GLU A CD  1 
ATOM   327 C CD  B GLU A 1 45 ? 3.466   2.715   6.064   0.30 8.41  ? 45  GLU A CD  1 
ATOM   328 O OE1 A GLU A 1 45 ? 3.553   0.074   4.180   0.70 13.88 ? 45  GLU A OE1 1 
ATOM   329 O OE1 B GLU A 1 45 ? 4.402   2.171   5.440   0.30 7.58  ? 45  GLU A OE1 1 
ATOM   330 O OE2 A GLU A 1 45 ? 3.484   0.342   6.232   0.70 20.68 ? 45  GLU A OE2 1 
ATOM   331 O OE2 B GLU A 1 45 ? 3.338   2.929   7.289   0.30 12.39 ? 45  GLU A OE2 1 
ATOM   332 N N   . TYR A 1 46 ? 0.968   4.221   0.788   1.00 21.70 ? 46  TYR A N   1 
ATOM   333 C CA  . TYR A 1 46 ? 0.909   4.829   -0.527  1.00 20.66 ? 46  TYR A CA  1 
ATOM   334 C C   . TYR A 1 46 ? -0.468  5.467   -0.714  1.00 28.86 ? 46  TYR A C   1 
ATOM   335 O O   . TYR A 1 46 ? -1.485  4.889   -0.402  1.00 54.94 ? 46  TYR A O   1 
ATOM   336 C CB  . TYR A 1 46 ? 1.178   3.861   -1.690  1.00 31.45 ? 46  TYR A CB  1 
ATOM   337 C CG  . TYR A 1 46 ? 1.078   4.550   -3.040  1.00 30.44 ? 46  TYR A CG  1 
ATOM   338 C CD1 . TYR A 1 46 ? 2.138   5.282   -3.559  1.00 29.23 ? 46  TYR A CD1 1 
ATOM   339 C CD2 . TYR A 1 46 ? -0.067  4.473   -3.827  1.00 32.28 ? 46  TYR A CD2 1 
ATOM   340 C CE1 . TYR A 1 46 ? 2.047   5.897   -4.786  1.00 34.45 ? 46  TYR A CE1 1 
ATOM   341 C CE2 . TYR A 1 46 ? -0.172  5.131   -5.036  1.00 33.19 ? 46  TYR A CE2 1 
ATOM   342 C CZ  . TYR A 1 46 ? 0.887   5.864   -5.535  1.00 35.24 ? 46  TYR A CZ  1 
ATOM   343 O OH  . TYR A 1 46 ? 0.783   6.499   -6.772  1.00 36.52 ? 46  TYR A OH  1 
ATOM   344 N N   . PRO A 1 47 ? -0.573  6.704   -1.115  1.00 20.82 ? 47  PRO A N   1 
ATOM   345 C CA  . PRO A 1 47 ? 0.498   7.679   -1.255  1.00 16.07 ? 47  PRO A CA  1 
ATOM   346 C C   . PRO A 1 47 ? 1.167   8.015   0.112   1.00 15.28 ? 47  PRO A C   1 
ATOM   347 O O   . PRO A 1 47 ? 0.645   7.646   1.155   1.00 17.21 ? 47  PRO A O   1 
ATOM   348 C CB  . PRO A 1 47 ? -0.212  8.945   -1.743  1.00 20.55 ? 47  PRO A CB  1 
ATOM   349 C CG  . PRO A 1 47 ? -1.470  8.478   -2.336  1.00 24.27 ? 47  PRO A CG  1 
ATOM   350 C CD  . PRO A 1 47 ? -1.864  7.304   -1.500  1.00 21.34 ? 47  PRO A CD  1 
ATOM   351 N N   . CYS A 1 48 ? 2.384   8.524   0.005   1.00 13.36 ? 48  CYS A N   1 
ATOM   352 C CA  . CYS A 1 48 ? 3.187   8.840   1.188   1.00 11.98 ? 48  CYS A CA  1 
ATOM   353 C C   . CYS A 1 48 ? 2.552   10.007  1.940   1.00 12.80 ? 48  CYS A C   1 
ATOM   354 O O   . CYS A 1 48 ? 2.443   11.100  1.399   1.00 14.49 ? 48  CYS A O   1 
ATOM   355 C CB  . CYS A 1 48 ? 4.604   9.281   0.832   1.00 12.43 ? 48  CYS A CB  1 
ATOM   356 S SG  . CYS A 1 48 ? 5.511   7.987   -0.107  1.00 12.11 ? 48  CYS A SG  1 
ATOM   357 N N   . SER A 1 49 ? 2.220   9.801   3.214   1.00 12.57 ? 49  SER A N   1 
ATOM   358 C CA  . SER A 1 49 ? 1.704   10.838  4.107   1.00 12.06 ? 49  SER A CA  1 
ATOM   359 C C   . SER A 1 49 ? 2.151   10.503  5.522   1.00 11.80 ? 49  SER A C   1 
ATOM   360 O O   . SER A 1 49 ? 2.355   9.320   5.827   1.00 12.93 ? 49  SER A O   1 
ATOM   361 C CB  . SER A 1 49 ? 0.138   10.912  4.007   1.00 15.52 ? 49  SER A CB  1 
ATOM   362 O OG  . SER A 1 49 ? -0.244  11.881  4.946   1.00 59.55 ? 49  SER A OG  1 
ATOM   363 N N   . CYS A 1 50 ? 2.296   11.468  6.402   1.00 12.65 ? 50  CYS A N   1 
ATOM   364 C CA  . CYS A 1 50 ? 2.663   11.204  7.799   1.00 11.19 ? 50  CYS A CA  1 
ATOM   365 C C   . CYS A 1 50 ? 1.436   10.713  8.550   1.00 14.26 ? 50  CYS A C   1 
ATOM   366 O O   . CYS A 1 50 ? 0.340   11.321  8.390   1.00 16.38 ? 50  CYS A O   1 
ATOM   367 C CB  . CYS A 1 50 ? 3.224   12.433  8.483   1.00 11.10 ? 50  CYS A CB  1 
ATOM   368 S SG  . CYS A 1 50 ? 4.774   13.082  7.830   1.00 11.79 ? 50  CYS A SG  1 
ATOM   369 N N   . ALA A 1 51 ? 1.623   9.699   9.362   1.00 11.80 ? 51  ALA A N   1 
ATOM   370 C CA  . ALA A 1 51 ? 0.574   9.208   10.229  1.00 12.10 ? 51  ALA A CA  1 
ATOM   371 C C   . ALA A 1 51 ? 0.198   10.206  11.313  1.00 15.70 ? 51  ALA A C   1 
ATOM   372 O O   . ALA A 1 51 ? 1.064   10.971  11.752  1.00 14.99 ? 51  ALA A O   1 
ATOM   373 C CB  . ALA A 1 51 ? 0.971   7.893   10.896  1.00 12.95 ? 51  ALA A CB  1 
ATOM   374 N N   . LYS A 1 52 ? -1.094  10.220  11.679  1.00 22.62 ? 52  LYS A N   1 
ATOM   375 C CA  . LYS A 1 52 ? -1.558  11.103  12.726  1.00 28.85 ? 52  LYS A CA  1 
ATOM   376 C C   . LYS A 1 52 ? -1.009  10.700  14.091  1.00 34.79 ? 52  LYS A C   1 
ATOM   377 O O   . LYS A 1 52 ? -0.848  11.643  14.879  1.00 41.98 ? 52  LYS A O   1 
ATOM   378 C CB  . LYS A 1 52 ? -3.097  11.129  12.729  1.00 37.98 ? 52  LYS A CB  1 
ATOM   379 C CG  . LYS A 1 52 ? -3.705  11.422  11.367  1.00 42.61 ? 52  LYS A CG  1 
ATOM   380 C CD  . LYS A 1 52 ? -5.222  11.573  11.335  1.00 44.71 ? 52  LYS A CD  1 
ATOM   381 C CE  . LYS A 1 52 ? -5.738  11.111  9.976   1.00 56.65 ? 52  LYS A CE  1 
ATOM   382 N NZ  . LYS A 1 52 ? -7.048  11.716  9.623   1.00 53.32 ? 52  LYS A NZ  1 
ATOM   383 N N   . ALA A 1 53 ? -0.723  9.451   14.388  1.00 29.78 ? 53  ALA A N   1 
ATOM   384 C CA  . ALA A 1 53 ? -0.275  8.866   15.628  1.00 43.55 ? 53  ALA A CA  1 
ATOM   385 C C   . ALA A 1 53 ? -1.333  8.011   16.372  1.00 65.86 ? 53  ALA A C   1 
ATOM   386 O O   . ALA A 1 53 ? -1.143  7.713   17.570  1.00 65.75 ? 53  ALA A O   1 
ATOM   387 C CB  . ALA A 1 53 ? 0.221   9.821   16.705  1.00 64.60 ? 53  ALA A CB  1 
HETATM 388 S S   . SO4 B 2 .  ? -3.598  7.701   10.991  0.65 20.82 ? 100 SO4 A S   1 
HETATM 389 O O1  . SO4 B 2 .  ? -3.074  7.634   12.349  0.65 30.74 ? 100 SO4 A O1  1 
HETATM 390 O O2  . SO4 B 2 .  ? -2.854  8.644   10.188  0.65 25.63 ? 100 SO4 A O2  1 
HETATM 391 O O3  . SO4 B 2 .  ? -5.019  8.164   11.038  0.65 30.39 ? 100 SO4 A O3  1 
HETATM 392 O O4  . SO4 B 2 .  ? -3.588  6.365   10.381  0.65 24.95 ? 100 SO4 A O4  1 
HETATM 393 S S   . SO4 C 2 .  ? -7.512  10.731  6.336   0.34 41.47 ? 101 SO4 A S   1 
HETATM 394 O O1  . SO4 C 2 .  ? -8.342  9.663   5.752   0.34 37.49 ? 101 SO4 A O1  1 
HETATM 395 O O2  . SO4 C 2 .  ? -6.533  11.177  5.334   0.34 37.73 ? 101 SO4 A O2  1 
HETATM 396 O O3  . SO4 C 2 .  ? -6.802  10.209  7.512   0.34 51.42 ? 101 SO4 A O3  1 
HETATM 397 O O4  . SO4 C 2 .  ? -8.364  11.854  6.735   0.34 55.41 ? 101 SO4 A O4  1 
HETATM 398 O O   . HOH D 3 .  ? -4.274  -0.996  -0.538  1.00 10.13 ? 102 HOH A O   1 
HETATM 399 O O   . HOH D 3 .  ? 10.139  15.450  5.626   1.00 10.18 ? 103 HOH A O   1 
HETATM 400 O O   . HOH D 3 .  ? -3.783  3.723   -0.506  1.00 11.02 ? 104 HOH A O   1 
HETATM 401 O O   . HOH D 3 .  ? 9.737   9.178   14.883  1.00 13.06 ? 105 HOH A O   1 
HETATM 402 O O   . HOH D 3 .  ? 3.825   10.733  11.421  1.00 11.69 ? 106 HOH A O   1 
HETATM 403 O O   . HOH D 3 .  ? -7.266  -0.266  -8.206  1.00 14.12 ? 107 HOH A O   1 
HETATM 404 O O   . HOH D 3 .  ? 1.831   6.874   3.679   1.00 14.19 ? 108 HOH A O   1 
HETATM 405 O O   . HOH D 3 .  ? 9.151   8.934   7.611   1.00 15.39 ? 109 HOH A O   1 
HETATM 406 O O   . HOH D 3 .  ? 3.807   -1.769  2.271   1.00 15.12 ? 110 HOH A O   1 
HETATM 407 O O   . HOH D 3 .  ? 3.477   9.223   -2.539  1.00 19.63 ? 111 HOH A O   1 
HETATM 408 O O   . HOH D 3 .  ? -1.804  4.933   9.761   1.00 19.86 ? 112 HOH A O   1 
HETATM 409 O O   . HOH D 3 .  ? -6.423  -6.028  -9.561  1.00 21.13 ? 113 HOH A O   1 
HETATM 410 O O   . HOH D 3 .  ? 4.055   1.612   -1.653  1.00 17.57 ? 114 HOH A O   1 
HETATM 411 O O   . HOH D 3 .  ? 2.351   1.209   -3.371  1.00 23.23 ? 115 HOH A O   1 
HETATM 412 O O   . HOH D 3 .  ? 2.801   0.120   0.548   1.00 18.06 ? 116 HOH A O   1 
HETATM 413 O O   . HOH D 3 .  ? 5.015   4.082   -1.091  1.00 20.54 ? 117 HOH A O   1 
HETATM 414 O O   . HOH D 3 .  ? -2.869  -1.849  -8.598  1.00 21.89 ? 118 HOH A O   1 
HETATM 415 O O   . HOH D 3 .  ? 2.155   5.318   13.251  1.00 21.95 ? 119 HOH A O   1 
HETATM 416 O O   . HOH D 3 .  ? -4.853  0.291   -9.765  1.00 23.30 ? 120 HOH A O   1 
HETATM 417 O O   . HOH D 3 .  ? 6.257   -17.433 -2.460  1.00 21.93 ? 121 HOH A O   1 
HETATM 418 O O   . HOH D 3 .  ? -3.310  12.128  3.514   1.00 32.98 ? 122 HOH A O   1 
HETATM 419 O O   . HOH D 3 .  ? 0.707   -0.879  -10.017 0.50 28.46 ? 123 HOH A O   1 
HETATM 420 O O   . HOH D 3 .  ? 7.273   9.102   17.740  1.00 26.31 ? 124 HOH A O   1 
HETATM 421 O O   . HOH D 3 .  ? 1.020   13.830  -1.251  1.00 62.61 ? 125 HOH A O   1 
HETATM 422 O O   . HOH D 3 .  ? -1.226  0.505   -8.971  1.00 28.50 ? 126 HOH A O   1 
HETATM 423 O O   . HOH D 3 .  ? -1.177  13.181  9.436   1.00 36.57 ? 127 HOH A O   1 
HETATM 424 O O   . HOH D 3 .  ? -10.846 4.062   6.926   1.00 35.29 ? 128 HOH A O   1 
HETATM 425 O O   . HOH D 3 .  ? -8.993  -3.859  -1.078  1.00 32.37 ? 129 HOH A O   1 
HETATM 426 O O   . HOH D 3 .  ? -8.325  -14.423 -9.460  0.50 28.46 ? 130 HOH A O   1 
HETATM 427 O O   . HOH D 3 .  ? -0.740  12.923  17.042  1.00 37.41 ? 131 HOH A O   1 
HETATM 428 O O   . HOH D 3 .  ? 7.794   -0.705  -7.255  0.50 29.66 ? 132 HOH A O   1 
HETATM 429 O O   . HOH D 3 .  ? -12.169 2.033   8.057   1.00 31.54 ? 133 HOH A O   1 
HETATM 430 O O   . HOH D 3 .  ? 5.496   7.845   19.446  1.00 42.71 ? 134 HOH A O   1 
HETATM 431 O O   . HOH D 3 .  ? -6.142  -6.802  -0.229  1.00 43.30 ? 135 HOH A O   1 
HETATM 432 O O   . HOH D 3 .  ? 6.281   5.350   -2.636  1.00 43.42 ? 136 HOH A O   1 
HETATM 433 O O   . HOH D 3 .  ? 17.118  12.511  6.629   1.00 35.18 ? 137 HOH A O   1 
HETATM 434 O O   . HOH D 3 .  ? -8.736  -6.605  -10.955 1.00 40.16 ? 138 HOH A O   1 
HETATM 435 O O   . HOH D 3 .  ? 13.539  -2.239  -5.183  1.00 37.10 ? 139 HOH A O   1 
HETATM 436 O O   . HOH D 3 .  ? 6.244   1.309   -5.064  0.50 24.32 ? 140 HOH A O   1 
HETATM 437 O O   . HOH D 3 .  ? -7.484  -5.111  -2.529  1.00 32.73 ? 141 HOH A O   1 
HETATM 438 O O   . HOH D 3 .  ? 0.060   -13.211 -9.942  1.00 33.21 ? 142 HOH A O   1 
HETATM 439 O O   . HOH D 3 .  ? -10.956 -6.919  -10.482 0.50 25.88 ? 143 HOH A O   1 
HETATM 440 O O   . HOH D 3 .  ? -11.974 -12.268 -12.440 1.00 31.88 ? 144 HOH A O   1 
HETATM 441 O O   . HOH D 3 .  ? 19.094  14.249  6.860   0.50 32.63 ? 145 HOH A O   1 
HETATM 442 O O   . HOH D 3 .  ? -4.330  -8.219  0.002   0.50 31.83 ? 146 HOH A O   1 
HETATM 443 O O   . HOH D 3 .  ? 1.946   -12.972 -2.741  1.00 22.53 ? 147 HOH A O   1 
HETATM 444 O O   . HOH D 3 .  ? 6.372   4.379   -5.187  0.50 27.14 ? 148 HOH A O   1 
HETATM 445 O O   . HOH D 3 .  ? 3.197   -13.041 -10.021 1.00 35.02 ? 149 HOH A O   1 
HETATM 446 O O   . HOH D 3 .  ? -5.671  -3.538  -9.693  0.50 29.64 ? 150 HOH A O   1 
HETATM 447 O O   . HOH D 3 .  ? -0.908  -5.537  -10.369 1.00 38.52 ? 151 HOH A O   1 
HETATM 448 O O   . HOH D 3 .  ? 13.013  17.122  -0.240  0.50 21.06 ? 152 HOH A O   1 
HETATM 449 O O   . HOH D 3 .  ? -4.463  0.431   8.468   0.50 30.84 ? 153 HOH A O   1 
# 
loop_
_atom_site_anisotrop.id 
_atom_site_anisotrop.type_symbol 
_atom_site_anisotrop.pdbx_label_atom_id 
_atom_site_anisotrop.pdbx_label_alt_id 
_atom_site_anisotrop.pdbx_label_comp_id 
_atom_site_anisotrop.pdbx_label_asym_id 
_atom_site_anisotrop.pdbx_label_seq_id 
_atom_site_anisotrop.pdbx_PDB_ins_code 
_atom_site_anisotrop.U[1][1] 
_atom_site_anisotrop.U[2][2] 
_atom_site_anisotrop.U[3][3] 
_atom_site_anisotrop.U[1][2] 
_atom_site_anisotrop.U[1][3] 
_atom_site_anisotrop.U[2][3] 
_atom_site_anisotrop.pdbx_auth_seq_id 
_atom_site_anisotrop.pdbx_auth_comp_id 
_atom_site_anisotrop.pdbx_auth_asym_id 
_atom_site_anisotrop.pdbx_auth_atom_id 
1   N N   . GLY A 3  ? 1.4421 0.4715 0.7000 0.5942  -0.0229 0.0259  3   GLY A N   
2   C CA  . GLY A 3  ? 1.0561 0.2932 0.9005 0.1870  -0.1981 0.2716  3   GLY A CA  
3   C C   . GLY A 3  ? 0.8843 0.5142 0.8238 -0.0582 -0.3051 0.2932  3   GLY A C   
4   O O   . GLY A 3  ? 0.9716 0.2769 0.6078 0.0909  -0.2940 -0.0277 3   GLY A O   
5   N N   . ASN A 4  ? 0.8372 0.2723 0.4800 -0.1362 -0.3082 0.0998  4   ASN A N   
6   C CA  . ASN A 4  ? 0.4121 0.2691 0.4271 -0.1549 -0.1369 0.0414  4   ASN A CA  
7   C C   . ASN A 4  ? 0.3826 0.3519 0.4749 -0.1524 -0.1832 -0.0172 4   ASN A C   
8   O O   . ASN A 4  ? 0.5106 0.2360 0.5865 -0.0892 -0.1545 -0.0332 4   ASN A O   
9   C CB  . ASN A 4  ? 0.4346 0.2832 0.4206 -0.1329 -0.1865 0.0509  4   ASN A CB  
10  C CG  . ASN A 4  ? 0.3066 0.4592 0.6280 -0.0753 -0.1023 0.2314  4   ASN A CG  
11  O OD1 . ASN A 4  ? 0.3456 0.2162 0.5097 -0.0692 -0.0457 -0.0441 4   ASN A OD1 
12  N ND2 . ASN A 4  ? 0.2686 0.3542 0.4733 -0.1195 -0.1524 0.1003  4   ASN A ND2 
13  N N   . THR A 5  ? 0.2352 0.3868 0.4756 -0.0755 -0.1216 -0.0775 5   THR A N   
14  C CA  . THR A 5  ? 0.3597 0.2498 0.4838 -0.0005 -0.1677 -0.0555 5   THR A CA  
15  C C   . THR A 5  ? 0.2847 0.3758 0.6089 0.0425  -0.2105 -0.3490 5   THR A C   
16  O O   . THR A 5  ? 0.4430 0.3274 0.4852 0.0692  -0.1729 -0.2761 5   THR A O   
17  C CB  . THR A 5  ? 0.3230 0.1734 0.4811 0.1017  -0.1368 -0.1202 5   THR A CB  
18  O OG1 . THR A 5  ? 0.3136 0.2120 0.4728 0.0334  -0.0851 -0.1379 5   THR A OG1 
19  C CG2 . THR A 5  ? 0.3781 0.3184 0.5909 0.1726  -0.2447 -0.1565 5   THR A CG2 
20  N N   . CYS A 6  ? 0.2167 0.3233 0.5392 0.0760  -0.1395 -0.2991 6   CYS A N   
21  C CA  . CYS A 6  ? 0.2203 0.2285 0.4530 0.0300  -0.0883 -0.2079 6   CYS A CA  
22  C C   . CYS A 6  ? 0.1868 0.1605 0.6424 0.0232  0.0400  -0.1858 6   CYS A C   
23  O O   . CYS A 6  ? 0.2257 0.1713 0.5565 0.0086  0.0101  -0.1503 6   CYS A O   
24  C CB  . CYS A 6  ? 0.1597 0.2330 0.4536 -0.0188 -0.0640 -0.1342 6   CYS A CB  
25  S SG  . CYS A 6  ? 0.1931 0.2006 0.3269 0.0068  -0.0364 -0.1072 6   CYS A SG  
26  N N   . GLY A 7  ? 0.2105 0.1610 0.8608 0.0384  0.0156  -0.2176 7   GLY A N   
27  C CA  . GLY A 7  ? 0.2119 0.1577 1.0914 0.0058  0.0254  -0.1183 7   GLY A CA  
28  C C   . GLY A 7  ? 0.2477 0.0588 1.2842 0.0353  0.1125  -0.0339 7   GLY A C   
29  O O   . GLY A 7  ? 0.2838 0.3335 1.2618 0.0111  0.1344  -0.1193 7   GLY A O   
30  N N   . GLY A 8  ? 0.1899 0.1378 1.2013 0.0044  -0.0347 -0.3263 8   GLY A N   
31  C CA  . GLY A 8  ? 0.2043 0.1799 0.9230 -0.0281 0.0444  -0.2776 8   GLY A CA  
32  C C   . GLY A 8  ? 0.2229 0.1751 0.6182 -0.0103 0.0523  -0.1957 8   GLY A C   
33  O O   . GLY A 8  ? 0.2483 0.2341 0.7240 0.0219  0.1005  -0.1963 8   GLY A O   
34  N N   . GLU A 9  ? 0.2837 0.1369 0.6156 -0.0416 0.0600  -0.1637 9   GLU A N   
35  C CA  . GLU A 9  ? 0.2325 0.0954 0.4986 0.0304  -0.0168 -0.0855 9   GLU A CA  
36  C C   . GLU A 9  ? 0.1710 0.1340 0.3898 0.0128  -0.0331 -0.1225 9   GLU A C   
37  O O   . GLU A 9  ? 0.2369 0.1723 0.4514 0.0318  0.0070  -0.1772 9   GLU A O   
38  C CB  . GLU A 9  ? 0.2481 0.1557 0.4361 0.0133  0.0281  -0.0455 9   GLU A CB  
39  C CG  A GLU A 9  ? 0.4122 0.0378 0.5543 -0.0085 0.0308  -0.0027 9   GLU A CG  
40  C CG  B GLU A 9  ? 0.1517 0.5391 0.7970 0.1202  -0.1234 -0.1087 9   GLU A CG  
41  C CD  A GLU A 9  ? 0.4788 0.1494 0.4138 0.0784  0.1865  0.1203  9   GLU A CD  
42  C CD  B GLU A 9  ? 0.2185 0.6222 0.6314 0.1388  -0.0938 -0.3905 9   GLU A CD  
43  O OE1 A GLU A 9  ? 0.4548 0.0927 0.5185 0.0314  0.1795  0.0409  9   GLU A OE1 
44  O OE1 B GLU A 9  ? 0.5971 0.1416 0.4175 -0.0142 0.1146  -0.0588 9   GLU A OE1 
45  O OE2 A GLU A 9  ? 0.3779 0.1339 0.8207 0.0567  0.0598  0.1616  9   GLU A OE2 
46  O OE2 B GLU A 9  ? 0.0850 0.1826 0.2839 -0.0374 -0.0226 0.0229  9   GLU A OE2 
47  N N   . THR A 10 ? 0.1626 0.1280 0.3812 0.0011  0.0646  -0.0828 10  THR A N   
48  C CA  . THR A 10 ? 0.1053 0.1572 0.2695 -0.0083 0.0276  -0.0969 10  THR A CA  
49  C C   . THR A 10 ? 0.1254 0.1304 0.2550 0.0293  -0.0059 -0.0889 10  THR A C   
50  O O   . THR A 10 ? 0.1661 0.1605 0.2323 0.0262  -0.0022 -0.0638 10  THR A O   
51  C CB  . THR A 10 ? 0.1535 0.2058 0.1867 0.0263  -0.0035 -0.0747 10  THR A CB  
52  O OG1 . THR A 10 ? 0.2276 0.3250 0.3406 -0.0546 -0.1052 -0.0454 10  THR A OG1 
53  C CG2 . THR A 10 ? 0.1091 0.1975 0.3520 0.0444  0.0165  -0.0544 10  THR A CG2 
54  N N   . CYS A 11 ? 0.1106 0.1602 0.2385 0.0216  -0.0319 -0.0819 11  CYS A N   
55  C CA  . CYS A 11 ? 0.1283 0.1331 0.1629 0.0365  -0.0539 -0.0333 11  CYS A CA  
56  C C   . CYS A 11 ? 0.1581 0.1284 0.1792 0.0358  -0.0502 -0.0375 11  CYS A C   
57  O O   . CYS A 11 ? 0.2461 0.1323 0.1983 0.0255  -0.0931 -0.0278 11  CYS A O   
58  C CB  . CYS A 11 ? 0.1205 0.1456 0.2148 0.0381  -0.0546 -0.0457 11  CYS A CB  
59  S SG  . CYS A 11 ? 0.1716 0.1494 0.1960 0.0430  -0.0388 -0.0565 11  CYS A SG  
60  N N   . SER A 12 ? 0.1296 0.1138 0.1731 0.0303  -0.0417 -0.0230 12  SER A N   
61  C CA  . SER A 12 ? 0.0851 0.1118 0.1406 0.0367  -0.0351 -0.0181 12  SER A CA  
62  C C   . SER A 12 ? 0.0849 0.1179 0.1466 0.0259  -0.0322 -0.0446 12  SER A C   
63  O O   . SER A 12 ? 0.0960 0.1480 0.1754 0.0438  -0.0142 -0.0415 12  SER A O   
64  C CB  . SER A 12 ? 0.1151 0.1245 0.1316 -0.0096 -0.0330 -0.0150 12  SER A CB  
65  O OG  . SER A 12 ? 0.1290 0.1131 0.1332 -0.0034 -0.0237 -0.0194 12  SER A OG  
66  N N   . ALA A 13 ? 0.1021 0.1261 0.1003 0.0316  -0.0132 -0.0287 13  ALA A N   
67  C CA  . ALA A 13 ? 0.1087 0.1580 0.1454 0.0209  -0.0264 0.0176  13  ALA A CA  
68  C C   . ALA A 13 ? 0.1059 0.1539 0.1202 0.0313  -0.0251 -0.0349 13  ALA A C   
69  O O   . ALA A 13 ? 0.1121 0.2059 0.1853 0.0611  0.0114  0.0275  13  ALA A O   
70  C CB  . ALA A 13 ? 0.1287 0.1534 0.2231 0.0077  -0.0473 0.0320  13  ALA A CB  
71  N N   . ALA A 14 ? 0.1180 0.1116 0.1325 0.0556  -0.0218 -0.0377 14  ALA A N   
72  C CA  . ALA A 14 ? 0.1237 0.1039 0.1383 0.0346  -0.0368 -0.0066 14  ALA A CA  
73  C C   . ALA A 14 ? 0.0922 0.0969 0.1458 0.0184  0.0027  0.0088  14  ALA A C   
74  O O   . ALA A 14 ? 0.1015 0.1244 0.1713 0.0294  -0.0243 0.0026  14  ALA A O   
75  C CB  . ALA A 14 ? 0.0903 0.1704 0.1468 0.0304  -0.0314 -0.0420 14  ALA A CB  
76  N N   . GLN A 15 ? 0.1001 0.0914 0.1607 0.0152  -0.0108 0.0136  15  GLN A N   
77  C CA  . GLN A 15 ? 0.1339 0.0963 0.1539 0.0213  -0.0173 0.0013  15  GLN A CA  
78  C C   . GLN A 15 ? 0.1106 0.1128 0.1588 0.0209  -0.0255 -0.0113 15  GLN A C   
79  O O   . GLN A 15 ? 0.1962 0.1399 0.1529 0.0548  -0.0507 -0.0081 15  GLN A O   
80  C CB  . GLN A 15 ? 0.1514 0.0809 0.1376 -0.0009 -0.0190 -0.0348 15  GLN A CB  
81  C CG  . GLN A 15 ? 0.1480 0.0719 0.1402 0.0282  -0.0106 -0.0152 15  GLN A CG  
82  C CD  . GLN A 15 ? 0.1402 0.1292 0.1502 0.0164  -0.0174 -0.0149 15  GLN A CD  
83  O OE1 . GLN A 15 ? 0.1613 0.1283 0.1780 0.0146  -0.0392 0.0028  15  GLN A OE1 
84  N NE2 . GLN A 15 ? 0.1196 0.1534 0.1531 -0.0021 -0.0175 -0.0024 15  GLN A NE2 
85  N N   . VAL A 16 ? 0.1788 0.1192 0.1409 0.0427  -0.0244 -0.0139 16  VAL A N   
86  C CA  . VAL A 16 ? 0.1561 0.1397 0.1322 0.0355  -0.0167 -0.0063 16  VAL A CA  
87  C C   . VAL A 16 ? 0.1550 0.1239 0.1448 0.0702  -0.0180 -0.0254 16  VAL A C   
88  O O   . VAL A 16 ? 0.1566 0.1188 0.1615 0.0093  -0.0203 -0.0126 16  VAL A O   
89  C CB  . VAL A 16 ? 0.1490 0.2117 0.1785 0.0449  -0.0171 -0.0085 16  VAL A CB  
90  C CG1 . VAL A 16 ? 0.1395 0.2184 0.1733 0.0616  -0.0069 -0.0103 16  VAL A CG1 
91  C CG2 . VAL A 16 ? 0.1890 0.4314 0.1745 0.0503  0.0104  -0.0416 16  VAL A CG2 
92  N N   . CYS A 17 ? 0.2025 0.1584 0.1652 0.0509  -0.0246 -0.0480 17  CYS A N   
93  C CA  . CYS A 17 ? 0.1903 0.1534 0.1673 0.0461  -0.0412 -0.0373 17  CYS A CA  
94  C C   . CYS A 17 ? 0.1963 0.1633 0.1721 0.0519  -0.0297 -0.0532 17  CYS A C   
95  O O   . CYS A 17 ? 0.2142 0.2124 0.1802 0.0512  -0.0192 -0.0419 17  CYS A O   
96  C CB  . CYS A 17 ? 0.1964 0.2268 0.2021 0.0521  -0.0455 -0.0978 17  CYS A CB  
97  S SG  . CYS A 17 ? 0.2077 0.2232 0.2878 0.0463  -0.0620 -0.1260 17  CYS A SG  
98  N N   . LEU A 18 ? 0.1862 0.1519 0.2001 0.0545  -0.0042 -0.0239 18  LEU A N   
99  C CA  . LEU A 18 ? 0.2202 0.1691 0.1899 0.0810  -0.0536 -0.0755 18  LEU A CA  
100 C C   . LEU A 18 ? 0.2053 0.1537 0.2967 0.0877  -0.0303 -0.0948 18  LEU A C   
101 O O   . LEU A 18 ? 0.2033 0.1613 0.3500 0.0332  0.0118  -0.0835 18  LEU A O   
102 C CB  . LEU A 18 ? 0.2313 0.1566 0.1925 0.0640  -0.0718 -0.0189 18  LEU A CB  
103 C CG  . LEU A 18 ? 0.3075 0.1547 0.1907 0.0452  -0.0815 -0.0147 18  LEU A CG  
104 C CD1 . LEU A 18 ? 0.1865 0.1974 0.1978 0.0372  -0.0361 0.0083  18  LEU A CD1 
105 C CD2 . LEU A 18 ? 0.2812 0.2331 0.2072 -0.0042 -0.0715 -0.0106 18  LEU A CD2 
106 N N   . LYS A 19 ? 0.2431 0.1871 0.3762 0.0894  -0.0446 -0.1574 19  LYS A N   
107 C CA  . LYS A 19 ? 0.2289 0.1817 0.4702 0.0833  -0.0218 -0.1630 19  LYS A CA  
108 C C   . LYS A 19 ? 0.2476 0.1871 0.4976 0.1121  0.0225  -0.1350 19  LYS A C   
109 O O   . LYS A 19 ? 0.2970 0.1740 0.5506 -0.0360 -0.0484 -0.1301 19  LYS A O   
110 C CB  . LYS A 19 ? 0.2489 0.1575 0.5159 -0.0092 -0.0509 -0.0854 19  LYS A CB  
111 C CG  . LYS A 19 ? 0.2310 0.2753 0.5403 0.0049  -0.0714 -0.1644 19  LYS A CG  
112 C CD  . LYS A 19 ? 0.2940 0.2945 0.6187 0.0778  -0.1176 -0.1945 19  LYS A CD  
113 C CE  . LYS A 19 ? 0.2966 0.3310 0.3482 0.1535  -0.0673 -0.0383 19  LYS A CE  
114 N NZ  . LYS A 19 ? 0.3494 0.4916 0.3908 0.0343  -0.1779 0.0609  19  LYS A NZ  
115 N N   . GLY A 20 ? 0.2195 0.2181 0.4545 0.0633  -0.0612 -0.1955 20  GLY A N   
116 C CA  . GLY A 20 ? 0.2278 0.2706 0.4780 0.0500  -0.0364 -0.2146 20  GLY A CA  
117 C C   . GLY A 20 ? 0.2846 0.2340 0.4541 -0.0691 0.0270  -0.1760 20  GLY A C   
118 O O   . GLY A 20 ? 0.3047 0.1911 0.5418 -0.0787 0.0597  -0.1783 20  GLY A O   
119 N N   . LYS A 21 ? 0.2502 0.1478 0.3459 -0.0032 -0.0407 -0.0804 21  LYS A N   
120 C CA  . LYS A 21 ? 0.2135 0.1133 0.3510 -0.0088 -0.0333 -0.0643 21  LYS A CA  
121 C C   . LYS A 21 ? 0.1646 0.1099 0.3646 0.0097  -0.0198 -0.0403 21  LYS A C   
122 O O   . LYS A 21 ? 0.1885 0.1338 0.2767 0.0054  -0.0110 -0.0473 21  LYS A O   
123 C CB  . LYS A 21 ? 0.1314 0.0543 0.3460 0.0453  -0.0031 -0.0918 21  LYS A CB  
124 C CG  A LYS A 21 ? 0.4636 0.2516 0.3501 0.0867  0.1171  -0.0397 21  LYS A CG  
125 C CG  B LYS A 21 ? 0.4881 0.1105 0.3685 -0.0771 0.0724  -0.0139 21  LYS A CG  
126 N N   . CYS A 22 ? 0.1651 0.1164 0.2593 0.0143  -0.0374 -0.0257 22  CYS A N   
127 C CA  . CYS A 22 ? 0.1739 0.1133 0.1880 0.0200  -0.0381 -0.0218 22  CYS A CA  
128 C C   . CYS A 22 ? 0.1973 0.1013 0.1673 -0.0026 -0.0341 0.0208  22  CYS A C   
129 O O   . CYS A 22 ? 0.2077 0.1393 0.1761 -0.0314 -0.0104 0.0051  22  CYS A O   
130 C CB  . CYS A 22 ? 0.1455 0.1169 0.2065 -0.0050 -0.0093 -0.0429 22  CYS A CB  
131 S SG  . CYS A 22 ? 0.1470 0.1302 0.2360 0.0204  -0.0314 -0.0599 22  CYS A SG  
132 N N   . VAL A 23 ? 0.1740 0.1218 0.1219 0.0084  -0.0072 -0.0255 23  VAL A N   
133 C CA  . VAL A 23 ? 0.1764 0.1046 0.1112 0.0301  -0.0164 -0.0112 23  VAL A CA  
134 C C   . VAL A 23 ? 0.1237 0.1002 0.1257 0.0343  -0.0086 -0.0106 23  VAL A C   
135 O O   . VAL A 23 ? 0.1371 0.1132 0.1282 0.0086  -0.0279 -0.0109 23  VAL A O   
136 C CB  . VAL A 23 ? 0.1846 0.0876 0.1654 0.0302  -0.0038 -0.0046 23  VAL A CB  
137 C CG1 . VAL A 23 ? 0.2413 0.0835 0.2281 0.0225  0.0279  -0.0106 23  VAL A CG1 
138 C CG2 . VAL A 23 ? 0.1589 0.1346 0.1750 0.0293  -0.0040 -0.0081 23  VAL A CG2 
139 N N   . CYS A 24 ? 0.2031 0.0951 0.1085 0.0232  0.0067  -0.0088 24  CYS A N   
140 C CA  . CYS A 24 ? 0.0980 0.1123 0.1479 0.0320  -0.0214 -0.0173 24  CYS A CA  
141 C C   . CYS A 24 ? 0.0975 0.1142 0.1559 0.0382  -0.0240 -0.0065 24  CYS A C   
142 O O   . CYS A 24 ? 0.1096 0.1164 0.1616 0.0473  -0.0100 -0.0190 24  CYS A O   
143 C CB  . CYS A 24 ? 0.0934 0.1210 0.1521 -0.0106 -0.0201 -0.0107 24  CYS A CB  
144 S SG  . CYS A 24 ? 0.1227 0.1098 0.1384 0.0150  -0.0039 -0.0138 24  CYS A SG  
145 N N   . ASN A 25 ? 0.1141 0.1065 0.1690 0.0341  -0.0158 -0.0055 25  ASN A N   
146 C CA  . ASN A 25 ? 0.1266 0.1165 0.1397 0.0148  -0.0188 -0.0219 25  ASN A CA  
147 C C   . ASN A 25 ? 0.1275 0.1219 0.1411 -0.0033 -0.0024 -0.0235 25  ASN A C   
148 O O   . ASN A 25 ? 0.1137 0.1793 0.1410 0.0026  -0.0138 -0.0512 25  ASN A O   
149 C CB  . ASN A 25 ? 0.1460 0.1835 0.1973 0.0068  -0.0222 0.0446  25  ASN A CB  
150 C CG  . ASN A 25 ? 0.1883 0.4555 0.1502 0.0414  -0.0175 0.0530  25  ASN A CG  
151 O OD1 . ASN A 25 ? 0.1669 0.2194 0.1734 -0.0327 0.0021  -0.0137 25  ASN A OD1 
152 N ND2 . ASN A 25 ? 0.2406 0.5731 0.1927 -0.0407 -0.0773 0.0125  25  ASN A ND2 
153 N N   . GLU A 26 ? 0.1208 0.1801 0.1696 0.0136  -0.0010 -0.0591 26  GLU A N   
154 C CA  . GLU A 26 ? 0.1227 0.1674 0.1848 0.0030  -0.0078 -0.0498 26  GLU A CA  
155 C C   . GLU A 26 ? 0.1043 0.1534 0.1682 -0.0276 -0.0018 -0.0072 26  GLU A C   
156 O O   . GLU A 26 ? 0.1521 0.1693 0.1871 0.0224  -0.0231 -0.0488 26  GLU A O   
157 C CB  . GLU A 26 ? 0.1333 0.2655 0.2628 -0.0364 0.0234  -0.1050 26  GLU A CB  
158 C CG  A GLU A 26 ? 0.2470 0.2694 0.2200 -0.0903 0.1168  -0.0291 26  GLU A CG  
159 C CG  B GLU A 26 ? 0.2246 0.0857 0.3252 -0.0363 0.1266  -0.1242 26  GLU A CG  
160 C CD  A GLU A 26 ? 0.1654 0.3972 0.1771 0.0199  0.0017  -0.0291 26  GLU A CD  
161 C CD  B GLU A 26 ? 0.2118 0.2445 0.2000 0.0466  0.0369  -0.1631 26  GLU A CD  
162 O OE1 A GLU A 26 ? 0.1932 0.2144 0.3817 -0.0110 0.0516  0.1084  26  GLU A OE1 
163 O OE1 B GLU A 26 ? 0.2751 0.4055 0.1886 0.1368  -0.0093 -0.1766 26  GLU A OE1 
164 O OE2 A GLU A 26 ? 0.2954 0.2974 0.2706 0.0793  0.0947  0.0460  26  GLU A OE2 
165 O OE2 B GLU A 26 ? 0.1873 0.4596 0.1511 -0.0700 0.0530  -0.0717 26  GLU A OE2 
166 N N   . VAL A 27 ? 0.1913 0.1263 0.1726 0.0170  -0.0264 -0.0200 27  VAL A N   
167 C CA  . VAL A 27 ? 0.1506 0.1215 0.1727 0.0456  -0.0214 -0.0045 27  VAL A CA  
168 C C   . VAL A 27 ? 0.2019 0.1328 0.1363 0.0057  0.0004  -0.0027 27  VAL A C   
169 O O   . VAL A 27 ? 0.1748 0.1149 0.2050 -0.0087 0.0183  0.0023  27  VAL A O   
170 C CB  . VAL A 27 ? 0.1232 0.1629 0.1754 -0.0014 -0.0090 -0.0288 27  VAL A CB  
171 C CG1 . VAL A 27 ? 0.1595 0.1542 0.1798 0.0260  -0.0333 -0.0237 27  VAL A CG1 
172 C CG2 . VAL A 27 ? 0.1528 0.1996 0.2202 -0.0291 0.0011  -0.0405 27  VAL A CG2 
173 N N   . HIS A 28 ? 0.2862 0.1219 0.1268 0.0284  0.0150  -0.0124 28  HIS A N   
174 C CA  . HIS A 28 ? 0.3554 0.1198 0.1397 0.0018  0.0833  -0.0128 28  HIS A CA  
175 C C   . HIS A 28 ? 0.2705 0.1373 0.1645 0.0003  -0.0094 -0.0259 28  HIS A C   
176 O O   . HIS A 28 ? 0.3104 0.1987 0.1799 0.0010  -0.0365 -0.0126 28  HIS A O   
177 C CB  . HIS A 28 ? 0.5951 0.1746 0.1790 -0.0061 0.1755  0.0120  28  HIS A CB  
178 C CG  . HIS A 28 ? 0.4531 0.1965 0.2447 -0.0512 0.2422  -0.0414 28  HIS A CG  
179 N ND1 . HIS A 28 ? 0.4596 0.2336 0.3592 -0.0534 0.1869  -0.1374 28  HIS A ND1 
180 C CD2 . HIS A 28 ? 0.3414 0.2381 0.5256 -0.0388 0.2210  -0.1369 28  HIS A CD2 
181 C CE1 . HIS A 28 ? 0.4639 0.1793 0.3584 -0.0610 0.0632  -0.0947 28  HIS A CE1 
182 N NE2 . HIS A 28 ? 0.3005 0.2740 0.4461 -0.0356 0.1899  -0.1957 28  HIS A NE2 
183 N N   . CYS A 29 ? 0.2261 0.0888 0.1632 -0.0043 0.0003  -0.0188 29  CYS A N   
184 C CA  . CYS A 29 ? 0.1903 0.0784 0.1533 0.0029  -0.0173 0.0105  29  CYS A CA  
185 C C   . CYS A 29 ? 0.1773 0.1033 0.1179 -0.0045 0.0191  -0.0171 29  CYS A C   
186 O O   . CYS A 29 ? 0.1696 0.1422 0.1832 -0.0046 -0.0097 -0.0003 29  CYS A O   
187 C CB  . CYS A 29 ? 0.1664 0.1185 0.1794 0.0022  -0.0101 -0.0028 29  CYS A CB  
188 S SG  . CYS A 29 ? 0.1950 0.1217 0.1592 -0.0094 -0.0153 -0.0032 29  CYS A SG  
189 N N   . ARG A 30 ? 0.1500 0.1080 0.1559 -0.0082 0.0198  -0.0146 30  ARG A N   
190 C CA  . ARG A 30 ? 0.1782 0.1247 0.1676 -0.0269 0.0436  -0.0293 30  ARG A CA  
191 C C   . ARG A 30 ? 0.1420 0.0864 0.1432 -0.0221 0.0238  0.0003  30  ARG A C   
192 O O   . ARG A 30 ? 0.1361 0.1492 0.1706 -0.0023 0.0064  -0.0255 30  ARG A O   
193 C CB  A ARG A 30 ? 0.1886 0.1405 0.1782 -0.0187 0.1135  -0.0228 30  ARG A CB  
194 C CB  B ARG A 30 ? 0.1604 0.1983 0.1626 -0.0590 0.0600  -0.0069 30  ARG A CB  
195 C CG  A ARG A 30 ? 0.2436 0.1052 0.2071 -0.0181 0.0445  -0.0010 30  ARG A CG  
196 C CG  B ARG A 30 ? 0.1515 0.0933 0.1873 0.0085  0.0514  0.0152  30  ARG A CG  
197 C CD  A ARG A 30 ? 0.2079 0.2186 0.4117 -0.0358 -0.0025 0.1828  30  ARG A CD  
198 C CD  B ARG A 30 ? 0.1744 0.0811 0.1468 -0.0131 0.0317  -0.0140 30  ARG A CD  
199 N NE  A ARG A 30 ? 0.2401 0.2458 0.3438 -0.0594 0.0192  0.1292  30  ARG A NE  
200 N NE  B ARG A 30 ? 0.1833 0.2115 0.1928 0.0907  0.0730  0.0180  30  ARG A NE  
201 C CZ  A ARG A 30 ? 0.2487 0.1326 0.2249 -0.0375 0.0024  -0.0492 30  ARG A CZ  
202 C CZ  B ARG A 30 ? 0.2676 0.2052 0.1025 0.1478  -0.0382 -0.0810 30  ARG A CZ  
203 N NH1 A ARG A 30 ? 0.3162 0.1152 0.9050 -0.0850 -0.1131 0.1555  30  ARG A NH1 
204 N NH1 B ARG A 30 ? 0.1343 0.1266 0.1593 0.0413  0.0630  -0.0343 30  ARG A NH1 
205 N NH2 A ARG A 30 ? 0.2564 0.1044 0.3286 -0.0320 0.0011  0.0068  30  ARG A NH2 
206 N NH2 B ARG A 30 ? 0.3145 0.2364 0.1513 0.1486  -0.0179 -0.1346 30  ARG A NH2 
207 N N   . ILE A 31 ? 0.1380 0.0959 0.1391 -0.0037 0.0050  -0.0091 31  ILE A N   
208 C CA  . ILE A 31 ? 0.1424 0.0837 0.1280 -0.0263 0.0149  -0.0002 31  ILE A CA  
209 C C   . ILE A 31 ? 0.1325 0.0937 0.1428 -0.0076 0.0054  0.0083  31  ILE A C   
210 O O   . ILE A 31 ? 0.1533 0.0941 0.1645 -0.0129 -0.0114 0.0005  31  ILE A O   
211 C CB  . ILE A 31 ? 0.1471 0.0935 0.1086 -0.0068 -0.0044 -0.0130 31  ILE A CB  
212 C CG1 . ILE A 31 ? 0.1310 0.0937 0.1373 -0.0057 -0.0109 0.0211  31  ILE A CG1 
213 C CG2 . ILE A 31 ? 0.1496 0.1232 0.1478 -0.0469 -0.0262 0.0340  31  ILE A CG2 
214 C CD1 . ILE A 31 ? 0.1265 0.1460 0.1532 -0.0034 -0.0406 0.0244  31  ILE A CD1 
215 N N   . ARG A 32 ? 0.1593 0.0675 0.1274 0.0128  0.0090  0.0171  32  ARG A N   
216 C CA  . ARG A 32 ? 0.1557 0.0789 0.1158 -0.0233 0.0219  0.0196  32  ARG A CA  
217 C C   . ARG A 32 ? 0.1427 0.0672 0.1168 -0.0065 -0.0031 0.0019  32  ARG A C   
218 O O   . ARG A 32 ? 0.1534 0.0751 0.1769 -0.0014 -0.0013 0.0102  32  ARG A O   
219 C CB  . ARG A 32 ? 0.1476 0.0882 0.1401 -0.0078 0.0070  0.0225  32  ARG A CB  
220 C CG  . ARG A 32 ? 0.1472 0.1488 0.2033 0.0283  0.0175  0.0321  32  ARG A CG  
221 C CD  . ARG A 32 ? 0.1643 0.2330 0.1578 -0.0092 0.0274  0.0225  32  ARG A CD  
222 N NE  . ARG A 32 ? 0.1956 0.2550 0.2979 -0.0572 0.1078  -0.0687 32  ARG A NE  
223 C CZ  . ARG A 32 ? 0.2078 0.1918 0.2686 0.0488  0.0683  -0.0392 32  ARG A CZ  
224 N NH1 . ARG A 32 ? 0.3912 0.4669 0.3435 -0.1491 -0.0677 -0.0132 32  ARG A NH1 
225 N NH2 . ARG A 32 ? 0.2274 0.2758 0.4492 0.0410  0.1625  -0.0920 32  ARG A NH2 
226 N N   . CYS A 33 ? 0.1158 0.0848 0.1519 0.0155  0.0403  0.0107  33  CYS A N   
227 C CA  . CYS A 33 ? 0.0947 0.0984 0.1319 0.0398  0.0114  -0.0009 33  CYS A CA  
228 C C   . CYS A 33 ? 0.1101 0.1030 0.1269 0.0014  0.0078  0.0013  33  CYS A C   
229 O O   . CYS A 33 ? 0.1510 0.0974 0.1374 0.0058  0.0031  0.0157  33  CYS A O   
230 C CB  . CYS A 33 ? 0.1161 0.1931 0.1325 -0.0085 -0.0037 0.0132  33  CYS A CB  
231 S SG  . CYS A 33 ? 0.1278 0.1670 0.1293 0.0094  0.0091  0.0032  33  CYS A SG  
232 N N   . LYS A 34 ? 0.1335 0.1175 0.1204 0.0201  -0.0034 0.0003  34  LYS A N   
233 C CA  . LYS A 34 ? 0.1427 0.1258 0.1188 -0.0137 0.0025  0.0132  34  LYS A CA  
234 C C   . LYS A 34 ? 0.1271 0.1214 0.1463 0.0036  -0.0082 0.0240  34  LYS A C   
235 O O   . LYS A 34 ? 0.1621 0.1428 0.1307 0.0066  -0.0118 0.0318  34  LYS A O   
236 C CB  . LYS A 34 ? 0.3208 0.1379 0.1269 -0.0209 -0.0068 -0.0238 34  LYS A CB  
237 C CG  . LYS A 34 ? 0.7768 0.3505 0.1877 0.0271  0.1800  -0.0767 34  LYS A CG  
238 C CD  . LYS A 34 ? 0.7048 0.5298 0.2584 0.1743  0.0784  -0.1670 34  LYS A CD  
239 C CE  . LYS A 34 ? 1.0298 0.3022 0.4160 -0.0075 0.0156  0.0881  34  LYS A CE  
240 N NZ  . LYS A 34 ? 0.3149 0.7578 1.3938 -0.0027 -0.0128 0.1527  34  LYS A NZ  
241 N N   . TYR A 35 ? 0.1353 0.1009 0.1111 0.0074  0.0026  0.0029  35  TYR A N   
242 C CA  . TYR A 35 ? 0.1396 0.0883 0.1686 0.0116  0.0062  0.0138  35  TYR A CA  
243 C C   . TYR A 35 ? 0.1499 0.1126 0.1681 -0.0230 0.0047  0.0014  35  TYR A C   
244 O O   . TYR A 35 ? 0.1442 0.1074 0.1675 -0.0134 0.0084  0.0131  35  TYR A O   
245 C CB  . TYR A 35 ? 0.1585 0.1258 0.1717 0.0255  0.0323  0.0635  35  TYR A CB  
246 C CG  . TYR A 35 ? 0.2360 0.1810 0.1616 0.0191  0.0892  0.0439  35  TYR A CG  
247 C CD1 . TYR A 35 ? 0.3683 0.2182 0.2029 0.0735  0.0100  -0.0088 35  TYR A CD1 
248 C CD2 . TYR A 35 ? 0.2969 0.1988 0.1744 0.0663  0.0671  -0.0041 35  TYR A CD2 
249 C CE1 . TYR A 35 ? 0.4125 0.3347 0.2341 0.0993  0.0306  -0.0771 35  TYR A CE1 
250 C CE2 . TYR A 35 ? 0.5072 0.2145 0.2407 0.0656  0.0400  -0.0433 35  TYR A CE2 
251 C CZ  . TYR A 35 ? 0.3780 0.2741 0.2446 0.0538  0.0493  -0.1107 35  TYR A CZ  
252 O OH  . TYR A 35 ? 0.4414 0.3557 0.3853 0.0297  -0.0012 -0.2348 35  TYR A OH  
253 N N   . GLY A 36 ? 0.1233 0.1045 0.1651 -0.0058 -0.0061 -0.0099 36  GLY A N   
254 C CA  . GLY A 36 ? 0.0992 0.0981 0.1763 -0.0038 -0.0134 -0.0149 36  GLY A CA  
255 C C   . GLY A 36 ? 0.1224 0.0942 0.1718 0.0045  -0.0193 -0.0069 36  GLY A C   
256 O O   . GLY A 36 ? 0.1320 0.0998 0.1381 0.0128  0.0033  0.0020  36  GLY A O   
257 N N   . LEU A 37 ? 0.1391 0.0870 0.1758 0.0081  -0.0266 -0.0096 37  LEU A N   
258 C CA  . LEU A 37 ? 0.1194 0.1145 0.1566 0.0120  -0.0084 -0.0120 37  LEU A CA  
259 C C   . LEU A 37 ? 0.1243 0.1063 0.1705 0.0132  0.0073  -0.0204 37  LEU A C   
260 O O   . LEU A 37 ? 0.1422 0.1289 0.1877 -0.0184 -0.0075 -0.0139 37  LEU A O   
261 C CB  . LEU A 37 ? 0.1180 0.1276 0.1677 0.0010  0.0051  -0.0175 37  LEU A CB  
262 C CG  . LEU A 37 ? 0.1036 0.1141 0.1696 -0.0033 -0.0117 -0.0150 37  LEU A CG  
263 C CD1 . LEU A 37 ? 0.1050 0.0994 0.1891 -0.0013 0.0017  -0.0117 37  LEU A CD1 
264 C CD2 . LEU A 37 ? 0.1275 0.1048 0.1726 0.0005  -0.0060 -0.0307 37  LEU A CD2 
265 N N   . LYS A 38 ? 0.1146 0.1072 0.2296 0.0088  -0.0024 -0.0151 38  LYS A N   
266 C CA  . LYS A 38 ? 0.1153 0.1511 0.1696 0.0120  0.0311  -0.0487 38  LYS A CA  
267 C C   . LYS A 38 ? 0.1022 0.1717 0.1589 -0.0030 0.0162  -0.0490 38  LYS A C   
268 O O   . LYS A 38 ? 0.1689 0.1826 0.2018 -0.0684 0.0756  -0.0910 38  LYS A O   
269 C CB  . LYS A 38 ? 0.1382 0.1983 0.2290 0.0460  -0.0275 -0.0570 38  LYS A CB  
270 C CG  . LYS A 38 ? 0.1538 0.2714 0.2970 0.0648  0.0341  0.0392  38  LYS A CG  
271 C CD  . LYS A 38 ? 0.1452 0.2518 0.3441 0.0750  0.0488  0.0065  38  LYS A CD  
272 C CE  . LYS A 38 ? 0.3618 0.3438 0.3937 0.1446  0.0275  -0.0715 38  LYS A CE  
273 N NZ  . LYS A 38 ? 0.3237 0.4887 1.3613 0.3006  -0.4730 -0.4897 38  LYS A NZ  
274 N N   . LYS A 39 ? 0.1077 0.1765 0.1474 -0.0136 0.0229  -0.0660 39  LYS A N   
275 C CA  . LYS A 39 ? 0.1322 0.1659 0.1253 -0.0081 0.0181  -0.0532 39  LYS A CA  
276 C C   . LYS A 39 ? 0.1170 0.1787 0.1276 -0.0211 0.0274  -0.0460 39  LYS A C   
277 O O   . LYS A 39 ? 0.1188 0.2182 0.1591 -0.0397 0.0494  -0.0852 39  LYS A O   
278 C CB  . LYS A 39 ? 0.1344 0.1895 0.1304 -0.0193 0.0184  -0.0365 39  LYS A CB  
279 C CG  . LYS A 39 ? 0.1423 0.1881 0.1518 -0.0067 0.0209  -0.0233 39  LYS A CG  
280 C CD  . LYS A 39 ? 0.1865 0.1821 0.1613 -0.0124 0.0117  -0.0146 39  LYS A CD  
281 C CE  . LYS A 39 ? 0.2630 0.2361 0.1982 0.0682  -0.0233 -0.0527 39  LYS A CE  
282 N NZ  . LYS A 39 ? 0.2802 0.1875 0.2087 0.0082  0.0225  -0.0347 39  LYS A NZ  
283 N N   . ASP A 40 ? 0.1009 0.1216 0.1245 -0.0112 0.0300  -0.0272 40  ASP A N   
284 C CA  . ASP A 40 ? 0.1041 0.1247 0.1348 -0.0028 0.0169  -0.0290 40  ASP A CA  
285 C C   . ASP A 40 ? 0.0928 0.1357 0.1087 -0.0091 0.0109  -0.0241 40  ASP A C   
286 O O   . ASP A 40 ? 0.1108 0.1465 0.1432 0.0066  -0.0041 -0.0145 40  ASP A O   
287 C CB  . ASP A 40 ? 0.1256 0.1051 0.1311 0.0186  0.0227  -0.0117 40  ASP A CB  
288 C CG  . ASP A 40 ? 0.0907 0.0980 0.1256 0.0038  -0.0098 -0.0253 40  ASP A CG  
289 O OD1 . ASP A 40 ? 0.1075 0.0949 0.1609 0.0152  0.0015  -0.0091 40  ASP A OD1 
290 O OD2 . ASP A 40 ? 0.1250 0.1357 0.1188 0.0028  0.0015  -0.0374 40  ASP A OD2 
291 N N   . GLU A 41 ? 0.0959 0.1307 0.1406 -0.0070 0.0069  -0.0105 41  GLU A N   
292 C CA  . GLU A 41 ? 0.1041 0.1425 0.1367 -0.0183 0.0029  -0.0040 41  GLU A CA  
293 C C   . GLU A 41 ? 0.1678 0.1421 0.1388 0.0064  0.0204  0.0239  41  GLU A C   
294 O O   . GLU A 41 ? 0.1964 0.1451 0.1965 -0.0145 0.0450  0.0159  41  GLU A O   
295 C CB  . GLU A 41 ? 0.0992 0.2028 0.1541 -0.0184 0.0120  0.0130  41  GLU A CB  
296 C CG  . GLU A 41 ? 0.1150 0.2342 0.1306 0.0181  0.0168  0.0057  41  GLU A CG  
297 C CD  . GLU A 41 ? 0.1008 0.2223 0.1258 0.0370  0.0054  -0.0015 41  GLU A CD  
298 O OE1 . GLU A 41 ? 0.1295 0.1919 0.1200 0.0252  0.0047  -0.0030 41  GLU A OE1 
299 O OE2 . GLU A 41 ? 0.1189 0.2335 0.1596 0.0512  0.0350  0.0027  41  GLU A OE2 
300 N N   . ASN A 42 ? 0.1516 0.1471 0.1331 0.0051  0.0085  0.0030  42  ASN A N   
301 C CA  . ASN A 42 ? 0.1616 0.1065 0.1693 -0.0269 0.0294  0.0176  42  ASN A CA  
302 C C   . ASN A 42 ? 0.1587 0.1325 0.1929 0.0145  0.0213  -0.0174 42  ASN A C   
303 O O   . ASN A 42 ? 0.2537 0.1344 0.2642 0.0596  -0.0077 -0.0137 42  ASN A O   
304 C CB  . ASN A 42 ? 0.1562 0.1720 0.1907 0.0109  0.0269  -0.0239 42  ASN A CB  
305 C CG  . ASN A 42 ? 0.2020 0.1306 0.2132 -0.0619 0.0065  -0.0266 42  ASN A CG  
306 O OD1 . ASN A 42 ? 0.3690 0.3165 0.3476 -0.2174 -0.0368 0.0993  42  ASN A OD1 
307 N ND2 . ASN A 42 ? 0.1104 0.1360 0.1954 -0.0428 0.0205  -0.0453 42  ASN A ND2 
308 N N   . GLY A 43 ? 0.1388 0.1360 0.1201 0.0238  0.0195  -0.0096 43  GLY A N   
309 C CA  . GLY A 43 ? 0.1447 0.1299 0.1293 0.0374  0.0060  0.0038  43  GLY A CA  
310 C C   . GLY A 43 ? 0.1320 0.1006 0.1146 0.0247  -0.0077 -0.0293 43  GLY A C   
311 O O   . GLY A 43 ? 0.1340 0.1390 0.1262 0.0269  -0.0246 -0.0040 43  GLY A O   
312 N N   . CYS A 44 ? 0.1020 0.1261 0.1201 -0.0003 -0.0086 -0.0182 44  CYS A N   
313 C CA  . CYS A 44 ? 0.0919 0.1168 0.1344 0.0076  0.0037  -0.0240 44  CYS A CA  
314 C C   . CYS A 44 ? 0.0971 0.1192 0.1301 0.0084  0.0277  -0.0272 44  CYS A C   
315 O O   . CYS A 44 ? 0.1008 0.1087 0.1465 0.0182  0.0222  -0.0123 44  CYS A O   
316 C CB  . CYS A 44 ? 0.1080 0.0996 0.1323 -0.0027 -0.0068 -0.0004 44  CYS A CB  
317 S SG  . CYS A 44 ? 0.1151 0.1094 0.1393 0.0055  -0.0123 -0.0115 44  CYS A SG  
318 N N   . GLU A 45 ? 0.1103 0.1266 0.2620 -0.0098 0.0579  -0.0979 45  GLU A N   
319 C CA  . GLU A 45 ? 0.1248 0.1161 0.2696 -0.0079 0.0472  -0.0685 45  GLU A CA  
320 C C   . GLU A 45 ? 0.1249 0.1241 0.2590 0.0090  -0.0345 -0.0596 45  GLU A C   
321 O O   . GLU A 45 ? 0.1454 0.1651 0.2461 0.0302  -0.0127 0.0209  45  GLU A O   
322 C CB  A GLU A 45 ? 0.1908 0.1280 0.1976 -0.0594 0.0103  -0.0215 45  GLU A CB  
323 C CB  B GLU A 45 ? 0.1664 0.0245 0.2055 -0.0445 0.0449  0.0074  45  GLU A CB  
324 C CG  A GLU A 45 ? 0.2572 0.0981 0.1493 -0.0818 0.0675  -0.0825 45  GLU A CG  
325 C CG  B GLU A 45 ? 0.1899 0.1239 0.2337 0.0655  0.0795  0.0742  45  GLU A CG  
326 C CD  A GLU A 45 ? 0.1813 0.1459 0.1812 0.0232  -0.0550 -0.0409 45  GLU A CD  
327 C CD  B GLU A 45 ? 0.0920 0.0384 0.1893 -0.0381 0.0257  -0.0322 45  GLU A CD  
328 O OE1 A GLU A 45 ? 0.0723 0.1456 0.3096 0.0486  -0.0415 -0.1189 45  GLU A OE1 
329 O OE1 B GLU A 45 ? 0.0936 0.0990 0.0956 -0.0301 -0.0062 -0.0371 45  GLU A OE1 
330 O OE2 A GLU A 45 ? 0.2403 0.2859 0.2595 0.0060  -0.0730 0.0670  45  GLU A OE2 
331 O OE2 B GLU A 45 ? 0.0850 0.1757 0.2101 0.0065  0.0317  -0.1057 45  GLU A OE2 
332 N N   . TYR A 46 ? 0.1880 0.1454 0.4910 -0.0267 -0.1630 -0.0080 46  TYR A N   
333 C CA  . TYR A 46 ? 0.1878 0.1612 0.4358 0.0430  -0.2054 -0.0707 46  TYR A CA  
334 C C   . TYR A 46 ? 0.1551 0.1852 0.7561 -0.0006 -0.1922 0.0934  46  TYR A C   
335 O O   . TYR A 46 ? 0.1677 0.1903 1.7294 -0.0943 -0.2943 0.2646  46  TYR A O   
336 C CB  . TYR A 46 ? 0.5844 0.1052 0.5054 0.0532  -0.2638 -0.1174 46  TYR A CB  
337 C CG  . TYR A 46 ? 0.5651 0.1402 0.4514 0.1243  -0.2391 -0.1633 46  TYR A CG  
338 C CD1 . TYR A 46 ? 0.4832 0.2669 0.3602 0.1825  -0.2320 -0.1202 46  TYR A CD1 
339 C CD2 . TYR A 46 ? 0.5605 0.1927 0.4734 0.0922  -0.2409 -0.1489 46  TYR A CD2 
340 C CE1 . TYR A 46 ? 0.4240 0.5718 0.3130 0.2209  -0.1966 -0.0897 46  TYR A CE1 
341 C CE2 . TYR A 46 ? 0.5839 0.1598 0.5172 0.0956  -0.2938 -0.1323 46  TYR A CE2 
342 C CZ  . TYR A 46 ? 0.4362 0.4911 0.4115 0.1934  -0.2355 -0.0315 46  TYR A CZ  
343 O OH  . TYR A 46 ? 0.5501 0.4553 0.3824 0.2024  -0.2752 -0.0663 46  TYR A OH  
344 N N   . PRO A 47 ? 0.1369 0.1499 0.5044 0.0041  -0.1452 0.0037  47  PRO A N   
345 C CA  . PRO A 47 ? 0.1377 0.1393 0.3336 0.0211  -0.0514 -0.0775 47  PRO A CA  
346 C C   . PRO A 47 ? 0.1657 0.1298 0.2852 -0.0108 -0.0324 -0.0340 47  PRO A C   
347 O O   . PRO A 47 ? 0.1650 0.1587 0.3300 -0.0118 0.0039  -0.0053 47  PRO A O   
348 C CB  . PRO A 47 ? 0.2227 0.1521 0.4060 0.0073  -0.1148 -0.0120 47  PRO A CB  
349 C CG  . PRO A 47 ? 0.2015 0.1217 0.5987 0.0166  -0.1438 0.0111  47  PRO A CG  
350 C CD  . PRO A 47 ? 0.1426 0.1681 0.5002 0.0395  -0.1044 0.0013  47  PRO A CD  
351 N N   . CYS A 48 ? 0.1591 0.1444 0.2042 -0.0049 -0.0310 -0.0175 48  CYS A N   
352 C CA  . CYS A 48 ? 0.1691 0.1195 0.1664 -0.0192 -0.0097 -0.0005 48  CYS A CA  
353 C C   . CYS A 48 ? 0.1590 0.1081 0.2192 -0.0205 -0.0125 -0.0162 48  CYS A C   
354 O O   . CYS A 48 ? 0.2254 0.1353 0.1896 0.0218  -0.0377 -0.0107 48  CYS A O   
355 C CB  . CYS A 48 ? 0.1662 0.1148 0.1913 -0.0259 -0.0071 -0.0170 48  CYS A CB  
356 S SG  . CYS A 48 ? 0.1737 0.1203 0.1660 -0.0053 -0.0118 0.0009  48  CYS A SG  
357 N N   . SER A 49 ? 0.1668 0.0811 0.2296 -0.0048 0.0121  -0.0210 49  SER A N   
358 C CA  . SER A 49 ? 0.1539 0.0814 0.2229 -0.0046 -0.0346 -0.0347 49  SER A CA  
359 C C   . SER A 49 ? 0.1168 0.1051 0.2264 -0.0235 -0.0359 -0.0203 49  SER A C   
360 O O   . SER A 49 ? 0.1262 0.1054 0.2596 -0.0163 -0.0345 -0.0098 49  SER A O   
361 C CB  . SER A 49 ? 0.1539 0.2327 0.2030 0.0559  -0.0398 -0.0389 49  SER A CB  
362 O OG  . SER A 49 ? 0.3055 0.9178 1.0392 0.1577  0.0131  -0.7302 49  SER A OG  
363 N N   . CYS A 50 ? 0.1606 0.1119 0.2082 0.0183  -0.0375 -0.0197 50  CYS A N   
364 C CA  . CYS A 50 ? 0.1245 0.1119 0.1886 0.0202  0.0209  -0.0095 50  CYS A CA  
365 C C   . CYS A 50 ? 0.1190 0.1166 0.3061 0.0289  0.0452  0.0241  50  CYS A C   
366 O O   . CYS A 50 ? 0.1247 0.1615 0.3362 0.0425  0.0416  0.0408  50  CYS A O   
367 C CB  . CYS A 50 ? 0.1324 0.1376 0.1517 0.0112  0.0108  -0.0108 50  CYS A CB  
368 S SG  . CYS A 50 ? 0.1619 0.1283 0.1577 -0.0110 0.0165  0.0025  50  CYS A SG  
369 N N   . ALA A 51 ? 0.1038 0.1287 0.2160 0.0056  0.0036  -0.0035 51  ALA A N   
370 C CA  . ALA A 51 ? 0.0921 0.1775 0.1902 0.0097  -0.0132 0.0039  51  ALA A CA  
371 C C   . ALA A 51 ? 0.1339 0.1654 0.2972 0.0232  0.0591  -0.0184 51  ALA A C   
372 O O   . ALA A 51 ? 0.1599 0.1712 0.2384 0.0151  0.0642  -0.0359 51  ALA A O   
373 C CB  . ALA A 51 ? 0.1406 0.1386 0.2129 -0.0069 0.0099  -0.0051 51  ALA A CB  
374 N N   . LYS A 52 ? 0.1637 0.2572 0.4385 0.0039  0.1255  -0.0583 52  LYS A N   
375 C CA  . LYS A 52 ? 0.2358 0.3068 0.5536 -0.0178 0.2246  -0.1227 52  LYS A CA  
376 C C   . LYS A 52 ? 0.4403 0.3916 0.4902 -0.0983 0.1686  -0.2024 52  LYS A C   
377 O O   . LYS A 52 ? 0.3975 0.5217 0.6757 -0.0062 0.1773  -0.3760 52  LYS A O   
378 C CB  . LYS A 52 ? 0.2337 0.4991 0.7105 -0.0269 0.2741  -0.2048 52  LYS A CB  
379 C CG  . LYS A 52 ? 0.1782 0.6827 0.7581 -0.1410 0.1448  -0.3150 52  LYS A CG  
380 C CD  . LYS A 52 ? 0.1860 0.4317 1.0811 -0.1232 0.1547  -0.2322 52  LYS A CD  
381 C CE  . LYS A 52 ? 0.1821 1.0285 0.9420 -0.0766 0.0072  0.0202  52  LYS A CE  
382 N NZ  . LYS A 52 ? 0.4619 0.6282 0.9359 0.2369  0.1142  -0.1267 52  LYS A NZ  
383 N N   . ALA A 53 ? 0.3633 0.4086 0.3597 -0.1736 0.1186  -0.1292 53  ALA A N   
384 C CA  . ALA A 53 ? 0.1536 0.9272 0.5739 -0.1877 -0.0074 0.0974  53  ALA A CA  
385 C C   . ALA A 53 ? 0.8718 1.0011 0.6295 -0.1562 0.5831  0.1116  53  ALA A C   
386 O O   . ALA A 53 ? 0.8263 1.2333 0.4386 -0.7834 0.3117  -0.3209 53  ALA A O   
387 C CB  . ALA A 53 ? 0.2948 1.6126 0.5470 -0.0653 -0.1170 -0.2081 53  ALA A CB  
388 S S   . SO4 B .  ? 0.2968 0.2757 0.2186 0.0115  0.0413  -0.0720 100 SO4 A S   
389 O O1  . SO4 B .  ? 0.5720 0.3244 0.2713 -0.1412 -0.0893 -0.0759 100 SO4 A O1  
390 O O2  . SO4 B .  ? 0.3071 0.4128 0.2541 -0.1307 0.0658  -0.1083 100 SO4 A O2  
391 O O3  . SO4 B .  ? 0.2287 0.4113 0.5147 -0.0639 0.0741  -0.2178 100 SO4 A O3  
392 O O4  . SO4 B .  ? 0.4905 0.2798 0.1778 0.0456  -0.0403 -0.0618 100 SO4 A O4  
393 S S   . SO4 C .  ? 1.0372 0.1861 0.3525 0.1331  -0.3021 -0.0596 101 SO4 A S   
394 O O1  . SO4 C .  ? 0.5640 0.4938 0.3665 0.1438  -0.1813 -0.1912 101 SO4 A O1  
395 O O2  . SO4 C .  ? 0.7205 0.3509 0.3622 0.0494  -0.4272 -0.1614 101 SO4 A O2  
396 O O3  . SO4 C .  ? 0.7787 0.8494 0.3255 0.1898  -0.3165 -0.1052 101 SO4 A O3  
397 O O4  . SO4 C .  ? 1.4346 0.2180 0.4526 0.2590  0.0587  0.1013  101 SO4 A O4  
398 O O   . HOH D .  ? 0.1181 0.1321 0.1347 -0.0014 -0.0052 -0.0089 102 HOH A O   
399 O O   . HOH D .  ? 0.1616 0.0899 0.1351 0.0004  0.0168  0.0090  103 HOH A O   
400 O O   . HOH D .  ? 0.1135 0.1562 0.1491 0.0074  -0.0151 -0.0283 104 HOH A O   
401 O O   . HOH D .  ? 0.1586 0.1581 0.1795 0.0063  -0.0338 0.0064  105 HOH A O   
402 O O   . HOH D .  ? 0.1466 0.1332 0.1643 0.0213  0.0289  -0.0038 106 HOH A O   
403 O O   . HOH D .  ? 0.1298 0.2164 0.1905 0.0456  -0.0246 0.0063  107 HOH A O   
404 O O   . HOH D .  ? 0.1828 0.1064 0.2501 0.0023  0.0399  -0.0398 108 HOH A O   
405 O O   . HOH D .  ? 0.3201 0.1048 0.1598 -0.0743 -0.0055 0.0065  109 HOH A O   
406 O O   . HOH D .  ? 0.2363 0.1838 0.1544 0.0199  -0.0357 -0.0320 110 HOH A O   
407 O O   . HOH D .  ? 0.2505 0.2849 0.2103 -0.0758 -0.0233 -0.0108 111 HOH A O   
408 O O   . HOH D .  ? 0.3136 0.2515 0.1895 0.0151  0.0526  -0.0520 112 HOH A O   
409 O O   . HOH D .  ? 0.2779 0.2841 0.2409 0.0457  -0.0325 -0.0627 113 HOH A O   
410 O O   . HOH D .  ? 0.1476 0.2388 0.2812 0.0007  0.0016  -0.0107 114 HOH A O   
411 O O   . HOH D .  ? 0.2010 0.2380 0.4438 0.0170  0.0143  -0.0826 115 HOH A O   
412 O O   . HOH D .  ? 0.2335 0.1896 0.2630 -0.0176 -0.0584 0.0197  116 HOH A O   
413 O O   . HOH D .  ? 0.3271 0.2507 0.2028 -0.0359 -0.0733 -0.0281 117 HOH A O   
414 O O   . HOH D .  ? 0.3472 0.3328 0.1516 0.0196  -0.0248 0.0111  118 HOH A O   
415 O O   . HOH D .  ? 0.2766 0.2272 0.3302 -0.0354 0.0524  0.0389  119 HOH A O   
416 O O   . HOH D .  ? 0.2408 0.2988 0.3460 0.0451  0.0482  -0.0798 120 HOH A O   
417 O O   . HOH D .  ? 0.2334 0.2786 0.3214 0.0219  -0.0208 -0.0451 121 HOH A O   
418 O O   . HOH D .  ? 0.4050 0.2816 0.5664 0.0400  0.0484  -0.0740 122 HOH A O   
419 O O   . HOH D .  ? 0.4256 0.3783 0.2775 0.0854  -0.0376 -0.0196 123 HOH A O   
420 O O   . HOH D .  ? 0.4234 0.4165 0.1597 0.1338  0.0378  0.0603  124 HOH A O   
421 O O   . HOH D .  ? 0.3214 1.1726 0.8847 -0.0542 -0.0664 -0.0442 125 HOH A O   
422 O O   . HOH D .  ? 0.3431 0.4572 0.2826 0.0319  -0.0547 -0.0352 126 HOH A O   
423 O O   . HOH D .  ? 0.2173 0.3545 0.8177 0.0792  -0.1169 -0.3158 127 HOH A O   
424 O O   . HOH D .  ? 0.5384 0.4909 0.3114 0.0092  0.2281  0.0141  128 HOH A O   
425 O O   . HOH D .  ? 0.4166 0.4896 0.3236 0.3203  0.0752  0.1838  129 HOH A O   
426 O O   . HOH D .  ? 0.4017 0.2721 0.4075 0.0210  -0.0717 -0.0247 130 HOH A O   
427 O O   . HOH D .  ? 0.5643 0.4585 0.3984 -0.1364 0.0968  -0.0329 131 HOH A O   
428 O O   . HOH D .  ? 0.2159 0.5575 0.3536 -0.0451 0.0495  0.0914  132 HOH A O   
429 O O   . HOH D .  ? 0.4709 0.4604 0.2671 0.0002  0.0463  -0.0899 133 HOH A O   
430 O O   . HOH D .  ? 0.5972 0.5762 0.4492 0.1382  0.1166  0.0738  134 HOH A O   
431 O O   . HOH D .  ? 0.6187 0.4395 0.5872 -0.2004 0.2337  0.0753  135 HOH A O   
432 O O   . HOH D .  ? 0.6221 0.3526 0.6752 -0.1438 0.1787  -0.2154 136 HOH A O   
433 O O   . HOH D .  ? 0.3376 0.5546 0.4446 0.0526  0.0318  0.0707  137 HOH A O   
434 O O   . HOH D .  ? 0.6916 0.3027 0.5314 0.0016  -0.0740 -0.1266 138 HOH A O   
435 O O   . HOH D .  ? 0.2247 0.6186 0.5661 0.1013  0.0194  0.0323  139 HOH A O   
436 O O   . HOH D .  ? 0.3594 0.3821 0.1825 0.1288  0.0162  0.0735  140 HOH A O   
437 O O   . HOH D .  ? 0.3345 0.5745 0.3344 0.0697  -0.0215 -0.0565 141 HOH A O   
438 O O   . HOH D .  ? 0.3867 0.5041 0.3709 0.1719  -0.0978 -0.1616 142 HOH A O   
439 O O   . HOH D .  ? 0.3412 0.3130 0.3292 0.0519  -0.0018 -0.1283 143 HOH A O   
440 O O   . HOH D .  ? 0.6215 0.2521 0.3378 0.0225  -0.1077 -0.0779 144 HOH A O   
441 O O   . HOH D .  ? 0.3123 0.5684 0.3592 0.0163  0.1145  0.0522  145 HOH A O   
442 O O   . HOH D .  ? 0.2277 0.5646 0.4172 0.0267  -0.0772 0.0226  146 HOH A O   
443 O O   . HOH D .  ? 0.2828 0.2929 0.2804 0.0700  -0.0084 -0.0567 147 HOH A O   
444 O O   . HOH D .  ? 0.3782 0.3892 0.2640 -0.0332 0.0348  -0.0497 148 HOH A O   
445 O O   . HOH D .  ? 0.3312 0.4394 0.5600 0.0615  -0.0929 -0.2164 149 HOH A O   
446 O O   . HOH D .  ? 0.5162 0.2412 0.3687 0.0346  0.1228  -0.1375 150 HOH A O   
447 O O   . HOH D .  ? 0.8449 0.4582 0.1604 -0.1896 -0.0178 -0.1050 151 HOH A O   
448 O O   . HOH D .  ? 0.3426 0.1385 0.3190 -0.0406 -0.1588 0.0747  152 HOH A O   
449 O O   . HOH D .  ? 0.2663 0.7410 0.1644 -0.1058 0.0707  0.1876  153 HOH A O   
# 
